data_6SGZ
#
_entry.id   6SGZ
#
_cell.length_a   1.00
_cell.length_b   1.00
_cell.length_c   1.00
_cell.angle_alpha   90.00
_cell.angle_beta   90.00
_cell.angle_gamma   90.00
#
_symmetry.space_group_name_H-M   'P 1'
#
loop_
_entity.id
_entity.type
_entity.pdbx_description
1 polymer 'ESX-3 secretion system protein EccD3'
2 polymer 'ESX-3 secretion system ATPase EccB3'
3 polymer 'ESX-3 secretion system protein EccC3'
4 polymer 'ESX-3 secretion system protein EccE3'
#
loop_
_entity_poly.entity_id
_entity_poly.type
_entity_poly.pdbx_seq_one_letter_code
_entity_poly.pdbx_strand_id
1 'polypeptide(L)'
;VMPIVRVAVLAAGDDGGRLTEMALPSELPLREILPAVQRIVQPARENDGAADPAAAPNPVRLSLAPIGGAPFSLDATLDT
VGVVDGDLLALQAVPSGPPAPRIVEDIADAAVIFSEARRRQWGPTHIARGAALALIGLILVGTGLSVAHRVITGDLLGQF
IVSGIALATVIAALAVRNRSAVLATSLAVTALVPVAAAFALGVPGDFGAPNVLLAAAGVAAWSLISMAGSPDDRGIAVFT
ATAVTGVGVLLVAGAASLWVISSDVIGCALVLLGLIVTVQAAQLSAMWARFPLPVIPAPGDPTPAARPLSVLADLPRRVR
VSQAHQTGVIAAGVLLGVAGSVALVSSANASPWAWYIVVAAAAGAALRARVWDSAACKAWLLGHSYLLAVALLVAFVIGD
RYQAALWALAALAVLVLVWIVAALNPKIASPDTYSLPMRRMVGFLATGLDASLIPVMALLVGLFSLV
;
E,H
2 'polypeptide(L)' VTRHQVSGWRFVMRRIASGVALHDTRMLVDPLRTQSRAVLTGALILVTGLVGCFIFSLF I
3 'polypeptide(L)'
;MSRLIFEHQRRLTPPTTRKGTITIEPPPQLPMRTEEVDAERADYLRYLSVVRDNVRAHAAEQRAALEWSHPEPEVLATIP
GTRRQWERDPRDRDFLVLRAGRHDVPLDAALKVKDTADEIDLEPVAHSALRGLLDVQRTVRDAPTGLDVAKLARITVIGE
ADEARAAIRAWIAQAVTWHDPTMLGVALAAPDLESGDWSWLKWLPHVDVPNEADGVGPARYLTTSTAELRERLAPALADR
PLFPAESGAALKHLLVVLDDPDADPDDIARKPGLTGVTVIHRTTELPNREQYPDPERPILRVADGRIERWQVGGWQPCVD
VADAMSAAEAAHIARRLSRWDSN
;
J
4 'polypeptide(L)'
;TARIALASLFVVAAVLAQPWQTTTQRWVLGVSIAAVIVLLAWWKGMFLTTRIGRALAMVRRNRAEDTVETDAHRATVVLR
VDPAAPAQLPVVVGYLDRYGITCDKVRITHRDAGGTRRSWISLTVDAVDNLAALQARSARIPLQDTTEVVGRRLADHLRE
QGWTVTVVEGVDTPLPVSGKETWRGVADDAGVVAAYRVKVDDRLDEVLAEIGHLPAEETWTALEFTGSPAEPLLTVCAAV
RTSDRPAAKAPLAGLTPARGRHRPALAALNPLSTERLDGTAVPLPA
;
D
#
# COMPACT_ATOMS: atom_id res chain seq x y z
N VAL A 1 -12.14 13.47 -41.37
CA VAL A 1 -12.84 13.26 -40.11
C VAL A 1 -12.02 13.80 -38.95
N MET A 2 -12.22 13.22 -37.77
CA MET A 2 -11.54 13.66 -36.56
C MET A 2 -11.33 12.51 -35.59
N PRO A 3 -10.12 12.33 -35.08
CA PRO A 3 -9.85 11.21 -34.16
C PRO A 3 -10.62 11.38 -32.85
N ILE A 4 -11.43 10.37 -32.52
CA ILE A 4 -12.17 10.32 -31.28
C ILE A 4 -11.87 8.99 -30.60
N VAL A 5 -12.13 8.94 -29.30
CA VAL A 5 -11.90 7.72 -28.52
C VAL A 5 -13.13 7.47 -27.66
N ARG A 6 -13.57 6.22 -27.63
CA ARG A 6 -14.71 5.82 -26.82
C ARG A 6 -14.21 5.29 -25.48
N VAL A 7 -14.52 6.00 -24.40
CA VAL A 7 -14.07 5.59 -23.08
C VAL A 7 -15.29 5.41 -22.18
N ALA A 8 -15.05 5.04 -20.93
CA ALA A 8 -16.12 4.88 -19.95
C ALA A 8 -15.64 5.47 -18.63
N VAL A 9 -16.37 6.44 -18.13
CA VAL A 9 -15.96 7.16 -16.93
C VAL A 9 -16.84 6.74 -15.76
N LEU A 10 -16.26 6.84 -14.57
CA LEU A 10 -16.85 6.35 -13.33
C LEU A 10 -16.70 7.43 -12.27
N ALA A 11 -17.81 7.88 -11.71
CA ALA A 11 -17.81 8.89 -10.66
C ALA A 11 -18.76 8.47 -9.56
N ALA A 12 -18.22 8.20 -8.37
CA ALA A 12 -18.99 7.78 -7.21
C ALA A 12 -18.55 8.61 -6.01
N GLY A 13 -19.18 9.77 -5.82
CA GLY A 13 -18.78 10.66 -4.75
C GLY A 13 -19.80 10.92 -3.67
N ASP A 14 -21.09 10.90 -4.02
CA ASP A 14 -22.15 11.27 -3.08
C ASP A 14 -23.03 10.07 -2.70
N ASP A 15 -23.61 9.40 -3.69
CA ASP A 15 -24.49 8.27 -3.41
C ASP A 15 -24.39 7.26 -4.55
N GLY A 16 -24.12 6.01 -4.20
CA GLY A 16 -23.94 4.98 -5.20
C GLY A 16 -22.80 5.32 -6.13
N GLY A 17 -23.14 5.69 -7.36
CA GLY A 17 -22.14 6.06 -8.34
C GLY A 17 -22.74 6.03 -9.72
N ARG A 18 -21.94 6.47 -10.69
CA ARG A 18 -22.36 6.51 -12.08
C ARG A 18 -21.20 6.08 -12.95
N LEU A 19 -21.37 4.96 -13.65
CA LEU A 19 -20.42 4.50 -14.65
C LEU A 19 -21.10 4.50 -16.00
N THR A 20 -20.50 5.16 -16.98
CA THR A 20 -21.14 5.24 -18.29
C THR A 20 -20.08 5.48 -19.35
N GLU A 21 -20.39 5.02 -20.56
CA GLU A 21 -19.50 5.23 -21.69
C GLU A 21 -19.78 6.57 -22.35
N MET A 22 -18.87 6.97 -23.23
CA MET A 22 -19.00 8.22 -23.98
C MET A 22 -17.90 8.25 -25.02
N ALA A 23 -18.00 9.23 -25.92
CA ALA A 23 -17.01 9.47 -26.95
C ALA A 23 -16.40 10.83 -26.70
N LEU A 24 -15.07 10.87 -26.59
CA LEU A 24 -14.37 12.11 -26.35
C LEU A 24 -13.41 12.42 -27.48
N PRO A 25 -13.30 13.69 -27.89
CA PRO A 25 -12.40 14.04 -28.99
C PRO A 25 -10.95 14.03 -28.51
N SER A 26 -10.14 13.18 -29.12
CA SER A 26 -8.74 13.12 -28.78
C SER A 26 -8.04 14.42 -29.18
N GLU A 27 -6.80 14.57 -28.72
CA GLU A 27 -5.98 15.75 -29.01
C GLU A 27 -6.61 17.03 -28.46
N LEU A 28 -7.25 16.94 -27.30
CA LEU A 28 -7.78 18.10 -26.62
C LEU A 28 -7.28 18.15 -25.18
N PRO A 29 -7.00 19.33 -24.65
CA PRO A 29 -6.66 19.44 -23.23
C PRO A 29 -7.83 18.98 -22.37
N LEU A 30 -7.54 18.14 -21.38
CA LEU A 30 -8.58 17.62 -20.51
C LEU A 30 -9.35 18.75 -19.84
N ARG A 31 -8.68 19.86 -19.55
CA ARG A 31 -9.36 21.03 -18.99
C ARG A 31 -10.48 21.53 -19.89
N GLU A 32 -10.59 21.03 -21.12
CA GLU A 32 -11.66 21.42 -22.01
C GLU A 32 -12.82 20.44 -22.02
N ILE A 33 -12.55 19.14 -21.83
CA ILE A 33 -13.60 18.13 -21.91
C ILE A 33 -14.15 17.72 -20.55
N LEU A 34 -13.42 17.98 -19.46
CA LEU A 34 -13.96 17.69 -18.13
C LEU A 34 -15.34 18.28 -17.87
N PRO A 35 -15.67 19.51 -18.27
CA PRO A 35 -17.04 20.00 -18.01
C PRO A 35 -18.10 19.17 -18.71
N ALA A 36 -17.83 18.71 -19.93
CA ALA A 36 -18.79 17.86 -20.63
C ALA A 36 -18.99 16.54 -19.90
N VAL A 37 -17.90 15.92 -19.46
CA VAL A 37 -18.00 14.67 -18.71
C VAL A 37 -18.81 14.86 -17.44
N GLN A 38 -18.52 15.95 -16.72
CA GLN A 38 -19.27 16.26 -15.51
C GLN A 38 -20.76 16.41 -15.82
N ARG A 39 -21.09 17.22 -16.83
CA ARG A 39 -22.49 17.44 -17.18
C ARG A 39 -23.18 16.12 -17.53
N ILE A 40 -22.47 15.22 -18.22
CA ILE A 40 -23.07 13.96 -18.61
C ILE A 40 -23.33 13.08 -17.40
N VAL A 41 -22.32 12.92 -16.54
CA VAL A 41 -22.38 11.93 -15.47
C VAL A 41 -22.86 12.56 -14.16
N GLN A 42 -23.32 13.80 -14.19
CA GLN A 42 -23.91 14.42 -13.00
C GLN A 42 -25.18 15.17 -13.35
N PRO A 59 -15.54 23.33 -2.85
CA PRO A 59 -14.77 23.94 -3.94
C PRO A 59 -13.59 23.08 -4.36
N VAL A 60 -13.85 22.03 -5.13
CA VAL A 60 -12.81 21.11 -5.58
C VAL A 60 -12.98 20.87 -7.08
N ARG A 61 -11.89 20.90 -7.82
CA ARG A 61 -11.90 20.63 -9.24
C ARG A 61 -11.63 19.16 -9.51
N LEU A 62 -12.21 18.64 -10.58
CA LEU A 62 -12.14 17.23 -10.91
C LEU A 62 -11.26 17.01 -12.12
N SER A 63 -10.93 15.74 -12.36
CA SER A 63 -10.06 15.36 -13.47
C SER A 63 -10.12 13.85 -13.65
N LEU A 64 -9.76 13.41 -14.85
CA LEU A 64 -9.77 11.99 -15.17
C LEU A 64 -8.52 11.31 -14.64
N ALA A 65 -8.67 10.05 -14.26
CA ALA A 65 -7.57 9.28 -13.72
C ALA A 65 -7.74 7.81 -14.09
N PRO A 66 -6.70 7.13 -14.55
CA PRO A 66 -6.81 5.69 -14.79
C PRO A 66 -6.94 4.96 -13.47
N ILE A 67 -7.95 4.09 -13.37
CA ILE A 67 -8.24 3.41 -12.12
C ILE A 67 -7.02 2.62 -11.68
N GLY A 68 -6.46 2.99 -10.54
CA GLY A 68 -5.24 2.38 -10.06
C GLY A 68 -4.02 3.24 -10.39
N GLY A 69 -4.21 4.54 -10.43
CA GLY A 69 -3.14 5.44 -10.78
C GLY A 69 -3.35 6.82 -10.23
N ALA A 70 -2.61 7.77 -10.79
CA ALA A 70 -2.67 9.17 -10.40
C ALA A 70 -3.38 10.01 -11.45
N PRO A 71 -4.10 11.05 -11.03
CA PRO A 71 -4.84 11.86 -12.01
C PRO A 71 -3.95 12.45 -13.08
N PHE A 72 -4.58 12.87 -14.17
CA PHE A 72 -3.88 13.44 -15.31
C PHE A 72 -3.68 14.94 -15.13
N SER A 73 -2.61 15.44 -15.73
CA SER A 73 -2.40 16.88 -15.78
C SER A 73 -3.52 17.52 -16.60
N LEU A 74 -4.03 18.65 -16.11
CA LEU A 74 -5.16 19.31 -16.76
C LEU A 74 -4.82 19.83 -18.15
N ASP A 75 -3.55 19.80 -18.56
CA ASP A 75 -3.16 20.30 -19.87
C ASP A 75 -2.98 19.20 -20.90
N ALA A 76 -2.47 18.04 -20.49
CA ALA A 76 -2.25 16.93 -21.41
C ALA A 76 -3.56 16.50 -22.05
N THR A 77 -3.44 15.75 -23.13
CA THR A 77 -4.59 15.24 -23.86
C THR A 77 -4.69 13.73 -23.75
N LEU A 78 -5.89 13.21 -24.00
CA LEU A 78 -6.12 11.77 -23.92
C LEU A 78 -5.18 10.99 -24.81
N ASP A 79 -4.74 11.59 -25.92
CA ASP A 79 -3.85 10.90 -26.84
C ASP A 79 -2.45 10.75 -26.24
N THR A 80 -1.81 11.88 -25.90
CA THR A 80 -0.45 11.83 -25.41
C THR A 80 -0.35 11.17 -24.04
N VAL A 81 -1.42 11.21 -23.25
CA VAL A 81 -1.36 10.62 -21.92
C VAL A 81 -1.33 9.10 -21.99
N GLY A 82 -1.76 8.52 -23.11
CA GLY A 82 -1.68 7.08 -23.28
C GLY A 82 -2.96 6.34 -22.93
N VAL A 83 -4.09 6.79 -23.47
CA VAL A 83 -5.37 6.13 -23.29
C VAL A 83 -5.75 5.46 -24.60
N VAL A 84 -5.93 4.15 -24.55
CA VAL A 84 -6.38 3.39 -25.72
C VAL A 84 -7.90 3.39 -25.75
N ASP A 85 -8.46 3.03 -26.89
CA ASP A 85 -9.91 2.96 -27.02
C ASP A 85 -10.47 1.92 -26.06
N GLY A 86 -11.47 2.30 -25.29
CA GLY A 86 -12.15 1.40 -24.39
C GLY A 86 -11.61 1.30 -22.98
N ASP A 87 -10.85 2.28 -22.51
CA ASP A 87 -10.38 2.26 -21.14
C ASP A 87 -11.53 2.49 -20.17
N LEU A 88 -11.19 2.48 -18.88
CA LEU A 88 -12.12 2.81 -17.81
C LEU A 88 -11.44 3.84 -16.92
N LEU A 89 -11.96 5.06 -16.93
CA LEU A 89 -11.34 6.17 -16.21
C LEU A 89 -12.27 6.67 -15.11
N ALA A 90 -11.70 6.92 -13.95
CA ALA A 90 -12.45 7.47 -12.82
C ALA A 90 -12.33 8.98 -12.80
N LEU A 91 -13.30 9.61 -12.14
CA LEU A 91 -13.41 11.06 -12.06
C LEU A 91 -12.98 11.46 -10.65
N GLN A 92 -11.68 11.68 -10.48
CA GLN A 92 -11.14 12.01 -9.17
C GLN A 92 -10.96 13.50 -9.04
N ALA A 93 -10.41 13.93 -7.91
CA ALA A 93 -10.12 15.33 -7.67
C ALA A 93 -8.74 15.68 -8.21
N VAL A 94 -8.57 16.94 -8.58
CA VAL A 94 -7.25 17.48 -8.88
C VAL A 94 -6.38 17.13 -7.68
N PRO A 95 -5.19 16.56 -7.89
CA PRO A 95 -4.55 15.75 -6.83
C PRO A 95 -4.58 16.34 -5.42
N SER A 96 -3.95 17.49 -5.20
CA SER A 96 -3.94 18.09 -3.88
C SER A 96 -3.22 19.43 -3.85
N GLY A 97 -3.21 20.06 -2.68
CA GLY A 97 -2.26 21.09 -2.35
C GLY A 97 -1.41 20.62 -1.19
N PRO A 98 -0.60 21.51 -0.63
CA PRO A 98 0.14 21.16 0.58
C PRO A 98 -0.81 21.04 1.76
N PRO A 99 -0.41 20.33 2.82
CA PRO A 99 -1.32 20.12 3.94
C PRO A 99 -1.37 21.29 4.92
N ALA A 100 -0.87 22.45 4.52
CA ALA A 100 -0.81 23.63 5.37
C ALA A 100 -0.03 23.30 6.65
N PRO A 101 1.29 23.14 6.55
CA PRO A 101 2.05 22.55 7.65
C PRO A 101 1.92 23.35 8.94
N ARG A 102 1.66 22.64 10.03
CA ARG A 102 1.50 23.23 11.34
C ARG A 102 2.83 23.73 11.87
N ILE A 103 2.77 24.48 12.96
CA ILE A 103 3.97 25.04 13.56
C ILE A 103 3.74 25.33 15.04
N VAL A 104 4.71 24.92 15.87
CA VAL A 104 4.68 25.19 17.31
C VAL A 104 6.09 25.53 17.74
N GLU A 105 6.21 26.55 18.59
CA GLU A 105 7.53 27.06 18.96
C GLU A 105 8.07 26.46 20.25
N ASP A 106 7.20 26.04 21.16
CA ASP A 106 7.67 25.30 22.33
C ASP A 106 7.93 23.85 21.94
N ILE A 107 8.87 23.23 22.62
CA ILE A 107 9.31 21.89 22.25
C ILE A 107 8.47 20.82 22.92
N ALA A 108 8.02 21.06 24.16
CA ALA A 108 7.19 20.06 24.84
C ALA A 108 5.84 19.90 24.13
N ASP A 109 5.18 21.02 23.85
CA ASP A 109 3.95 20.96 23.06
C ASP A 109 4.22 20.36 21.69
N ALA A 110 5.41 20.58 21.14
CA ALA A 110 5.76 19.96 19.87
C ALA A 110 5.80 18.45 19.98
N ALA A 111 6.37 17.95 21.08
CA ALA A 111 6.44 16.50 21.28
C ALA A 111 5.05 15.91 21.48
N VAL A 112 4.21 16.59 22.25
CA VAL A 112 2.90 16.02 22.53
C VAL A 112 1.98 16.11 21.31
N ILE A 113 2.19 17.11 20.46
CA ILE A 113 1.30 17.31 19.33
C ILE A 113 1.65 16.37 18.18
N PHE A 114 2.92 16.31 17.81
CA PHE A 114 3.35 15.63 16.60
C PHE A 114 3.46 14.13 16.76
N SER A 115 2.83 13.53 17.77
CA SER A 115 2.90 12.09 17.96
C SER A 115 1.55 11.41 17.91
N GLU A 116 0.46 12.17 17.71
CA GLU A 116 -0.88 11.60 17.81
C GLU A 116 -1.15 10.58 16.72
N ALA A 117 -0.65 10.81 15.51
CA ALA A 117 -0.99 9.97 14.37
C ALA A 117 -0.29 8.63 14.43
N ARG A 118 -0.63 7.81 15.43
CA ARG A 118 -0.03 6.50 15.58
C ARG A 118 -1.02 5.40 15.93
N ARG A 119 -2.25 5.70 16.33
CA ARG A 119 -3.13 4.74 16.99
C ARG A 119 -2.46 4.24 18.28
N ARG A 120 -1.58 5.07 18.83
CA ARG A 120 -0.77 4.72 19.99
C ARG A 120 -1.59 4.47 21.24
N GLN A 121 -2.89 4.75 21.22
CA GLN A 121 -3.72 4.48 22.38
C GLN A 121 -3.63 3.02 22.77
N TRP A 122 -3.35 2.78 24.05
CA TRP A 122 -3.23 1.41 24.54
C TRP A 122 -4.54 0.67 24.31
N GLY A 123 -5.60 1.08 24.99
CA GLY A 123 -6.93 0.61 24.70
C GLY A 123 -7.13 -0.85 25.05
N PRO A 124 -8.38 -1.26 25.23
CA PRO A 124 -8.66 -2.68 25.43
C PRO A 124 -8.77 -3.41 24.11
N THR A 125 -7.84 -3.15 23.21
CA THR A 125 -7.76 -3.89 21.95
C THR A 125 -6.36 -4.30 21.57
N HIS A 126 -5.32 -3.67 22.13
CA HIS A 126 -3.98 -4.23 22.04
C HIS A 126 -3.78 -5.31 23.10
N ILE A 127 -4.48 -5.19 24.22
CA ILE A 127 -4.39 -6.21 25.27
C ILE A 127 -4.88 -7.54 24.74
N ALA A 128 -5.90 -7.53 23.89
CA ALA A 128 -6.42 -8.77 23.33
C ALA A 128 -5.37 -9.45 22.46
N ARG A 129 -4.74 -8.70 21.55
CA ARG A 129 -3.69 -9.26 20.72
C ARG A 129 -2.53 -9.76 21.57
N GLY A 130 -2.18 -9.00 22.61
CA GLY A 130 -1.10 -9.44 23.48
C GLY A 130 -1.41 -10.74 24.18
N ALA A 131 -2.63 -10.86 24.71
CA ALA A 131 -3.02 -12.09 25.39
C ALA A 131 -3.04 -13.26 24.42
N ALA A 132 -3.54 -13.06 23.21
CA ALA A 132 -3.56 -14.14 22.24
C ALA A 132 -2.16 -14.59 21.87
N LEU A 133 -1.26 -13.64 21.62
CA LEU A 133 0.12 -13.99 21.30
C LEU A 133 0.79 -14.69 22.47
N ALA A 134 0.52 -14.24 23.70
CA ALA A 134 1.08 -14.88 24.88
C ALA A 134 0.57 -16.31 25.00
N LEU A 135 -0.71 -16.54 24.71
CA LEU A 135 -1.26 -17.89 24.79
C LEU A 135 -0.63 -18.79 23.75
N ILE A 136 -0.47 -18.29 22.52
CA ILE A 136 0.14 -19.12 21.48
C ILE A 136 1.58 -19.44 21.83
N GLY A 137 2.30 -18.45 22.37
CA GLY A 137 3.67 -18.70 22.79
C GLY A 137 3.74 -19.70 23.93
N LEU A 138 2.79 -19.60 24.88
CA LEU A 138 2.72 -20.58 25.95
C LEU A 138 2.55 -21.99 25.39
N ILE A 139 1.60 -22.16 24.49
CA ILE A 139 1.35 -23.49 23.93
C ILE A 139 2.60 -24.01 23.23
N LEU A 140 3.19 -23.18 22.37
CA LEU A 140 4.35 -23.63 21.60
C LEU A 140 5.51 -23.99 22.52
N VAL A 141 5.86 -23.10 23.45
CA VAL A 141 7.02 -23.34 24.29
C VAL A 141 6.76 -24.45 25.30
N GLY A 142 5.51 -24.68 25.70
CA GLY A 142 5.22 -25.79 26.57
C GLY A 142 5.37 -27.11 25.85
N THR A 143 4.85 -27.19 24.61
CA THR A 143 5.09 -28.37 23.79
C THR A 143 6.59 -28.62 23.63
N GLY A 144 7.34 -27.58 23.29
CA GLY A 144 8.78 -27.74 23.12
C GLY A 144 9.47 -28.23 24.39
N LEU A 145 9.16 -27.60 25.52
CA LEU A 145 9.75 -28.00 26.79
C LEU A 145 9.44 -29.44 27.10
N SER A 146 8.18 -29.83 27.01
CA SER A 146 7.81 -31.19 27.40
C SER A 146 8.40 -32.23 26.47
N VAL A 147 8.42 -31.95 25.16
CA VAL A 147 9.07 -32.86 24.23
C VAL A 147 10.54 -33.02 24.59
N ALA A 148 11.28 -31.91 24.67
CA ALA A 148 12.69 -31.98 25.04
C ALA A 148 12.89 -32.63 26.39
N HIS A 149 11.86 -32.63 27.25
CA HIS A 149 11.93 -33.37 28.49
C HIS A 149 11.83 -34.87 28.24
N ARG A 150 10.99 -35.28 27.29
CA ARG A 150 10.87 -36.70 27.00
C ARG A 150 11.97 -37.19 26.06
N VAL A 151 12.03 -36.61 24.86
CA VAL A 151 12.86 -37.13 23.77
C VAL A 151 14.30 -37.36 24.24
N ILE A 152 14.77 -36.54 25.17
CA ILE A 152 16.12 -36.68 25.70
C ILE A 152 16.10 -37.67 26.86
N THR A 153 15.37 -37.34 27.91
CA THR A 153 15.37 -38.20 29.10
C THR A 153 14.45 -39.40 28.92
N GLY A 154 13.16 -39.16 28.72
CA GLY A 154 12.22 -40.25 28.51
C GLY A 154 11.44 -40.62 29.76
N ASP A 155 10.19 -40.16 29.83
CA ASP A 155 9.29 -40.53 30.91
C ASP A 155 7.86 -40.14 30.54
N LEU A 156 6.89 -40.64 31.30
CA LEU A 156 5.49 -40.42 30.97
C LEU A 156 5.05 -38.98 31.21
N LEU A 157 5.75 -38.24 32.08
CA LEU A 157 5.32 -36.89 32.42
C LEU A 157 5.32 -35.98 31.20
N GLY A 158 6.32 -36.11 30.33
CA GLY A 158 6.41 -35.30 29.14
C GLY A 158 5.22 -35.44 28.21
N GLN A 159 5.00 -36.67 27.73
CA GLN A 159 3.86 -36.92 26.85
C GLN A 159 2.55 -36.62 27.56
N PHE A 160 2.49 -36.82 28.88
CA PHE A 160 1.30 -36.47 29.63
C PHE A 160 0.99 -34.98 29.53
N ILE A 161 1.99 -34.14 29.77
CA ILE A 161 1.79 -32.70 29.70
C ILE A 161 1.46 -32.28 28.28
N VAL A 162 2.11 -32.88 27.29
CA VAL A 162 1.84 -32.53 25.89
C VAL A 162 0.39 -32.84 25.54
N SER A 163 -0.06 -34.06 25.84
CA SER A 163 -1.44 -34.43 25.55
C SER A 163 -2.42 -33.56 26.32
N GLY A 164 -2.07 -33.21 27.56
CA GLY A 164 -2.93 -32.34 28.33
C GLY A 164 -3.11 -30.98 27.69
N ILE A 165 -1.99 -30.35 27.29
CA ILE A 165 -2.09 -29.03 26.68
C ILE A 165 -2.75 -29.13 25.31
N ALA A 166 -2.61 -30.26 24.62
CA ALA A 166 -3.26 -30.42 23.32
C ALA A 166 -4.77 -30.51 23.47
N LEU A 167 -5.23 -31.34 24.41
CA LEU A 167 -6.66 -31.38 24.68
C LEU A 167 -7.16 -30.02 25.13
N ALA A 168 -6.39 -29.33 25.97
CA ALA A 168 -6.79 -28.00 26.43
C ALA A 168 -6.97 -27.05 25.26
N THR A 169 -6.01 -27.02 24.35
CA THR A 169 -6.10 -26.05 23.26
C THR A 169 -7.19 -26.41 22.26
N VAL A 170 -7.43 -27.71 22.00
CA VAL A 170 -8.51 -28.05 21.07
C VAL A 170 -9.86 -27.74 21.68
N ILE A 171 -10.02 -27.98 22.99
CA ILE A 171 -11.27 -27.61 23.65
C ILE A 171 -11.45 -26.10 23.66
N ALA A 172 -10.37 -25.35 23.86
CA ALA A 172 -10.46 -23.90 23.82
C ALA A 172 -10.83 -23.42 22.43
N ALA A 173 -10.31 -24.09 21.39
CA ALA A 173 -10.65 -23.72 20.03
C ALA A 173 -12.12 -23.96 19.75
N LEU A 174 -12.63 -25.14 20.13
CA LEU A 174 -14.05 -25.40 19.96
C LEU A 174 -14.92 -24.53 20.86
N ALA A 175 -14.35 -23.96 21.92
CA ALA A 175 -15.11 -23.15 22.85
C ALA A 175 -15.30 -21.72 22.37
N VAL A 176 -14.40 -21.21 21.55
CA VAL A 176 -14.48 -19.84 21.05
C VAL A 176 -14.77 -19.82 19.55
N ARG A 177 -15.33 -20.91 19.02
CA ARG A 177 -15.59 -21.00 17.59
C ARG A 177 -16.45 -19.85 17.09
N ASN A 178 -17.37 -19.34 17.92
CA ASN A 178 -18.21 -18.21 17.55
C ASN A 178 -18.00 -17.02 18.48
N ARG A 179 -16.93 -17.01 19.27
CA ARG A 179 -16.68 -15.90 20.16
C ARG A 179 -16.03 -14.74 19.43
N SER A 180 -14.94 -15.00 18.70
CA SER A 180 -14.26 -13.96 17.94
C SER A 180 -13.93 -14.35 16.51
N ALA A 181 -13.96 -15.64 16.17
CA ALA A 181 -13.78 -16.16 14.82
C ALA A 181 -12.38 -15.95 14.27
N VAL A 182 -11.50 -15.25 14.99
CA VAL A 182 -10.11 -15.08 14.60
C VAL A 182 -9.17 -15.65 15.66
N LEU A 183 -9.41 -15.30 16.93
CA LEU A 183 -8.74 -16.01 18.02
C LEU A 183 -8.94 -17.51 17.90
N ALA A 184 -10.14 -17.92 17.50
CA ALA A 184 -10.42 -19.34 17.34
C ALA A 184 -9.58 -19.95 16.23
N THR A 185 -9.54 -19.31 15.07
CA THR A 185 -8.79 -19.87 13.95
C THR A 185 -7.30 -19.91 14.25
N SER A 186 -6.76 -18.85 14.84
CA SER A 186 -5.35 -18.83 15.20
C SER A 186 -5.04 -19.91 16.22
N LEU A 187 -5.88 -20.02 17.26
CA LEU A 187 -5.67 -21.03 18.28
C LEU A 187 -5.73 -22.43 17.68
N ALA A 188 -6.64 -22.65 16.73
CA ALA A 188 -6.72 -23.96 16.09
C ALA A 188 -5.47 -24.25 15.28
N VAL A 189 -5.05 -23.30 14.42
CA VAL A 189 -3.93 -23.58 13.53
C VAL A 189 -2.65 -23.73 14.32
N THR A 190 -2.56 -23.13 15.51
CA THR A 190 -1.38 -23.39 16.33
C THR A 190 -1.55 -24.63 17.21
N ALA A 191 -2.78 -25.10 17.40
CA ALA A 191 -3.02 -26.28 18.22
C ALA A 191 -2.53 -27.57 17.58
N LEU A 192 -2.10 -27.54 16.33
CA LEU A 192 -1.69 -28.76 15.65
C LEU A 192 -0.21 -29.07 15.80
N VAL A 193 0.53 -28.25 16.54
CA VAL A 193 1.89 -28.63 16.94
C VAL A 193 1.82 -29.54 18.17
N PRO A 194 1.08 -29.19 19.23
CA PRO A 194 0.98 -30.13 20.36
C PRO A 194 0.22 -31.39 20.02
N VAL A 195 -0.76 -31.31 19.11
CA VAL A 195 -1.46 -32.51 18.66
C VAL A 195 -0.47 -33.49 18.04
N ALA A 196 0.36 -33.00 17.11
CA ALA A 196 1.36 -33.86 16.49
C ALA A 196 2.36 -34.38 17.51
N ALA A 197 2.78 -33.52 18.45
CA ALA A 197 3.72 -33.96 19.46
C ALA A 197 3.14 -35.10 20.29
N ALA A 198 1.91 -34.95 20.76
CA ALA A 198 1.27 -35.99 21.56
C ALA A 198 1.12 -37.27 20.76
N PHE A 199 0.58 -37.18 19.55
CA PHE A 199 0.36 -38.36 18.73
C PHE A 199 1.60 -38.81 18.00
N ALA A 200 2.77 -38.31 18.38
CA ALA A 200 4.04 -38.79 17.85
C ALA A 200 4.87 -39.53 18.90
N LEU A 201 4.29 -39.82 20.07
CA LEU A 201 5.03 -40.43 21.17
C LEU A 201 4.34 -41.67 21.71
N GLY A 202 3.68 -42.45 20.87
CA GLY A 202 3.05 -43.69 21.31
C GLY A 202 3.91 -44.89 20.96
N VAL A 203 3.96 -45.86 21.87
CA VAL A 203 4.79 -47.05 21.74
C VAL A 203 6.21 -46.61 21.43
N PRO A 204 6.94 -46.08 22.43
CA PRO A 204 8.19 -45.37 22.14
C PRO A 204 9.20 -46.15 21.32
N GLY A 205 9.69 -47.28 21.83
CA GLY A 205 10.75 -48.02 21.16
C GLY A 205 11.90 -47.12 20.74
N ASP A 206 12.09 -46.99 19.42
CA ASP A 206 13.02 -46.02 18.86
C ASP A 206 12.29 -44.87 18.16
N PHE A 207 10.99 -44.71 18.48
CA PHE A 207 10.09 -43.73 17.89
C PHE A 207 9.70 -44.14 16.47
N GLY A 208 10.41 -45.11 15.92
CA GLY A 208 10.01 -45.85 14.74
C GLY A 208 9.49 -45.08 13.54
N ALA A 209 8.83 -45.79 12.64
CA ALA A 209 7.96 -45.22 11.61
C ALA A 209 6.56 -44.93 12.14
N PRO A 210 5.86 -45.90 12.76
CA PRO A 210 4.42 -45.71 13.00
C PRO A 210 4.07 -44.53 13.89
N ASN A 211 5.02 -43.98 14.64
CA ASN A 211 4.72 -42.75 15.37
C ASN A 211 4.47 -41.60 14.40
N VAL A 212 5.25 -41.53 13.33
CA VAL A 212 4.97 -40.57 12.26
C VAL A 212 3.57 -40.82 11.71
N LEU A 213 3.18 -42.09 11.57
CA LEU A 213 1.85 -42.42 11.10
C LEU A 213 0.78 -41.85 12.01
N LEU A 214 0.89 -42.12 13.31
CA LEU A 214 -0.10 -41.64 14.26
C LEU A 214 -0.15 -40.12 14.30
N ALA A 215 1.01 -39.48 14.26
CA ALA A 215 1.04 -38.01 14.29
C ALA A 215 0.40 -37.42 13.05
N ALA A 216 0.72 -37.96 11.88
CA ALA A 216 0.10 -37.48 10.65
C ALA A 216 -1.40 -37.72 10.66
N ALA A 217 -1.83 -38.86 11.23
CA ALA A 217 -3.25 -39.13 11.32
C ALA A 217 -3.95 -38.10 12.18
N GLY A 218 -3.40 -37.81 13.36
CA GLY A 218 -3.98 -36.78 14.20
C GLY A 218 -4.00 -35.42 13.54
N VAL A 219 -2.92 -35.07 12.84
CA VAL A 219 -2.84 -33.77 12.20
C VAL A 219 -3.89 -33.65 11.10
N ALA A 220 -3.98 -34.66 10.24
CA ALA A 220 -4.98 -34.63 9.18
C ALA A 220 -6.39 -34.61 9.75
N ALA A 221 -6.62 -35.36 10.83
CA ALA A 221 -7.94 -35.38 11.43
C ALA A 221 -8.31 -34.01 11.97
N TRP A 222 -7.38 -33.33 12.64
CA TRP A 222 -7.68 -32.02 13.18
C TRP A 222 -7.87 -31.00 12.06
N SER A 223 -7.03 -31.07 11.02
CA SER A 223 -7.18 -30.14 9.91
C SER A 223 -8.53 -30.32 9.22
N LEU A 224 -8.96 -31.56 9.03
CA LEU A 224 -10.28 -31.80 8.45
C LEU A 224 -11.39 -31.28 9.36
N ILE A 225 -11.38 -31.71 10.63
CA ILE A 225 -12.44 -31.32 11.55
C ILE A 225 -12.47 -29.81 11.78
N SER A 226 -11.40 -29.10 11.46
CA SER A 226 -11.39 -27.65 11.62
C SER A 226 -11.66 -26.89 10.33
N MET A 227 -11.32 -27.47 9.17
CA MET A 227 -11.54 -26.79 7.91
C MET A 227 -13.02 -26.51 7.68
N ALA A 228 -13.83 -27.58 7.66
CA ALA A 228 -15.27 -27.40 7.52
C ALA A 228 -15.85 -26.68 8.73
N GLY A 229 -15.29 -26.92 9.91
CA GLY A 229 -15.74 -26.21 11.10
C GLY A 229 -15.27 -24.79 11.23
N SER A 230 -14.41 -24.33 10.31
CA SER A 230 -13.87 -22.98 10.39
C SER A 230 -15.01 -21.95 10.31
N PRO A 231 -14.87 -20.82 11.00
CA PRO A 231 -15.97 -19.85 11.04
C PRO A 231 -16.02 -18.91 9.85
N ASP A 232 -14.99 -18.84 9.02
CA ASP A 232 -14.93 -17.83 7.97
C ASP A 232 -13.95 -18.28 6.90
N ASP A 233 -13.68 -17.38 5.95
CA ASP A 233 -12.56 -17.54 5.04
C ASP A 233 -11.34 -16.88 5.66
N ARG A 234 -10.24 -17.63 5.72
CA ARG A 234 -9.12 -17.26 6.56
C ARG A 234 -7.88 -17.98 6.01
N GLY A 235 -6.86 -18.14 6.85
CA GLY A 235 -5.70 -18.93 6.49
C GLY A 235 -6.04 -20.40 6.38
N ILE A 236 -7.31 -20.70 6.15
CA ILE A 236 -7.85 -22.03 5.89
C ILE A 236 -6.96 -22.79 4.91
N ALA A 237 -6.34 -22.05 3.98
CA ALA A 237 -5.39 -22.66 3.05
C ALA A 237 -4.40 -23.57 3.78
N VAL A 238 -3.66 -23.01 4.74
CA VAL A 238 -2.70 -23.84 5.46
C VAL A 238 -3.38 -25.05 6.07
N PHE A 239 -4.59 -24.88 6.60
CA PHE A 239 -5.39 -26.03 7.02
C PHE A 239 -5.42 -27.09 5.94
N THR A 240 -6.01 -26.77 4.78
CA THR A 240 -6.07 -27.78 3.73
C THR A 240 -4.66 -28.24 3.35
N ALA A 241 -3.68 -27.34 3.42
CA ALA A 241 -2.31 -27.76 3.23
C ALA A 241 -1.95 -28.84 4.23
N THR A 242 -2.00 -28.49 5.52
CA THR A 242 -1.68 -29.49 6.54
C THR A 242 -2.73 -30.60 6.58
N ALA A 243 -3.77 -30.47 5.76
CA ALA A 243 -4.68 -31.60 5.57
C ALA A 243 -4.12 -32.56 4.52
N VAL A 244 -3.78 -32.03 3.34
CA VAL A 244 -3.38 -32.90 2.24
C VAL A 244 -2.12 -33.65 2.58
N THR A 245 -1.03 -32.92 2.87
CA THR A 245 0.16 -33.60 3.40
C THR A 245 -0.18 -34.43 4.62
N GLY A 246 -1.14 -33.96 5.43
CA GLY A 246 -1.58 -34.72 6.59
C GLY A 246 -1.96 -36.14 6.22
N VAL A 247 -2.67 -36.30 5.10
CA VAL A 247 -2.99 -37.66 4.66
C VAL A 247 -1.84 -38.24 3.85
N GLY A 248 -1.13 -37.40 3.10
CA GLY A 248 -0.18 -37.91 2.12
C GLY A 248 0.87 -38.80 2.76
N VAL A 249 1.78 -38.20 3.53
CA VAL A 249 2.75 -38.98 4.28
C VAL A 249 2.06 -40.06 5.09
N LEU A 250 0.87 -39.77 5.62
CA LEU A 250 0.09 -40.77 6.32
C LEU A 250 0.08 -42.09 5.57
N LEU A 251 -0.43 -42.06 4.32
CA LEU A 251 -0.42 -43.25 3.48
C LEU A 251 0.95 -43.90 3.49
N VAL A 252 1.97 -43.15 3.06
CA VAL A 252 3.30 -43.73 2.96
C VAL A 252 3.76 -44.25 4.32
N ALA A 253 3.46 -43.50 5.39
CA ALA A 253 3.80 -43.96 6.72
C ALA A 253 3.29 -45.37 6.95
N GLY A 254 1.99 -45.59 6.69
CA GLY A 254 1.42 -46.90 6.86
C GLY A 254 2.26 -47.98 6.22
N ALA A 255 2.69 -47.75 4.97
CA ALA A 255 3.53 -48.71 4.27
C ALA A 255 4.73 -49.10 5.13
N ALA A 256 5.55 -48.10 5.51
CA ALA A 256 6.77 -48.39 6.24
C ALA A 256 6.48 -49.02 7.59
N SER A 257 5.25 -48.95 8.06
CA SER A 257 4.91 -49.57 9.33
C SER A 257 4.21 -50.91 9.16
N LEU A 258 3.56 -51.15 8.02
CA LEU A 258 2.71 -52.33 7.87
C LEU A 258 3.26 -53.33 6.85
N TRP A 259 3.47 -52.89 5.61
CA TRP A 259 3.80 -53.85 4.55
C TRP A 259 5.16 -54.50 4.78
N VAL A 260 6.23 -53.70 4.67
CA VAL A 260 7.58 -54.23 4.79
C VAL A 260 8.44 -53.13 5.41
N ILE A 261 9.71 -53.47 5.67
CA ILE A 261 10.68 -52.47 6.11
C ILE A 261 10.64 -51.25 5.19
N SER A 262 10.77 -51.48 3.89
CA SER A 262 10.80 -50.41 2.88
C SER A 262 11.83 -49.35 3.27
N SER A 263 13.10 -49.74 3.17
CA SER A 263 14.19 -48.92 3.68
C SER A 263 14.23 -47.55 3.02
N ASP A 264 14.49 -47.52 1.71
CA ASP A 264 14.74 -46.27 1.01
C ASP A 264 13.56 -45.77 0.20
N VAL A 265 12.67 -46.65 -0.25
CA VAL A 265 11.58 -46.28 -1.14
C VAL A 265 10.61 -45.29 -0.53
N ILE A 266 10.73 -45.00 0.77
CA ILE A 266 9.83 -44.07 1.43
C ILE A 266 9.82 -42.73 0.71
N GLY A 267 11.00 -42.11 0.59
CA GLY A 267 11.08 -40.82 -0.08
C GLY A 267 10.70 -40.89 -1.54
N CYS A 268 10.96 -42.03 -2.19
CA CYS A 268 10.56 -42.21 -3.57
C CYS A 268 9.04 -42.09 -3.72
N ALA A 269 8.31 -42.88 -2.96
CA ALA A 269 6.85 -42.79 -2.98
C ALA A 269 6.38 -41.42 -2.55
N LEU A 270 7.08 -40.80 -1.60
CA LEU A 270 6.68 -39.48 -1.12
C LEU A 270 6.76 -38.44 -2.24
N VAL A 271 7.89 -38.40 -2.94
CA VAL A 271 8.04 -37.40 -4.01
C VAL A 271 7.10 -37.71 -5.16
N LEU A 272 6.85 -39.00 -5.44
CA LEU A 272 5.85 -39.34 -6.44
C LEU A 272 4.49 -38.77 -6.07
N LEU A 273 4.06 -39.01 -4.83
CA LEU A 273 2.76 -38.51 -4.38
C LEU A 273 2.72 -36.99 -4.41
N GLY A 274 3.84 -36.36 -4.08
CA GLY A 274 3.90 -34.90 -4.14
C GLY A 274 3.68 -34.38 -5.54
N LEU A 275 4.38 -34.96 -6.52
CA LEU A 275 4.17 -34.56 -7.91
C LEU A 275 2.74 -34.82 -8.35
N ILE A 276 2.16 -35.94 -7.91
CA ILE A 276 0.78 -36.25 -8.27
C ILE A 276 -0.16 -35.16 -7.78
N VAL A 277 -0.06 -34.82 -6.49
CA VAL A 277 -0.90 -33.75 -5.94
C VAL A 277 -0.62 -32.43 -6.62
N THR A 278 0.63 -32.21 -7.06
CA THR A 278 0.98 -30.93 -7.66
C THR A 278 0.31 -30.76 -9.02
N VAL A 279 0.51 -31.71 -9.93
CA VAL A 279 0.04 -31.52 -11.30
C VAL A 279 -1.48 -31.63 -11.37
N GLN A 280 -2.02 -32.80 -11.03
CA GLN A 280 -3.46 -33.02 -11.08
C GLN A 280 -4.10 -32.48 -9.80
N ALA A 281 -4.10 -31.15 -9.70
CA ALA A 281 -4.55 -30.45 -8.50
C ALA A 281 -5.86 -29.70 -8.67
N ALA A 282 -6.06 -29.02 -9.81
CA ALA A 282 -7.24 -28.18 -9.98
C ALA A 282 -8.52 -28.97 -9.77
N GLN A 283 -8.56 -30.22 -10.24
CA GLN A 283 -9.75 -31.04 -10.03
C GLN A 283 -9.99 -31.30 -8.55
N LEU A 284 -9.00 -31.87 -7.86
CA LEU A 284 -9.12 -32.08 -6.43
C LEU A 284 -9.31 -30.76 -5.70
N SER A 285 -8.73 -29.68 -6.21
CA SER A 285 -8.96 -28.36 -5.62
C SER A 285 -10.43 -28.02 -5.61
N ALA A 286 -11.08 -28.08 -6.78
CA ALA A 286 -12.50 -27.79 -6.86
C ALA A 286 -13.36 -28.82 -6.13
N MET A 287 -12.81 -30.01 -5.87
CA MET A 287 -13.56 -31.03 -5.16
C MET A 287 -13.99 -30.56 -3.77
N TRP A 288 -13.10 -29.87 -3.05
CA TRP A 288 -13.45 -29.38 -1.72
C TRP A 288 -14.67 -28.47 -1.72
N ALA A 289 -14.96 -27.83 -2.85
CA ALA A 289 -16.14 -26.96 -2.91
C ALA A 289 -17.43 -27.72 -2.63
N ARG A 290 -17.46 -29.01 -2.96
CA ARG A 290 -18.63 -29.81 -2.65
C ARG A 290 -18.84 -29.96 -1.16
N PHE A 291 -17.76 -30.00 -0.38
CA PHE A 291 -17.87 -30.13 1.06
C PHE A 291 -18.48 -28.87 1.67
N PRO A 292 -19.20 -28.98 2.78
CA PRO A 292 -19.80 -27.78 3.38
C PRO A 292 -18.77 -26.91 4.08
N LEU A 293 -18.39 -25.81 3.44
CA LEU A 293 -17.47 -24.84 4.04
C LEU A 293 -18.18 -23.92 5.03
N PRO A 294 -19.40 -23.42 4.72
CA PRO A 294 -20.12 -22.65 5.74
C PRO A 294 -20.25 -23.37 7.08
N SER A 310 -31.28 -13.53 -2.92
CA SER A 310 -30.00 -14.17 -2.57
C SER A 310 -29.77 -15.41 -3.43
N VAL A 311 -29.30 -15.21 -4.66
CA VAL A 311 -29.06 -16.32 -5.56
C VAL A 311 -27.60 -16.73 -5.56
N LEU A 312 -26.70 -15.79 -5.88
CA LEU A 312 -25.27 -16.06 -5.83
C LEU A 312 -24.55 -14.99 -5.00
N ALA A 313 -25.23 -14.45 -4.00
CA ALA A 313 -24.62 -13.43 -3.14
C ALA A 313 -23.39 -13.97 -2.44
N ASP A 314 -23.33 -15.27 -2.16
CA ASP A 314 -22.12 -15.85 -1.58
C ASP A 314 -21.18 -16.36 -2.66
N LEU A 315 -20.95 -15.52 -3.66
CA LEU A 315 -19.91 -15.75 -4.65
C LEU A 315 -18.54 -15.27 -4.17
N PRO A 316 -18.42 -14.03 -3.64
CA PRO A 316 -17.08 -13.56 -3.22
C PRO A 316 -16.44 -14.47 -2.19
N ARG A 317 -17.22 -14.98 -1.23
CA ARG A 317 -16.67 -15.96 -0.30
C ARG A 317 -16.17 -17.19 -1.05
N ARG A 318 -17.08 -17.89 -1.73
CA ARG A 318 -16.76 -19.15 -2.39
C ARG A 318 -15.45 -19.06 -3.16
N VAL A 319 -15.39 -18.19 -4.16
CA VAL A 319 -14.20 -18.09 -5.00
C VAL A 319 -12.95 -17.92 -4.15
N ARG A 320 -12.99 -16.98 -3.19
CA ARG A 320 -11.87 -16.82 -2.27
C ARG A 320 -11.50 -18.15 -1.65
N VAL A 321 -12.47 -18.75 -0.94
CA VAL A 321 -12.28 -20.08 -0.38
C VAL A 321 -11.72 -21.01 -1.44
N SER A 322 -12.38 -21.05 -2.61
CA SER A 322 -11.89 -21.87 -3.71
C SER A 322 -10.44 -21.54 -4.00
N GLN A 323 -10.17 -20.28 -4.32
CA GLN A 323 -8.79 -19.85 -4.52
C GLN A 323 -7.93 -20.28 -3.35
N ALA A 324 -8.40 -20.01 -2.12
CA ALA A 324 -7.67 -20.42 -0.93
C ALA A 324 -7.25 -21.87 -1.03
N HIS A 325 -8.22 -22.76 -1.27
CA HIS A 325 -7.92 -24.19 -1.32
C HIS A 325 -6.80 -24.46 -2.31
N GLN A 326 -6.87 -23.86 -3.50
CA GLN A 326 -5.78 -24.00 -4.44
C GLN A 326 -4.47 -23.57 -3.80
N THR A 327 -4.39 -22.30 -3.40
CA THR A 327 -3.18 -21.79 -2.77
C THR A 327 -2.80 -22.61 -1.55
N GLY A 328 -3.72 -23.37 -1.00
CA GLY A 328 -3.38 -24.27 0.08
C GLY A 328 -2.87 -25.59 -0.45
N VAL A 329 -3.67 -26.23 -1.31
CA VAL A 329 -3.37 -27.61 -1.71
C VAL A 329 -2.03 -27.67 -2.41
N ILE A 330 -1.73 -26.71 -3.29
CA ILE A 330 -0.47 -26.72 -4.01
C ILE A 330 0.69 -26.67 -3.03
N ALA A 331 0.51 -25.97 -1.91
CA ALA A 331 1.55 -25.95 -0.88
C ALA A 331 1.85 -27.36 -0.41
N ALA A 332 0.81 -28.12 -0.04
CA ALA A 332 1.03 -29.53 0.27
C ALA A 332 1.72 -30.22 -0.90
N GLY A 333 1.25 -29.94 -2.11
CA GLY A 333 1.82 -30.53 -3.31
C GLY A 333 3.31 -30.32 -3.45
N VAL A 334 3.88 -29.36 -2.73
CA VAL A 334 5.32 -29.15 -2.78
C VAL A 334 6.01 -29.61 -1.49
N LEU A 335 5.32 -29.60 -0.35
CA LEU A 335 5.96 -30.01 0.89
C LEU A 335 6.49 -31.44 0.77
N LEU A 336 5.63 -32.37 0.37
CA LEU A 336 6.07 -33.73 0.11
C LEU A 336 7.22 -33.75 -0.87
N GLY A 337 7.13 -32.91 -1.92
CA GLY A 337 8.19 -32.85 -2.90
C GLY A 337 9.56 -32.65 -2.27
N VAL A 338 9.60 -31.91 -1.17
CA VAL A 338 10.82 -31.84 -0.38
C VAL A 338 10.89 -33.00 0.60
N ALA A 339 9.82 -33.20 1.37
CA ALA A 339 9.81 -34.21 2.42
C ALA A 339 10.14 -35.60 1.90
N GLY A 340 9.97 -35.83 0.59
CA GLY A 340 10.39 -37.08 -0.01
C GLY A 340 11.82 -37.00 -0.49
N SER A 341 12.14 -35.93 -1.24
CA SER A 341 13.50 -35.78 -1.76
C SER A 341 14.54 -35.78 -0.65
N VAL A 342 14.18 -35.24 0.52
CA VAL A 342 15.13 -35.20 1.64
C VAL A 342 15.56 -36.61 2.02
N ALA A 343 14.71 -37.61 1.79
CA ALA A 343 15.08 -38.98 2.09
C ALA A 343 16.03 -39.55 1.06
N LEU A 344 15.95 -39.10 -0.20
CA LEU A 344 16.74 -39.70 -1.26
C LEU A 344 18.22 -39.37 -1.12
N VAL A 345 18.55 -38.09 -0.97
CA VAL A 345 19.93 -37.66 -0.96
C VAL A 345 20.37 -37.31 0.46
N SER A 346 19.70 -37.90 1.45
CA SER A 346 20.06 -37.66 2.84
C SER A 346 21.47 -38.17 3.13
N SER A 347 21.67 -39.48 3.07
CA SER A 347 22.96 -40.08 3.39
C SER A 347 23.92 -39.90 2.21
N ALA A 348 25.09 -40.49 2.33
CA ALA A 348 26.05 -40.52 1.24
C ALA A 348 25.93 -41.83 0.47
N ASN A 349 26.74 -41.97 -0.57
CA ASN A 349 26.84 -43.16 -1.42
C ASN A 349 25.50 -43.58 -2.02
N ALA A 350 24.51 -42.71 -1.98
CA ALA A 350 23.22 -43.00 -2.59
C ALA A 350 23.37 -43.08 -4.11
N SER A 351 22.48 -43.83 -4.73
CA SER A 351 22.54 -44.01 -6.18
C SER A 351 22.33 -42.66 -6.88
N PRO A 352 23.14 -42.32 -7.87
CA PRO A 352 22.97 -41.03 -8.55
C PRO A 352 21.59 -40.83 -9.15
N TRP A 353 20.85 -41.92 -9.38
CA TRP A 353 19.47 -41.78 -9.84
C TRP A 353 18.63 -40.99 -8.85
N ALA A 354 18.96 -41.07 -7.55
CA ALA A 354 18.31 -40.20 -6.59
C ALA A 354 18.64 -38.75 -6.83
N TRP A 355 19.93 -38.46 -7.07
CA TRP A 355 20.32 -37.09 -7.40
C TRP A 355 19.79 -36.64 -8.74
N TYR A 356 19.21 -37.54 -9.53
CA TYR A 356 18.48 -37.12 -10.72
C TYR A 356 17.01 -36.89 -10.41
N ILE A 357 16.38 -37.77 -9.63
CA ILE A 357 14.95 -37.62 -9.36
C ILE A 357 14.69 -36.36 -8.55
N VAL A 358 15.59 -36.02 -7.63
CA VAL A 358 15.38 -34.80 -6.84
C VAL A 358 15.38 -33.57 -7.72
N VAL A 359 16.44 -33.40 -8.53
CA VAL A 359 16.51 -32.23 -9.39
C VAL A 359 15.40 -32.27 -10.43
N ALA A 360 14.94 -33.46 -10.81
CA ALA A 360 13.85 -33.56 -11.75
C ALA A 360 12.56 -33.01 -11.17
N ALA A 361 12.20 -33.46 -9.97
CA ALA A 361 11.02 -32.92 -9.30
C ALA A 361 11.17 -31.41 -9.06
N ALA A 362 12.38 -30.97 -8.73
CA ALA A 362 12.62 -29.55 -8.51
C ALA A 362 12.31 -28.75 -9.78
N ALA A 363 12.94 -29.13 -10.89
CA ALA A 363 12.69 -28.45 -12.16
C ALA A 363 11.22 -28.53 -12.55
N GLY A 364 10.57 -29.66 -12.26
CA GLY A 364 9.16 -29.77 -12.61
C GLY A 364 8.30 -28.77 -11.86
N ALA A 365 8.44 -28.75 -10.53
CA ALA A 365 7.67 -27.79 -9.74
C ALA A 365 8.09 -26.36 -10.00
N ALA A 366 9.27 -26.15 -10.59
CA ALA A 366 9.65 -24.80 -10.99
C ALA A 366 8.94 -24.39 -12.28
N LEU A 367 9.03 -25.22 -13.31
CA LEU A 367 8.44 -24.88 -14.60
C LEU A 367 6.91 -24.95 -14.58
N ARG A 368 6.31 -25.61 -13.61
CA ARG A 368 4.85 -25.62 -13.57
C ARG A 368 4.28 -24.35 -12.98
N ALA A 369 5.10 -23.34 -12.68
CA ALA A 369 4.59 -22.08 -12.18
C ALA A 369 4.02 -21.22 -13.30
N ARG A 370 4.50 -21.43 -14.53
CA ARG A 370 4.08 -20.58 -15.66
C ARG A 370 2.57 -20.67 -15.91
N VAL A 371 1.93 -21.74 -15.46
CA VAL A 371 0.53 -21.95 -15.79
C VAL A 371 -0.42 -21.44 -14.71
N TRP A 372 0.00 -21.44 -13.44
CA TRP A 372 -0.93 -21.17 -12.36
C TRP A 372 -1.31 -19.71 -12.26
N ASP A 373 -0.42 -18.81 -12.67
CA ASP A 373 -0.68 -17.38 -12.89
C ASP A 373 -1.22 -16.65 -11.68
N SER A 374 -1.21 -17.28 -10.51
CA SER A 374 -1.65 -16.62 -9.29
C SER A 374 -0.44 -16.28 -8.42
N ALA A 375 -0.69 -15.52 -7.35
CA ALA A 375 0.42 -15.03 -6.54
C ALA A 375 1.02 -16.13 -5.69
N ALA A 376 0.23 -16.70 -4.77
CA ALA A 376 0.78 -17.67 -3.84
C ALA A 376 1.13 -18.98 -4.52
N CYS A 377 0.36 -19.37 -5.54
CA CYS A 377 0.68 -20.60 -6.28
C CYS A 377 2.05 -20.49 -6.94
N LYS A 378 2.24 -19.46 -7.75
CA LYS A 378 3.53 -19.23 -8.38
C LYS A 378 4.63 -19.11 -7.33
N ALA A 379 4.33 -18.46 -6.21
CA ALA A 379 5.33 -18.26 -5.17
C ALA A 379 5.81 -19.59 -4.62
N TRP A 380 4.88 -20.47 -4.24
CA TRP A 380 5.27 -21.77 -3.72
C TRP A 380 5.99 -22.60 -4.76
N LEU A 381 5.52 -22.57 -6.01
CA LEU A 381 6.16 -23.37 -7.05
C LEU A 381 7.59 -22.91 -7.30
N LEU A 382 7.83 -21.60 -7.27
CA LEU A 382 9.20 -21.11 -7.44
C LEU A 382 10.05 -21.44 -6.22
N GLY A 383 9.53 -21.15 -5.03
CA GLY A 383 10.27 -21.41 -3.80
C GLY A 383 10.44 -22.87 -3.47
N HIS A 384 9.88 -23.78 -4.27
CA HIS A 384 10.18 -25.19 -4.10
C HIS A 384 11.68 -25.43 -4.01
N SER A 385 12.43 -24.95 -5.00
CA SER A 385 13.87 -25.19 -5.03
C SER A 385 14.57 -24.53 -3.86
N TYR A 386 14.08 -23.37 -3.43
CA TYR A 386 14.69 -22.69 -2.28
C TYR A 386 14.52 -23.50 -1.00
N LEU A 387 13.28 -23.92 -0.73
CA LEU A 387 13.03 -24.75 0.44
C LEU A 387 13.79 -26.07 0.35
N LEU A 388 13.92 -26.59 -0.87
CA LEU A 388 14.70 -27.81 -1.08
C LEU A 388 16.15 -27.60 -0.69
N ALA A 389 16.74 -26.49 -1.12
CA ALA A 389 18.12 -26.19 -0.75
C ALA A 389 18.27 -26.11 0.76
N VAL A 390 17.38 -25.36 1.42
CA VAL A 390 17.50 -25.19 2.86
C VAL A 390 17.31 -26.53 3.59
N ALA A 391 16.39 -27.35 3.11
CA ALA A 391 16.14 -28.64 3.76
C ALA A 391 17.31 -29.58 3.57
N LEU A 392 17.87 -29.63 2.37
CA LEU A 392 19.08 -30.43 2.16
C LEU A 392 20.20 -29.95 3.04
N LEU A 393 20.32 -28.63 3.22
CA LEU A 393 21.37 -28.09 4.06
C LEU A 393 21.22 -28.54 5.51
N VAL A 394 20.01 -28.40 6.06
CA VAL A 394 19.81 -28.77 7.45
C VAL A 394 19.94 -30.27 7.64
N ALA A 395 19.49 -31.06 6.66
CA ALA A 395 19.65 -32.51 6.75
C ALA A 395 21.12 -32.90 6.68
N PHE A 396 21.92 -32.17 5.90
CA PHE A 396 23.34 -32.46 5.82
C PHE A 396 24.03 -32.13 7.13
N VAL A 397 23.75 -30.96 7.69
CA VAL A 397 24.41 -30.60 8.94
C VAL A 397 23.94 -31.50 10.08
N ILE A 398 22.71 -32.00 10.03
CA ILE A 398 22.30 -33.05 10.96
C ILE A 398 23.02 -34.35 10.60
N GLY A 399 23.12 -34.65 9.31
CA GLY A 399 23.75 -35.85 8.82
C GLY A 399 25.27 -35.88 8.91
N ASP A 400 25.88 -34.92 9.61
CA ASP A 400 27.32 -34.91 9.86
C ASP A 400 28.11 -34.86 8.56
N ARG A 401 27.60 -34.07 7.61
CA ARG A 401 28.28 -33.86 6.34
C ARG A 401 28.53 -32.37 6.15
N TYR A 402 29.74 -32.04 5.72
CA TYR A 402 30.06 -30.64 5.48
C TYR A 402 30.75 -30.37 4.16
N GLN A 403 31.40 -31.35 3.54
CA GLN A 403 31.92 -31.15 2.19
C GLN A 403 30.82 -30.99 1.15
N ALA A 404 29.56 -31.24 1.53
CA ALA A 404 28.43 -31.02 0.66
C ALA A 404 27.45 -29.98 1.19
N ALA A 405 27.45 -29.74 2.50
CA ALA A 405 26.65 -28.64 3.04
C ALA A 405 27.08 -27.32 2.42
N LEU A 406 28.38 -27.10 2.28
CA LEU A 406 28.86 -25.94 1.55
C LEU A 406 28.36 -25.96 0.11
N TRP A 407 28.26 -27.14 -0.49
CA TRP A 407 27.72 -27.23 -1.85
C TRP A 407 26.24 -26.87 -1.88
N ALA A 408 25.48 -27.28 -0.86
CA ALA A 408 24.08 -26.87 -0.77
C ALA A 408 23.97 -25.36 -0.63
N LEU A 409 24.83 -24.76 0.21
CA LEU A 409 24.83 -23.30 0.34
C LEU A 409 25.17 -22.64 -0.98
N ALA A 410 26.10 -23.23 -1.74
CA ALA A 410 26.46 -22.65 -3.03
C ALA A 410 25.32 -22.75 -4.03
N ALA A 411 24.58 -23.86 -4.00
CA ALA A 411 23.41 -23.98 -4.85
C ALA A 411 22.36 -22.94 -4.46
N LEU A 412 22.13 -22.77 -3.16
CA LEU A 412 21.24 -21.72 -2.70
C LEU A 412 21.73 -20.34 -3.16
N ALA A 413 23.05 -20.16 -3.22
CA ALA A 413 23.59 -18.89 -3.70
C ALA A 413 23.30 -18.69 -5.17
N VAL A 414 23.47 -19.73 -5.98
CA VAL A 414 23.12 -19.62 -7.40
C VAL A 414 21.64 -19.33 -7.55
N LEU A 415 20.82 -19.90 -6.68
CA LEU A 415 19.38 -19.68 -6.78
C LEU A 415 19.00 -18.25 -6.43
N VAL A 416 19.53 -17.74 -5.32
CA VAL A 416 19.24 -16.35 -4.98
C VAL A 416 19.85 -15.41 -6.01
N LEU A 417 20.94 -15.83 -6.67
CA LEU A 417 21.54 -15.02 -7.71
C LEU A 417 20.64 -14.94 -8.93
N VAL A 418 20.04 -16.07 -9.34
CA VAL A 418 19.13 -16.00 -10.48
C VAL A 418 17.88 -15.22 -10.09
N TRP A 419 17.44 -15.34 -8.84
CA TRP A 419 16.34 -14.49 -8.36
C TRP A 419 16.69 -13.00 -8.51
N ILE A 420 17.88 -12.63 -8.06
CA ILE A 420 18.32 -11.23 -8.14
C ILE A 420 18.36 -10.78 -9.59
N VAL A 421 19.00 -11.55 -10.46
CA VAL A 421 19.16 -11.13 -11.84
C VAL A 421 17.81 -11.09 -12.55
N ALA A 422 16.83 -11.87 -12.09
CA ALA A 422 15.49 -11.75 -12.63
C ALA A 422 14.83 -10.47 -12.15
N ALA A 423 15.01 -10.14 -10.87
CA ALA A 423 14.39 -8.93 -10.33
C ALA A 423 14.97 -7.67 -10.98
N LEU A 424 16.27 -7.67 -11.24
CA LEU A 424 16.90 -6.49 -11.82
C LEU A 424 16.48 -6.29 -13.26
N ASN A 425 16.76 -7.26 -14.12
CA ASN A 425 16.38 -7.19 -15.52
C ASN A 425 15.24 -8.15 -15.78
N PRO A 426 14.03 -7.67 -16.05
CA PRO A 426 12.90 -8.58 -16.30
C PRO A 426 13.06 -9.32 -17.63
N LYS A 427 13.98 -10.27 -17.66
CA LYS A 427 14.30 -11.02 -18.87
C LYS A 427 13.98 -12.51 -18.75
N ILE A 428 14.45 -13.16 -17.69
CA ILE A 428 14.30 -14.61 -17.57
C ILE A 428 12.87 -14.97 -17.21
N ALA A 429 12.27 -14.27 -16.25
CA ALA A 429 10.93 -14.59 -15.77
C ALA A 429 9.84 -13.84 -16.53
N SER A 430 10.19 -13.12 -17.59
CA SER A 430 9.21 -12.47 -18.45
C SER A 430 8.79 -13.42 -19.55
N PRO A 431 7.59 -14.00 -19.48
CA PRO A 431 7.21 -15.05 -20.42
C PRO A 431 6.85 -14.53 -21.81
N ASP A 432 7.13 -13.25 -22.06
CA ASP A 432 6.78 -12.64 -23.34
C ASP A 432 7.97 -12.52 -24.29
N THR A 433 9.12 -12.06 -23.80
CA THR A 433 10.27 -11.88 -24.67
C THR A 433 11.02 -13.17 -24.91
N TYR A 434 10.30 -14.21 -25.32
CA TYR A 434 10.87 -15.52 -25.64
C TYR A 434 10.52 -15.86 -27.08
N SER A 435 10.87 -17.09 -27.48
CA SER A 435 10.59 -17.60 -28.81
C SER A 435 9.46 -18.63 -28.72
N LEU A 436 8.45 -18.45 -29.58
CA LEU A 436 7.36 -19.43 -29.66
C LEU A 436 7.86 -20.86 -29.86
N PRO A 437 8.82 -21.13 -30.75
CA PRO A 437 9.42 -22.48 -30.75
C PRO A 437 10.10 -22.82 -29.43
N MET A 438 10.78 -21.85 -28.81
CA MET A 438 11.39 -22.10 -27.51
C MET A 438 10.33 -22.31 -26.43
N ARG A 439 9.22 -21.59 -26.50
CA ARG A 439 8.13 -21.81 -25.55
C ARG A 439 7.56 -23.21 -25.69
N ARG A 440 7.31 -23.63 -26.94
CA ARG A 440 6.84 -24.99 -27.19
C ARG A 440 7.84 -26.02 -26.66
N MET A 441 9.13 -25.81 -26.93
CA MET A 441 10.14 -26.76 -26.47
C MET A 441 10.22 -26.81 -24.95
N VAL A 442 10.02 -25.66 -24.27
CA VAL A 442 10.07 -25.64 -22.82
C VAL A 442 8.87 -26.40 -22.24
N GLY A 443 7.68 -26.11 -22.74
CA GLY A 443 6.51 -26.85 -22.30
C GLY A 443 6.64 -28.35 -22.56
N PHE A 444 7.21 -28.70 -23.71
CA PHE A 444 7.39 -30.11 -24.06
C PHE A 444 8.40 -30.78 -23.15
N LEU A 445 9.53 -30.13 -22.91
CA LEU A 445 10.54 -30.67 -22.01
C LEU A 445 9.98 -30.86 -20.61
N ALA A 446 9.21 -29.89 -20.12
CA ALA A 446 8.60 -30.02 -18.79
C ALA A 446 7.64 -31.20 -18.75
N THR A 447 6.74 -31.28 -19.74
CA THR A 447 5.77 -32.36 -19.80
C THR A 447 6.45 -33.72 -19.94
N GLY A 448 7.65 -33.76 -20.51
CA GLY A 448 8.37 -35.00 -20.64
C GLY A 448 9.16 -35.37 -19.41
N LEU A 449 9.71 -34.38 -18.72
CA LEU A 449 10.60 -34.62 -17.59
C LEU A 449 9.86 -34.84 -16.28
N ASP A 450 8.75 -34.14 -16.05
CA ASP A 450 8.02 -34.35 -14.80
C ASP A 450 7.60 -35.80 -14.64
N ALA A 451 7.15 -36.41 -15.73
CA ALA A 451 6.79 -37.83 -15.71
C ALA A 451 7.97 -38.75 -15.96
N SER A 452 9.13 -38.21 -16.33
CA SER A 452 10.29 -39.03 -16.66
C SER A 452 10.91 -39.71 -15.45
N LEU A 453 10.36 -39.50 -14.26
CA LEU A 453 10.97 -40.03 -13.05
C LEU A 453 10.42 -41.39 -12.63
N ILE A 454 9.21 -41.76 -13.04
CA ILE A 454 8.67 -43.06 -12.66
C ILE A 454 9.47 -44.22 -13.28
N PRO A 455 10.04 -44.10 -14.51
CA PRO A 455 10.91 -45.19 -14.96
C PRO A 455 12.16 -45.34 -14.11
N VAL A 456 12.88 -44.24 -13.86
CA VAL A 456 14.04 -44.30 -12.99
C VAL A 456 13.60 -44.57 -11.56
N MET A 457 12.36 -44.22 -11.21
CA MET A 457 11.81 -44.61 -9.92
C MET A 457 11.83 -46.12 -9.76
N ALA A 458 11.23 -46.83 -10.72
CA ALA A 458 11.21 -48.29 -10.65
C ALA A 458 12.61 -48.87 -10.77
N LEU A 459 13.47 -48.25 -11.58
CA LEU A 459 14.83 -48.74 -11.75
C LEU A 459 15.64 -48.59 -10.46
N LEU A 460 15.34 -47.57 -9.65
CA LEU A 460 16.05 -47.36 -8.40
C LEU A 460 15.50 -48.24 -7.29
N VAL A 461 14.17 -48.27 -7.14
CA VAL A 461 13.59 -49.06 -6.05
C VAL A 461 13.67 -50.55 -6.33
N GLY A 462 13.91 -50.95 -7.57
CA GLY A 462 14.04 -52.36 -7.89
C GLY A 462 12.74 -53.13 -7.80
N LEU A 463 11.62 -52.45 -7.67
CA LEU A 463 10.33 -53.15 -7.54
C LEU A 463 9.95 -53.84 -8.83
N PHE A 464 10.47 -53.39 -9.96
CA PHE A 464 10.22 -54.00 -11.27
C PHE A 464 11.46 -54.70 -11.79
N SER A 465 12.20 -55.35 -10.90
CA SER A 465 13.34 -56.19 -11.27
C SER A 465 13.09 -57.66 -10.96
N LEU A 466 11.82 -58.05 -10.83
CA LEU A 466 11.46 -59.42 -10.47
C LEU A 466 11.77 -60.39 -11.61
N PRO B 3 -28.88 37.62 -32.44
CA PRO B 3 -29.03 36.66 -33.54
C PRO B 3 -27.73 35.96 -33.90
N ILE B 4 -26.68 36.25 -33.16
CA ILE B 4 -25.36 35.67 -33.39
C ILE B 4 -24.82 35.12 -32.08
N VAL B 5 -24.00 34.07 -32.18
CA VAL B 5 -23.46 33.40 -31.00
C VAL B 5 -21.99 33.10 -31.26
N ARG B 6 -21.15 33.36 -30.28
CA ARG B 6 -19.70 33.23 -30.42
C ARG B 6 -19.24 31.96 -29.73
N VAL B 7 -18.83 30.96 -30.52
CA VAL B 7 -18.45 29.66 -29.99
C VAL B 7 -17.06 29.29 -30.46
N ALA B 8 -16.48 28.32 -29.76
CA ALA B 8 -15.19 27.75 -30.13
C ALA B 8 -15.45 26.45 -30.88
N VAL B 9 -15.14 26.44 -32.17
CA VAL B 9 -15.28 25.24 -32.97
C VAL B 9 -13.94 24.54 -33.04
N LEU B 10 -13.99 23.23 -33.25
CA LEU B 10 -12.83 22.37 -33.11
C LEU B 10 -12.72 21.44 -34.30
N ALA B 11 -11.52 21.36 -34.86
CA ALA B 11 -11.26 20.48 -35.99
C ALA B 11 -9.79 20.11 -36.10
N GLY B 16 -5.90 19.86 -37.64
CA GLY B 16 -4.46 19.98 -37.40
C GLY B 16 -4.07 19.71 -35.97
N GLY B 17 -5.06 19.61 -35.08
CA GLY B 17 -4.81 19.35 -33.69
C GLY B 17 -5.01 20.56 -32.80
N ARG B 18 -6.01 21.38 -33.12
CA ARG B 18 -6.27 22.60 -32.38
C ARG B 18 -7.72 23.03 -32.63
N LEU B 19 -8.08 24.18 -32.07
CA LEU B 19 -9.44 24.69 -32.16
C LEU B 19 -9.39 26.18 -32.50
N THR B 20 -10.40 26.65 -33.21
CA THR B 20 -10.52 28.06 -33.53
C THR B 20 -11.80 28.61 -32.89
N GLU B 21 -11.89 29.94 -32.86
CA GLU B 21 -12.88 30.64 -32.04
C GLU B 21 -13.60 31.66 -32.92
N MET B 22 -14.84 31.36 -33.29
CA MET B 22 -15.54 32.19 -34.28
C MET B 22 -16.98 32.40 -33.86
N ALA B 23 -17.58 33.45 -34.42
CA ALA B 23 -19.00 33.72 -34.24
C ALA B 23 -19.78 33.14 -35.41
N LEU B 24 -20.99 32.68 -35.12
CA LEU B 24 -21.86 32.02 -36.07
C LEU B 24 -23.28 32.55 -35.93
N PRO B 25 -24.02 32.64 -37.03
CA PRO B 25 -25.43 32.98 -36.93
C PRO B 25 -26.19 31.91 -36.17
N SER B 26 -27.33 32.30 -35.59
CA SER B 26 -28.13 31.40 -34.78
C SER B 26 -29.47 31.07 -35.43
N GLU B 27 -30.26 32.07 -35.81
CA GLU B 27 -31.55 31.84 -36.45
C GLU B 27 -31.30 31.48 -37.91
N LEU B 28 -30.91 30.23 -38.12
CA LEU B 28 -30.55 29.77 -39.46
C LEU B 28 -30.36 28.26 -39.48
N PRO B 29 -30.72 27.59 -40.57
CA PRO B 29 -30.40 26.17 -40.68
C PRO B 29 -28.89 25.95 -40.81
N LEU B 30 -28.42 24.83 -40.27
CA LEU B 30 -27.00 24.51 -40.37
C LEU B 30 -26.58 24.22 -41.81
N ARG B 31 -27.54 23.97 -42.70
CA ARG B 31 -27.22 23.66 -44.09
C ARG B 31 -26.26 24.68 -44.68
N GLU B 32 -26.65 25.95 -44.67
CA GLU B 32 -25.80 27.02 -45.19
C GLU B 32 -24.78 27.51 -44.19
N ILE B 33 -24.67 26.88 -43.02
CA ILE B 33 -23.72 27.31 -42.01
C ILE B 33 -22.41 26.58 -42.22
N LEU B 34 -22.47 25.25 -42.23
CA LEU B 34 -21.27 24.42 -42.27
C LEU B 34 -20.29 24.75 -43.39
N PRO B 35 -20.71 25.04 -44.64
CA PRO B 35 -19.72 25.36 -45.68
C PRO B 35 -18.79 26.50 -45.30
N ALA B 36 -19.38 27.66 -45.00
CA ALA B 36 -18.56 28.82 -44.63
C ALA B 36 -17.71 28.52 -43.41
N VAL B 37 -18.24 27.74 -42.47
CA VAL B 37 -17.45 27.32 -41.32
C VAL B 37 -16.19 26.61 -41.78
N GLN B 38 -16.34 25.64 -42.67
CA GLN B 38 -15.16 25.03 -43.29
C GLN B 38 -14.30 26.07 -43.96
N ARG B 39 -14.93 27.00 -44.68
CA ARG B 39 -14.23 28.06 -45.40
C ARG B 39 -13.55 29.01 -44.44
N ILE B 40 -13.72 28.78 -43.14
CA ILE B 40 -12.98 29.46 -42.10
C ILE B 40 -12.01 28.53 -41.38
N VAL B 41 -12.41 27.28 -41.18
CA VAL B 41 -11.54 26.35 -40.48
C VAL B 41 -10.41 25.89 -41.40
N GLN B 42 -10.69 25.76 -42.69
CA GLN B 42 -9.69 25.29 -43.63
C GLN B 42 -8.88 26.46 -44.19
N VAL B 60 -18.69 12.67 -47.50
CA VAL B 60 -18.69 12.93 -46.06
C VAL B 60 -19.77 13.95 -45.71
N ARG B 61 -20.43 13.72 -44.58
CA ARG B 61 -21.51 14.57 -44.09
C ARG B 61 -21.09 15.12 -42.73
N LEU B 62 -20.58 16.34 -42.72
CA LEU B 62 -20.02 16.95 -41.52
C LEU B 62 -21.03 17.90 -40.89
N SER B 63 -20.94 18.04 -39.57
CA SER B 63 -21.81 18.93 -38.81
C SER B 63 -21.16 19.23 -37.47
N LEU B 64 -21.71 20.24 -36.78
CA LEU B 64 -21.20 20.67 -35.49
C LEU B 64 -21.91 19.91 -34.38
N ALA B 65 -21.13 19.38 -33.43
CA ALA B 65 -21.66 18.57 -32.36
C ALA B 65 -21.03 18.98 -31.03
N PRO B 66 -21.81 18.99 -29.95
CA PRO B 66 -21.22 19.24 -28.63
C PRO B 66 -20.34 18.08 -28.21
N ILE B 67 -19.53 18.33 -27.18
CA ILE B 67 -18.61 17.31 -26.70
C ILE B 67 -19.40 16.17 -26.07
N GLY B 68 -19.17 14.95 -26.56
CA GLY B 68 -19.85 13.79 -26.04
C GLY B 68 -21.35 13.83 -26.23
N GLY B 69 -21.79 14.19 -27.43
CA GLY B 69 -23.20 14.25 -27.74
C GLY B 69 -23.47 13.89 -29.17
N ALA B 70 -24.72 13.57 -29.44
CA ALA B 70 -25.14 13.28 -30.80
C ALA B 70 -25.11 14.57 -31.62
N PRO B 71 -24.55 14.54 -32.83
CA PRO B 71 -24.51 15.76 -33.65
C PRO B 71 -25.89 16.38 -33.81
N PHE B 72 -25.90 17.70 -33.98
CA PHE B 72 -27.15 18.42 -34.11
C PHE B 72 -27.88 17.98 -35.37
N SER B 73 -29.20 18.08 -35.33
CA SER B 73 -30.01 17.82 -36.51
C SER B 73 -29.63 18.79 -37.62
N LEU B 74 -29.30 18.23 -38.78
CA LEU B 74 -28.74 19.02 -39.88
C LEU B 74 -29.63 20.19 -40.29
N ASP B 75 -30.93 20.15 -39.97
CA ASP B 75 -31.87 21.14 -40.46
C ASP B 75 -32.57 21.85 -39.31
N ALA B 76 -31.80 22.28 -38.32
CA ALA B 76 -32.32 23.08 -37.22
C ALA B 76 -31.47 24.34 -37.05
N THR B 77 -31.74 25.07 -35.98
CA THR B 77 -31.02 26.30 -35.66
C THR B 77 -30.25 26.13 -34.36
N LEU B 78 -29.09 26.81 -34.28
CA LEU B 78 -28.31 26.78 -33.05
C LEU B 78 -29.13 27.23 -31.86
N ASP B 79 -30.05 28.18 -32.06
CA ASP B 79 -30.86 28.67 -30.96
C ASP B 79 -31.82 27.60 -30.46
N THR B 80 -32.50 26.89 -31.37
CA THR B 80 -33.52 25.94 -30.95
C THR B 80 -32.92 24.73 -30.24
N VAL B 81 -31.65 24.40 -30.49
CA VAL B 81 -31.05 23.27 -29.80
C VAL B 81 -30.51 23.67 -28.44
N GLY B 82 -30.26 24.95 -28.21
CA GLY B 82 -29.84 25.43 -26.90
C GLY B 82 -28.34 25.43 -26.69
N VAL B 83 -27.60 26.02 -27.62
CA VAL B 83 -26.16 26.20 -27.46
C VAL B 83 -25.92 27.65 -27.04
N VAL B 84 -25.63 27.85 -25.76
CA VAL B 84 -25.44 29.21 -25.25
C VAL B 84 -24.12 29.78 -25.73
N ASP B 85 -24.00 31.09 -25.63
CA ASP B 85 -22.80 31.79 -26.07
C ASP B 85 -21.60 31.33 -25.26
N GLY B 86 -20.54 30.91 -25.95
CA GLY B 86 -19.33 30.49 -25.30
C GLY B 86 -19.16 28.99 -25.12
N ASP B 87 -20.03 28.18 -25.72
CA ASP B 87 -19.87 26.74 -25.65
C ASP B 87 -18.74 26.30 -26.57
N LEU B 88 -18.51 24.99 -26.63
CA LEU B 88 -17.48 24.41 -27.48
C LEU B 88 -18.11 23.33 -28.35
N LEU B 89 -17.96 23.47 -29.66
CA LEU B 89 -18.52 22.53 -30.61
C LEU B 89 -17.42 22.01 -31.53
N ALA B 90 -17.46 20.73 -31.85
CA ALA B 90 -16.49 20.11 -32.73
C ALA B 90 -17.15 19.72 -34.04
N LEU B 91 -16.41 19.87 -35.13
CA LEU B 91 -16.91 19.50 -36.45
C LEU B 91 -16.60 18.03 -36.70
N GLN B 92 -17.65 17.21 -36.76
CA GLN B 92 -17.47 15.78 -36.94
C GLN B 92 -18.54 15.25 -37.88
N ALA B 93 -18.33 14.01 -38.33
CA ALA B 93 -19.21 13.42 -39.31
C ALA B 93 -20.58 13.09 -38.71
N VAL B 94 -21.54 12.84 -39.59
CA VAL B 94 -22.90 12.49 -39.19
C VAL B 94 -22.98 10.96 -39.07
N PRO B 95 -23.25 10.42 -37.89
CA PRO B 95 -23.39 8.96 -37.77
C PRO B 95 -24.55 8.46 -38.59
N SER B 96 -24.31 7.40 -39.36
CA SER B 96 -25.31 6.84 -40.27
C SER B 96 -26.28 5.95 -39.51
N GLY B 97 -27.18 6.60 -38.78
CA GLY B 97 -28.24 5.88 -38.09
C GLY B 97 -28.68 6.50 -36.78
N PRO B 98 -28.65 5.69 -35.72
CA PRO B 98 -29.29 6.09 -34.47
C PRO B 98 -28.41 7.05 -33.68
N PRO B 99 -28.93 7.63 -32.60
CA PRO B 99 -28.15 8.58 -31.79
C PRO B 99 -27.40 7.98 -30.60
N ALA B 100 -27.52 6.67 -30.34
CA ALA B 100 -26.81 6.03 -29.23
C ALA B 100 -27.11 6.72 -27.89
N PRO B 101 -28.28 6.50 -27.30
CA PRO B 101 -28.68 7.26 -26.10
C PRO B 101 -27.81 7.06 -24.87
N ARG B 102 -26.72 6.31 -25.01
CA ARG B 102 -25.66 6.19 -23.99
C ARG B 102 -26.24 5.84 -22.61
N ILE B 103 -26.82 4.64 -22.55
CA ILE B 103 -27.40 4.16 -21.30
C ILE B 103 -26.34 4.05 -20.23
N VAL B 104 -26.62 4.65 -19.07
CA VAL B 104 -25.74 4.60 -17.91
C VAL B 104 -26.23 3.50 -16.97
N GLU B 105 -25.30 2.70 -16.45
CA GLU B 105 -25.61 1.71 -15.44
C GLU B 105 -25.11 2.19 -14.09
N ASP B 106 -25.85 1.86 -13.04
CA ASP B 106 -25.55 2.32 -11.70
C ASP B 106 -24.57 1.38 -11.00
N ILE B 107 -23.85 1.94 -10.02
CA ILE B 107 -22.90 1.19 -9.21
C ILE B 107 -23.05 1.63 -7.77
N ALA B 108 -22.62 0.78 -6.85
CA ALA B 108 -22.82 1.01 -5.43
C ALA B 108 -21.54 1.31 -4.66
N ASP B 109 -20.49 0.52 -4.86
CA ASP B 109 -19.29 0.55 -4.04
C ASP B 109 -18.04 0.60 -4.90
N ALA B 110 -18.00 1.56 -5.84
CA ALA B 110 -16.90 1.70 -6.77
C ALA B 110 -15.53 1.69 -6.09
N ALA B 111 -15.47 2.05 -4.81
CA ALA B 111 -14.22 1.97 -4.06
C ALA B 111 -13.59 0.58 -4.12
N VAL B 112 -14.37 -0.45 -4.42
CA VAL B 112 -13.81 -1.78 -4.56
C VAL B 112 -13.00 -1.91 -5.84
N ILE B 113 -13.54 -1.37 -6.95
CA ILE B 113 -12.84 -1.44 -8.23
C ILE B 113 -11.41 -0.91 -8.10
N PHE B 114 -11.26 0.23 -7.42
CA PHE B 114 -9.93 0.75 -7.14
C PHE B 114 -9.06 -0.32 -6.48
N SER B 115 -9.52 -0.86 -5.35
CA SER B 115 -8.78 -1.90 -4.65
C SER B 115 -8.49 -3.11 -5.54
N GLU B 116 -9.24 -3.26 -6.64
CA GLU B 116 -8.89 -4.29 -7.61
C GLU B 116 -7.63 -3.91 -8.37
N ALA B 117 -7.63 -2.74 -9.01
CA ALA B 117 -6.46 -2.33 -9.79
C ALA B 117 -5.25 -2.11 -8.91
N ARG B 118 -5.45 -1.67 -7.66
CA ARG B 118 -4.33 -1.54 -6.73
C ARG B 118 -3.69 -2.88 -6.46
N ARG B 119 -4.49 -3.94 -6.35
CA ARG B 119 -3.95 -5.29 -6.16
C ARG B 119 -3.51 -5.85 -7.51
N ARG B 120 -2.40 -5.31 -8.00
CA ARG B 120 -1.84 -5.73 -9.27
C ARG B 120 -1.45 -7.21 -9.23
N GLN B 121 -1.19 -7.75 -10.40
CA GLN B 121 -0.95 -9.18 -10.56
C GLN B 121 0.48 -9.51 -10.14
N TRP B 122 0.92 -10.73 -10.48
CA TRP B 122 2.25 -11.21 -10.12
C TRP B 122 3.32 -10.27 -10.67
N GLY B 123 3.43 -10.18 -12.00
CA GLY B 123 4.34 -9.27 -12.65
C GLY B 123 5.75 -9.32 -12.12
N PRO B 124 6.49 -8.21 -12.28
CA PRO B 124 7.83 -8.12 -11.70
C PRO B 124 7.87 -7.51 -10.31
N THR B 125 6.76 -6.96 -9.83
CA THR B 125 6.76 -6.33 -8.52
C THR B 125 7.02 -7.34 -7.42
N HIS B 126 6.28 -8.45 -7.42
CA HIS B 126 6.51 -9.51 -6.43
C HIS B 126 7.89 -10.11 -6.56
N ILE B 127 8.51 -10.03 -7.75
CA ILE B 127 9.86 -10.55 -7.91
C ILE B 127 10.83 -9.82 -7.01
N ALA B 128 10.59 -8.52 -6.77
CA ALA B 128 11.49 -7.75 -5.91
C ALA B 128 11.44 -8.25 -4.47
N ARG B 129 10.23 -8.39 -3.91
CA ARG B 129 10.10 -8.93 -2.56
C ARG B 129 10.64 -10.35 -2.49
N GLY B 130 10.43 -11.13 -3.55
CA GLY B 130 10.99 -12.48 -3.57
C GLY B 130 12.51 -12.48 -3.48
N ALA B 131 13.15 -11.65 -4.30
CA ALA B 131 14.61 -11.57 -4.27
C ALA B 131 15.11 -11.07 -2.93
N ALA B 132 14.43 -10.09 -2.34
CA ALA B 132 14.84 -9.56 -1.05
C ALA B 132 14.77 -10.64 0.02
N LEU B 133 13.63 -11.34 0.11
CA LEU B 133 13.49 -12.41 1.09
C LEU B 133 14.49 -13.52 0.83
N ALA B 134 14.79 -13.80 -0.44
CA ALA B 134 15.76 -14.83 -0.76
C ALA B 134 17.15 -14.45 -0.26
N LEU B 135 17.53 -13.19 -0.43
CA LEU B 135 18.84 -12.75 0.06
C LEU B 135 18.88 -12.77 1.58
N ILE B 136 17.80 -12.34 2.23
CA ILE B 136 17.71 -12.43 3.70
C ILE B 136 17.95 -13.86 4.14
N GLY B 137 17.19 -14.79 3.55
CA GLY B 137 17.33 -16.19 3.93
C GLY B 137 18.71 -16.73 3.65
N LEU B 138 19.30 -16.33 2.52
CA LEU B 138 20.65 -16.79 2.19
C LEU B 138 21.64 -16.37 3.26
N ILE B 139 21.62 -15.09 3.65
CA ILE B 139 22.55 -14.61 4.66
C ILE B 139 22.32 -15.33 5.98
N LEU B 140 21.05 -15.50 6.36
CA LEU B 140 20.76 -16.14 7.63
C LEU B 140 21.24 -17.59 7.65
N VAL B 141 20.97 -18.34 6.57
CA VAL B 141 21.34 -19.75 6.57
C VAL B 141 22.85 -19.90 6.45
N GLY B 142 23.51 -18.98 5.74
CA GLY B 142 24.96 -19.02 5.71
C GLY B 142 25.56 -18.83 7.09
N THR B 143 25.09 -17.81 7.81
CA THR B 143 25.54 -17.59 9.18
C THR B 143 25.29 -18.82 10.03
N GLY B 144 24.10 -19.42 9.92
CA GLY B 144 23.75 -20.58 10.71
C GLY B 144 24.65 -21.78 10.44
N LEU B 145 24.74 -22.19 9.18
CA LEU B 145 25.62 -23.29 8.81
C LEU B 145 27.04 -23.04 9.28
N SER B 146 27.54 -21.82 9.10
CA SER B 146 28.92 -21.54 9.42
C SER B 146 29.17 -21.59 10.93
N VAL B 147 28.25 -21.02 11.72
CA VAL B 147 28.45 -21.04 13.17
C VAL B 147 28.31 -22.47 13.68
N ALA B 148 27.46 -23.28 13.06
CA ALA B 148 27.37 -24.68 13.44
C ALA B 148 28.68 -25.41 13.16
N HIS B 149 29.23 -25.20 11.96
CA HIS B 149 30.52 -25.80 11.65
C HIS B 149 31.60 -25.35 12.61
N ARG B 150 31.56 -24.09 13.04
CA ARG B 150 32.57 -23.60 13.97
C ARG B 150 32.42 -24.20 15.35
N VAL B 151 31.18 -24.26 15.87
CA VAL B 151 30.97 -24.81 17.20
C VAL B 151 31.04 -26.33 17.22
N ILE B 152 31.15 -26.98 16.07
CA ILE B 152 31.43 -28.42 16.06
C ILE B 152 32.93 -28.63 15.88
N THR B 153 33.47 -28.21 14.74
CA THR B 153 34.91 -28.24 14.51
C THR B 153 35.22 -27.17 13.49
N GLY B 154 35.74 -26.03 13.95
CA GLY B 154 35.89 -24.87 13.09
C GLY B 154 37.27 -24.70 12.49
N ASP B 155 37.36 -24.94 11.18
CA ASP B 155 38.59 -24.67 10.45
C ASP B 155 38.63 -23.18 10.09
N LEU B 156 39.64 -22.78 9.32
CA LEU B 156 39.70 -21.39 8.86
C LEU B 156 38.58 -21.08 7.87
N LEU B 157 38.05 -22.11 7.21
CA LEU B 157 37.00 -21.90 6.23
C LEU B 157 35.75 -21.32 6.89
N GLY B 158 35.42 -21.78 8.10
CA GLY B 158 34.29 -21.25 8.83
C GLY B 158 34.34 -19.75 9.01
N GLN B 159 35.35 -19.27 9.75
CA GLN B 159 35.49 -17.83 9.96
C GLN B 159 35.64 -17.08 8.66
N PHE B 160 36.32 -17.68 7.68
CA PHE B 160 36.51 -17.00 6.39
C PHE B 160 35.17 -16.74 5.71
N ILE B 161 34.31 -17.76 5.64
CA ILE B 161 33.05 -17.56 4.95
C ILE B 161 32.10 -16.70 5.77
N VAL B 162 32.19 -16.75 7.10
CA VAL B 162 31.38 -15.83 7.89
C VAL B 162 31.76 -14.39 7.57
N SER B 163 33.07 -14.09 7.62
CA SER B 163 33.52 -12.75 7.31
C SER B 163 33.16 -12.35 5.90
N GLY B 164 33.23 -13.30 4.95
CA GLY B 164 32.85 -12.99 3.59
C GLY B 164 31.39 -12.61 3.46
N ILE B 165 30.50 -13.40 4.07
CA ILE B 165 29.08 -13.09 4.04
C ILE B 165 28.81 -11.75 4.69
N ALA B 166 29.46 -11.49 5.83
CA ALA B 166 29.23 -10.24 6.54
C ALA B 166 29.68 -9.05 5.71
N LEU B 167 30.88 -9.13 5.15
CA LEU B 167 31.35 -8.05 4.29
C LEU B 167 30.45 -7.85 3.10
N ALA B 168 29.97 -8.95 2.51
CA ALA B 168 29.09 -8.85 1.35
C ALA B 168 27.80 -8.11 1.70
N THR B 169 27.16 -8.50 2.80
CA THR B 169 25.89 -7.86 3.14
C THR B 169 26.09 -6.43 3.60
N VAL B 170 27.21 -6.13 4.28
CA VAL B 170 27.41 -4.76 4.73
C VAL B 170 27.77 -3.85 3.56
N ILE B 171 28.42 -4.39 2.53
CA ILE B 171 28.67 -3.60 1.33
C ILE B 171 27.39 -3.39 0.55
N ALA B 172 26.57 -4.46 0.43
CA ALA B 172 25.30 -4.33 -0.27
C ALA B 172 24.39 -3.33 0.43
N ALA B 173 24.47 -3.25 1.75
CA ALA B 173 23.70 -2.25 2.47
C ALA B 173 24.08 -0.84 2.05
N LEU B 174 25.37 -0.57 1.94
CA LEU B 174 25.85 0.73 1.45
C LEU B 174 25.81 0.82 -0.06
N ALA B 175 25.35 -0.22 -0.75
CA ALA B 175 25.21 -0.20 -2.20
C ALA B 175 23.82 0.22 -2.65
N VAL B 176 22.80 -0.03 -1.83
CA VAL B 176 21.44 0.38 -2.13
C VAL B 176 20.98 1.48 -1.17
N ARG B 177 21.94 2.19 -0.56
CA ARG B 177 21.60 3.20 0.44
C ARG B 177 20.72 4.29 -0.13
N ASN B 178 21.03 4.77 -1.33
CA ASN B 178 20.27 5.84 -1.96
C ASN B 178 19.44 5.36 -3.15
N ARG B 179 19.41 4.05 -3.42
CA ARG B 179 18.63 3.51 -4.51
C ARG B 179 17.27 2.98 -4.07
N SER B 180 17.16 2.45 -2.86
CA SER B 180 15.92 1.84 -2.38
C SER B 180 15.35 2.56 -1.18
N ALA B 181 16.14 2.80 -0.15
CA ALA B 181 15.73 3.38 1.13
C ALA B 181 14.75 2.50 1.88
N VAL B 182 14.44 1.31 1.36
CA VAL B 182 13.59 0.34 2.05
C VAL B 182 14.36 -0.96 2.14
N LEU B 183 14.88 -1.43 1.00
CA LEU B 183 15.78 -2.58 1.02
C LEU B 183 17.05 -2.24 1.80
N ALA B 184 17.46 -0.98 1.78
CA ALA B 184 18.67 -0.57 2.48
C ALA B 184 18.58 -0.88 3.98
N THR B 185 17.52 -0.37 4.63
CA THR B 185 17.40 -0.56 6.07
C THR B 185 17.19 -2.03 6.42
N SER B 186 16.46 -2.77 5.57
CA SER B 186 16.24 -4.19 5.85
C SER B 186 17.55 -4.96 5.78
N LEU B 187 18.35 -4.70 4.74
CA LEU B 187 19.64 -5.35 4.63
C LEU B 187 20.55 -4.96 5.79
N ALA B 188 20.53 -3.69 6.18
CA ALA B 188 21.34 -3.27 7.31
C ALA B 188 20.92 -3.98 8.60
N VAL B 189 19.62 -4.15 8.81
CA VAL B 189 19.13 -4.85 9.99
C VAL B 189 19.60 -6.29 9.99
N THR B 190 19.35 -7.00 8.89
CA THR B 190 19.73 -8.41 8.85
C THR B 190 21.24 -8.60 8.85
N ALA B 191 22.01 -7.56 8.49
CA ALA B 191 23.45 -7.71 8.43
C ALA B 191 24.10 -7.75 9.80
N LEU B 192 23.43 -7.29 10.85
CA LEU B 192 24.07 -7.27 12.16
C LEU B 192 24.09 -8.65 12.81
N VAL B 193 23.46 -9.66 12.21
CA VAL B 193 23.58 -11.03 12.70
C VAL B 193 24.89 -11.62 12.22
N PRO B 194 25.20 -11.61 10.91
CA PRO B 194 26.51 -12.16 10.49
C PRO B 194 27.68 -11.35 10.99
N VAL B 195 27.54 -10.03 11.18
CA VAL B 195 28.64 -9.25 11.74
C VAL B 195 28.93 -9.70 13.17
N ALA B 196 27.88 -9.86 13.97
CA ALA B 196 28.06 -10.36 15.33
C ALA B 196 28.68 -11.75 15.32
N ALA B 197 28.19 -12.63 14.45
CA ALA B 197 28.76 -13.98 14.36
C ALA B 197 30.24 -13.93 14.02
N ALA B 198 30.60 -13.12 13.02
CA ALA B 198 31.99 -13.02 12.60
C ALA B 198 32.88 -12.52 13.73
N PHE B 199 32.58 -11.32 14.24
CA PHE B 199 33.45 -10.74 15.26
C PHE B 199 33.44 -11.54 16.54
N ALA B 200 32.41 -12.37 16.75
CA ALA B 200 32.37 -13.22 17.94
C ALA B 200 33.42 -14.32 17.87
N LEU B 201 33.55 -14.95 16.70
CA LEU B 201 34.48 -16.07 16.53
C LEU B 201 35.64 -15.69 15.62
N GLY B 202 36.06 -14.43 15.67
CA GLY B 202 37.25 -13.99 14.95
C GLY B 202 38.52 -14.16 15.74
N VAL B 203 38.39 -14.57 17.01
CA VAL B 203 39.52 -14.71 17.91
C VAL B 203 39.56 -16.12 18.45
N PRO B 204 40.72 -16.77 18.48
CA PRO B 204 40.79 -18.14 19.02
C PRO B 204 40.50 -18.18 20.51
N GLY B 205 40.01 -19.34 20.96
CA GLY B 205 39.66 -19.51 22.35
C GLY B 205 38.29 -20.13 22.55
N ASP B 206 37.52 -19.59 23.48
CA ASP B 206 36.19 -20.10 23.77
C ASP B 206 35.11 -19.12 23.31
N ALA B 209 34.16 -14.46 28.69
CA ALA B 209 34.97 -14.55 27.48
C ALA B 209 35.16 -13.18 26.86
N PRO B 210 36.35 -12.94 26.27
CA PRO B 210 36.58 -11.68 25.57
C PRO B 210 36.01 -11.63 24.17
N ASN B 211 35.58 -12.77 23.62
CA ASN B 211 35.02 -12.78 22.28
C ASN B 211 33.75 -11.95 22.20
N VAL B 212 32.84 -12.13 23.16
CA VAL B 212 31.60 -11.39 23.17
C VAL B 212 31.86 -9.89 23.21
N LEU B 213 33.01 -9.48 23.76
CA LEU B 213 33.37 -8.06 23.72
C LEU B 213 33.54 -7.59 22.28
N LEU B 214 34.35 -8.30 21.51
CA LEU B 214 34.52 -7.95 20.09
C LEU B 214 33.20 -7.99 19.36
N ALA B 215 32.36 -8.99 19.67
CA ALA B 215 31.08 -9.12 19.00
C ALA B 215 30.19 -7.91 19.26
N ALA B 216 30.04 -7.54 20.53
CA ALA B 216 29.23 -6.38 20.89
C ALA B 216 29.82 -5.11 20.28
N ALA B 217 31.14 -4.98 20.27
CA ALA B 217 31.76 -3.81 19.67
C ALA B 217 31.39 -3.69 18.21
N GLY B 218 31.54 -4.78 17.46
CA GLY B 218 31.21 -4.75 16.04
C GLY B 218 29.73 -4.46 15.81
N VAL B 219 28.85 -5.10 16.58
CA VAL B 219 27.42 -4.92 16.33
C VAL B 219 27.00 -3.50 16.69
N ALA B 220 27.60 -2.92 17.74
CA ALA B 220 27.26 -1.55 18.09
C ALA B 220 27.80 -0.56 17.06
N ALA B 221 29.01 -0.80 16.57
CA ALA B 221 29.56 0.05 15.51
C ALA B 221 28.67 0.02 14.29
N TRP B 222 28.25 -1.17 13.87
CA TRP B 222 27.42 -1.26 12.68
C TRP B 222 26.05 -0.65 12.91
N SER B 223 25.47 -0.84 14.09
CA SER B 223 24.19 -0.23 14.40
C SER B 223 24.28 1.28 14.33
N LEU B 224 25.32 1.87 14.94
CA LEU B 224 25.50 3.31 14.87
C LEU B 224 25.68 3.79 13.44
N ILE B 225 26.53 3.11 12.67
CA ILE B 225 26.78 3.54 11.29
C ILE B 225 25.49 3.53 10.49
N SER B 226 24.69 2.47 10.65
CA SER B 226 23.42 2.39 9.93
C SER B 226 22.46 3.48 10.39
N MET B 227 22.36 3.70 11.69
CA MET B 227 21.42 4.68 12.21
C MET B 227 21.78 6.10 11.80
N ALA B 228 23.07 6.39 11.61
CA ALA B 228 23.49 7.75 11.33
C ALA B 228 23.02 8.20 9.95
N GLY B 229 23.46 7.52 8.90
CA GLY B 229 23.08 7.89 7.55
C GLY B 229 21.80 7.23 7.09
N SER B 230 20.66 7.72 7.56
CA SER B 230 19.38 7.09 7.26
C SER B 230 18.29 8.15 7.36
N PRO B 231 17.14 7.93 6.69
CA PRO B 231 16.03 8.87 6.82
C PRO B 231 15.35 8.77 8.19
N ASP B 232 14.24 9.49 8.37
CA ASP B 232 13.61 9.63 9.68
C ASP B 232 13.30 8.29 10.32
N ASP B 233 12.44 7.49 9.69
CA ASP B 233 12.16 6.15 10.17
C ASP B 233 12.93 5.14 9.31
N ARG B 234 12.67 3.86 9.57
CA ARG B 234 13.40 2.72 9.03
C ARG B 234 14.78 2.66 9.67
N GLY B 235 15.10 3.69 10.45
CA GLY B 235 16.09 3.61 11.49
C GLY B 235 15.35 3.37 12.78
N ILE B 236 14.45 2.38 12.73
CA ILE B 236 13.43 2.18 13.75
C ILE B 236 14.11 1.74 15.03
N ALA B 237 13.32 1.69 16.11
CA ALA B 237 13.73 1.22 17.43
C ALA B 237 14.71 0.07 17.37
N VAL B 238 14.55 -0.84 16.40
CA VAL B 238 15.46 -1.99 16.28
C VAL B 238 16.92 -1.54 16.29
N PHE B 239 17.23 -0.48 15.56
CA PHE B 239 18.63 -0.10 15.41
C PHE B 239 19.21 0.47 16.69
N THR B 240 18.53 1.45 17.28
CA THR B 240 19.03 2.03 18.52
C THR B 240 19.00 1.01 19.65
N ALA B 241 18.09 0.03 19.58
CA ALA B 241 18.06 -1.02 20.58
C ALA B 241 19.28 -1.92 20.47
N THR B 242 19.60 -2.37 19.25
CA THR B 242 20.85 -3.11 19.06
C THR B 242 22.05 -2.28 19.51
N ALA B 243 22.03 -0.97 19.22
CA ALA B 243 23.16 -0.12 19.61
C ALA B 243 23.32 -0.08 21.12
N VAL B 244 22.22 0.15 21.84
CA VAL B 244 22.32 0.29 23.29
C VAL B 244 22.67 -1.04 23.94
N THR B 245 22.04 -2.13 23.51
CA THR B 245 22.40 -3.42 24.07
C THR B 245 23.83 -3.80 23.74
N GLY B 246 24.34 -3.34 22.59
CA GLY B 246 25.73 -3.58 22.27
C GLY B 246 26.66 -2.82 23.19
N VAL B 247 26.35 -1.54 23.44
CA VAL B 247 27.15 -0.76 24.38
C VAL B 247 27.13 -1.40 25.76
N GLY B 248 25.98 -1.91 26.17
CA GLY B 248 25.88 -2.53 27.48
C GLY B 248 26.69 -3.81 27.60
N VAL B 249 26.49 -4.73 26.64
CA VAL B 249 27.28 -5.95 26.63
C VAL B 249 28.77 -5.64 26.51
N LEU B 250 29.10 -4.55 25.82
CA LEU B 250 30.50 -4.13 25.75
C LEU B 250 31.02 -3.74 27.11
N LEU B 251 30.31 -2.87 27.82
CA LEU B 251 30.74 -2.41 29.13
C LEU B 251 30.72 -3.53 30.16
N VAL B 252 30.01 -4.62 29.91
CA VAL B 252 30.06 -5.77 30.80
C VAL B 252 31.22 -6.70 30.47
N ALA B 253 31.37 -7.04 29.20
CA ALA B 253 32.50 -7.87 28.77
C ALA B 253 33.82 -7.19 29.08
N GLY B 254 33.84 -5.86 29.15
CA GLY B 254 35.03 -5.16 29.58
C GLY B 254 35.47 -5.61 30.95
N ALA B 255 34.60 -5.42 31.95
CA ALA B 255 34.90 -5.88 33.30
C ALA B 255 35.19 -7.37 33.33
N ALA B 256 34.48 -8.14 32.50
CA ALA B 256 34.75 -9.57 32.43
C ALA B 256 36.10 -9.89 31.81
N SER B 257 36.71 -8.94 31.12
CA SER B 257 37.98 -9.18 30.45
C SER B 257 39.17 -8.75 31.30
N LEU B 258 39.21 -7.48 31.71
CA LEU B 258 40.34 -6.98 32.49
C LEU B 258 40.39 -7.66 33.86
N TRP B 259 39.35 -7.50 34.65
CA TRP B 259 39.24 -8.21 35.91
C TRP B 259 38.68 -9.61 35.65
N VAL B 260 38.57 -10.42 36.70
CA VAL B 260 37.88 -11.71 36.62
C VAL B 260 36.84 -11.75 37.73
N ILE B 261 35.58 -11.97 37.36
CA ILE B 261 34.47 -11.82 38.29
C ILE B 261 33.51 -12.99 38.13
N SER B 262 32.70 -13.21 39.15
CA SER B 262 31.75 -14.30 39.14
C SER B 262 30.61 -14.01 38.17
N SER B 263 29.80 -15.04 37.91
CA SER B 263 28.59 -14.87 37.11
C SER B 263 27.66 -13.86 37.76
N ASP B 264 27.61 -13.86 39.09
CA ASP B 264 26.73 -12.96 39.81
C ASP B 264 27.09 -11.50 39.55
N VAL B 265 28.38 -11.21 39.41
CA VAL B 265 28.81 -9.83 39.20
C VAL B 265 28.32 -9.31 37.86
N ILE B 266 28.54 -10.09 36.79
CA ILE B 266 28.10 -9.63 35.47
C ILE B 266 26.58 -9.63 35.38
N GLY B 267 25.91 -10.55 36.08
CA GLY B 267 24.46 -10.54 36.09
C GLY B 267 23.92 -9.28 36.74
N CYS B 268 24.45 -8.92 37.91
CA CYS B 268 24.00 -7.72 38.59
C CYS B 268 24.34 -6.48 37.77
N ALA B 269 25.52 -6.45 37.15
CA ALA B 269 25.87 -5.31 36.33
C ALA B 269 24.94 -5.17 35.14
N LEU B 270 24.57 -6.28 34.51
CA LEU B 270 23.65 -6.22 33.38
C LEU B 270 22.27 -5.74 33.82
N VAL B 271 21.75 -6.30 34.91
CA VAL B 271 20.42 -5.88 35.34
C VAL B 271 20.43 -4.41 35.76
N LEU B 272 21.52 -3.95 36.37
CA LEU B 272 21.60 -2.56 36.78
C LEU B 272 21.70 -1.64 35.56
N LEU B 273 22.47 -2.04 34.55
CA LEU B 273 22.53 -1.25 33.33
C LEU B 273 21.15 -1.19 32.67
N GLY B 274 20.45 -2.32 32.64
CA GLY B 274 19.11 -2.32 32.06
C GLY B 274 18.17 -1.40 32.79
N LEU B 275 18.19 -1.43 34.12
CA LEU B 275 17.32 -0.55 34.89
C LEU B 275 17.68 0.91 34.67
N ILE B 276 18.97 1.24 34.77
CA ILE B 276 19.39 2.64 34.65
C ILE B 276 19.19 3.18 33.25
N VAL B 277 19.15 2.31 32.24
CA VAL B 277 18.82 2.77 30.90
C VAL B 277 17.32 2.95 30.75
N THR B 278 16.54 1.98 31.23
CA THR B 278 15.09 2.08 31.12
C THR B 278 14.55 3.31 31.84
N VAL B 279 15.12 3.65 33.00
CA VAL B 279 14.58 4.75 33.78
C VAL B 279 14.92 6.09 33.13
N GLN B 280 16.17 6.27 32.72
CA GLN B 280 16.59 7.50 32.06
C GLN B 280 16.52 7.37 30.55
N ALA B 281 15.35 6.94 30.05
CA ALA B 281 15.15 6.69 28.64
C ALA B 281 14.39 7.80 27.95
N ALA B 282 14.11 8.91 28.64
CA ALA B 282 13.44 10.03 28.01
C ALA B 282 14.41 11.14 27.65
N GLN B 283 15.16 11.66 28.63
CA GLN B 283 16.17 12.66 28.33
C GLN B 283 17.21 12.12 27.36
N LEU B 284 17.55 10.84 27.50
CA LEU B 284 18.50 10.23 26.57
C LEU B 284 17.94 10.22 25.16
N SER B 285 16.69 9.77 24.99
CA SER B 285 16.07 9.81 23.68
C SER B 285 15.88 11.24 23.19
N ALA B 286 15.69 12.19 24.12
CA ALA B 286 15.59 13.58 23.72
C ALA B 286 16.89 14.08 23.10
N MET B 287 18.01 13.87 23.80
CA MET B 287 19.29 14.33 23.29
C MET B 287 19.77 13.54 22.08
N TRP B 288 19.29 12.31 21.90
CA TRP B 288 19.70 11.53 20.74
C TRP B 288 19.15 12.11 19.44
N ALA B 289 18.00 12.80 19.50
CA ALA B 289 17.37 13.36 18.32
C ALA B 289 17.77 14.80 18.08
N ARG B 290 18.67 15.35 18.90
CA ARG B 290 19.16 16.72 18.75
C ARG B 290 18.00 17.72 18.74
N PHE B 291 17.23 17.71 19.83
CA PHE B 291 16.18 18.71 20.00
C PHE B 291 16.78 20.12 20.05
N PRO B 292 16.00 21.12 19.70
CA PRO B 292 16.48 22.49 19.82
C PRO B 292 16.55 22.95 21.26
N LEU B 293 17.68 22.65 21.91
CA LEU B 293 17.93 22.88 23.33
C LEU B 293 17.45 24.25 23.78
N PRO B 294 16.97 24.37 25.02
CA PRO B 294 16.38 25.64 25.45
C PRO B 294 17.42 26.75 25.55
N VAL B 295 16.91 27.98 25.49
CA VAL B 295 17.75 29.17 25.41
C VAL B 295 17.49 30.08 26.59
N ILE B 296 17.16 29.49 27.74
CA ILE B 296 16.91 30.22 28.98
C ILE B 296 17.97 31.28 29.20
N PRO B 297 17.58 32.55 29.32
CA PRO B 297 18.56 33.63 29.37
C PRO B 297 19.11 33.89 30.77
N ALA B 298 19.99 34.88 30.87
CA ALA B 298 20.49 35.31 32.16
C ALA B 298 19.36 35.91 33.00
N PRO B 299 19.60 36.15 34.29
CA PRO B 299 18.56 36.81 35.08
C PRO B 299 18.60 38.33 35.02
N GLY B 300 19.75 38.95 34.74
CA GLY B 300 19.84 40.39 34.84
C GLY B 300 19.11 41.18 33.78
N ASP B 301 19.63 41.21 32.55
CA ASP B 301 19.05 41.98 31.46
C ASP B 301 19.44 41.40 30.10
N PRO B 302 19.00 40.19 29.75
CA PRO B 302 19.36 39.63 28.45
C PRO B 302 18.45 40.09 27.34
N THR B 303 18.64 39.52 26.15
CA THR B 303 17.74 39.73 25.02
C THR B 303 17.36 38.36 24.47
N PRO B 304 16.13 37.90 24.71
CA PRO B 304 15.78 36.53 24.29
C PRO B 304 15.71 36.41 22.78
N ALA B 305 16.36 35.38 22.26
CA ALA B 305 16.37 35.14 20.82
C ALA B 305 15.17 34.32 20.41
N ALA B 306 14.71 34.54 19.18
CA ALA B 306 13.58 33.80 18.62
C ALA B 306 14.10 32.70 17.70
N ARG B 307 13.48 31.52 17.81
CA ARG B 307 13.91 30.39 17.01
C ARG B 307 13.61 30.65 15.53
N PRO B 308 14.46 30.15 14.63
CA PRO B 308 14.23 30.34 13.21
C PRO B 308 13.27 29.29 12.66
N LEU B 309 12.47 29.71 11.68
CA LEU B 309 11.44 28.86 11.11
C LEU B 309 12.00 27.58 10.50
N SER B 310 13.28 27.56 10.13
CA SER B 310 13.85 26.38 9.48
C SER B 310 13.82 25.17 10.40
N VAL B 311 14.45 25.26 11.57
CA VAL B 311 14.49 24.13 12.49
C VAL B 311 13.10 23.82 13.02
N LEU B 312 12.29 24.86 13.25
CA LEU B 312 10.93 24.64 13.73
C LEU B 312 10.10 23.88 12.71
N ALA B 313 10.41 24.03 11.43
CA ALA B 313 9.72 23.26 10.41
C ALA B 313 10.15 21.80 10.43
N ASP B 314 11.43 21.55 10.68
CA ASP B 314 11.94 20.18 10.76
C ASP B 314 11.51 19.47 12.04
N LEU B 315 11.09 20.23 13.05
CA LEU B 315 10.72 19.65 14.34
C LEU B 315 9.83 18.41 14.23
N PRO B 316 8.72 18.40 13.47
CA PRO B 316 7.86 17.21 13.46
C PRO B 316 8.51 15.96 12.88
N ARG B 317 9.74 16.08 12.39
CA ARG B 317 10.54 14.90 12.06
C ARG B 317 11.38 14.48 13.26
N ARG B 318 11.95 15.46 13.96
CA ARG B 318 12.72 15.19 15.16
C ARG B 318 11.86 14.50 16.21
N VAL B 319 10.57 14.83 16.25
CA VAL B 319 9.69 14.22 17.24
C VAL B 319 9.56 12.72 16.98
N ARG B 320 9.33 12.35 15.72
CA ARG B 320 9.21 10.93 15.39
C ARG B 320 10.53 10.21 15.61
N VAL B 321 11.64 10.86 15.26
CA VAL B 321 12.96 10.27 15.50
C VAL B 321 13.15 10.00 17.00
N SER B 322 12.73 10.95 17.82
CA SER B 322 12.81 10.82 19.27
C SER B 322 11.97 9.65 19.76
N GLN B 323 10.73 9.56 19.26
CA GLN B 323 9.86 8.46 19.65
C GLN B 323 10.47 7.11 19.33
N ALA B 324 11.00 6.98 18.11
CA ALA B 324 11.62 5.72 17.71
C ALA B 324 12.82 5.39 18.58
N HIS B 325 13.69 6.38 18.80
CA HIS B 325 14.85 6.19 19.67
C HIS B 325 14.43 5.76 21.06
N GLN B 326 13.34 6.36 21.57
CA GLN B 326 12.85 6.02 22.89
C GLN B 326 12.41 4.55 22.96
N THR B 327 11.58 4.15 22.00
CA THR B 327 11.11 2.76 21.96
C THR B 327 12.29 1.81 21.90
N GLY B 328 13.30 2.16 21.10
CA GLY B 328 14.47 1.31 21.00
C GLY B 328 15.26 1.23 22.30
N VAL B 329 15.43 2.37 22.96
CA VAL B 329 16.14 2.39 24.24
C VAL B 329 15.42 1.52 25.25
N ILE B 330 14.09 1.58 25.26
CA ILE B 330 13.32 0.76 26.20
C ILE B 330 13.48 -0.73 25.87
N ALA B 331 13.38 -1.08 24.58
CA ALA B 331 13.54 -2.46 24.19
C ALA B 331 14.91 -2.99 24.58
N ALA B 332 15.95 -2.18 24.38
CA ALA B 332 17.29 -2.59 24.75
C ALA B 332 17.43 -2.71 26.26
N GLY B 333 16.78 -1.82 27.00
CA GLY B 333 16.76 -1.95 28.44
C GLY B 333 16.18 -3.27 28.90
N VAL B 334 15.09 -3.68 28.25
CA VAL B 334 14.48 -4.97 28.59
C VAL B 334 15.40 -6.12 28.19
N LEU B 335 16.04 -6.01 27.03
CA LEU B 335 16.93 -7.07 26.58
C LEU B 335 18.10 -7.24 27.56
N LEU B 336 18.63 -6.13 28.07
CA LEU B 336 19.64 -6.22 29.12
C LEU B 336 19.06 -6.82 30.38
N GLY B 337 18.02 -6.20 30.94
CA GLY B 337 17.40 -6.63 32.17
C GLY B 337 16.91 -8.07 32.16
N VAL B 338 16.85 -8.71 31.00
CA VAL B 338 16.60 -10.14 30.91
C VAL B 338 17.89 -10.91 30.68
N ALA B 339 18.86 -10.31 29.97
CA ALA B 339 20.14 -10.99 29.78
C ALA B 339 20.88 -11.16 31.10
N GLY B 340 20.83 -10.14 31.95
CA GLY B 340 21.39 -10.29 33.29
C GLY B 340 20.53 -11.18 34.17
N SER B 341 19.21 -10.98 34.09
CA SER B 341 18.27 -11.79 34.85
C SER B 341 18.41 -13.27 34.57
N VAL B 342 18.92 -13.65 33.39
CA VAL B 342 19.16 -15.05 33.08
C VAL B 342 20.60 -15.47 33.39
N ALA B 343 21.41 -14.55 33.91
CA ALA B 343 22.75 -14.90 34.36
C ALA B 343 22.77 -15.30 35.83
N LEU B 344 21.82 -14.79 36.63
CA LEU B 344 21.79 -15.09 38.06
C LEU B 344 21.09 -16.42 38.34
N VAL B 345 19.82 -16.54 37.94
CA VAL B 345 19.03 -17.72 38.25
C VAL B 345 19.45 -18.96 37.48
N SER B 346 19.85 -18.81 36.21
CA SER B 346 20.21 -19.97 35.40
C SER B 346 21.37 -20.78 35.96
N SER B 347 22.13 -20.20 36.87
CA SER B 347 23.24 -20.94 37.48
C SER B 347 22.71 -22.08 38.33
N ALA B 348 23.61 -22.90 38.87
CA ALA B 348 23.22 -24.07 39.64
C ALA B 348 22.35 -23.69 40.82
N ASN B 349 22.89 -22.90 41.75
CA ASN B 349 22.15 -22.50 42.95
C ASN B 349 22.68 -21.14 43.38
N ALA B 350 21.92 -20.09 43.07
CA ALA B 350 22.28 -18.73 43.43
C ALA B 350 21.50 -18.31 44.67
N SER B 351 22.07 -17.36 45.41
CA SER B 351 21.46 -16.90 46.64
C SER B 351 20.05 -16.38 46.37
N PRO B 352 19.12 -16.61 47.30
CA PRO B 352 17.76 -16.06 47.13
C PRO B 352 17.74 -14.57 46.90
N TRP B 353 18.79 -13.84 47.27
CA TRP B 353 18.88 -12.44 46.89
C TRP B 353 18.88 -12.27 45.38
N ALA B 354 19.49 -13.21 44.64
CA ALA B 354 19.43 -13.14 43.18
C ALA B 354 18.02 -13.33 42.68
N TRP B 355 17.27 -14.26 43.29
CA TRP B 355 15.86 -14.41 42.94
C TRP B 355 15.09 -13.13 43.22
N TYR B 356 15.39 -12.46 44.34
CA TYR B 356 14.68 -11.23 44.65
C TYR B 356 15.02 -10.13 43.67
N ILE B 357 16.30 -10.04 43.27
CA ILE B 357 16.68 -9.05 42.26
C ILE B 357 15.96 -9.32 40.95
N VAL B 358 15.88 -10.58 40.55
CA VAL B 358 15.18 -10.93 39.32
C VAL B 358 13.72 -10.53 39.38
N VAL B 359 13.02 -10.95 40.43
CA VAL B 359 11.61 -10.64 40.57
C VAL B 359 11.40 -9.14 40.67
N ALA B 360 12.33 -8.42 41.30
CA ALA B 360 12.21 -6.98 41.44
C ALA B 360 12.36 -6.29 40.10
N ALA B 361 13.36 -6.69 39.32
CA ALA B 361 13.51 -6.11 37.99
C ALA B 361 12.30 -6.41 37.13
N ALA B 362 11.76 -7.62 37.24
CA ALA B 362 10.57 -7.98 36.47
C ALA B 362 9.39 -7.09 36.84
N ALA B 363 9.09 -7.01 38.14
CA ALA B 363 7.96 -6.18 38.58
C ALA B 363 8.20 -4.72 38.29
N GLY B 364 9.46 -4.27 38.29
CA GLY B 364 9.73 -2.88 37.97
C GLY B 364 9.47 -2.59 36.50
N ALA B 365 9.97 -3.46 35.62
CA ALA B 365 9.74 -3.30 34.19
C ALA B 365 8.31 -3.65 33.79
N ALA B 366 7.50 -4.16 34.71
CA ALA B 366 6.08 -4.35 34.47
C ALA B 366 5.20 -3.30 35.14
N LEU B 367 5.74 -2.55 36.09
CA LEU B 367 5.00 -1.45 36.70
C LEU B 367 5.33 -0.10 36.12
N ARG B 368 6.55 0.10 35.63
CA ARG B 368 6.82 1.32 34.88
C ARG B 368 6.18 1.30 33.50
N ALA B 369 5.53 0.19 33.13
CA ALA B 369 4.72 0.14 31.93
C ALA B 369 3.42 0.91 32.08
N ARG B 370 3.08 1.34 33.29
CA ARG B 370 1.97 2.27 33.48
C ARG B 370 2.38 3.70 33.20
N VAL B 371 3.68 3.98 33.14
CA VAL B 371 4.19 5.34 32.99
C VAL B 371 4.15 5.73 31.52
N TRP B 372 4.83 4.96 30.68
CA TRP B 372 4.93 5.28 29.27
C TRP B 372 3.56 5.18 28.60
N ASP B 373 3.44 5.81 27.43
CA ASP B 373 2.19 5.87 26.70
C ASP B 373 2.25 5.29 25.30
N SER B 374 3.40 5.38 24.63
CA SER B 374 3.56 4.77 23.32
C SER B 374 3.30 3.27 23.40
N ALA B 375 2.28 2.80 22.68
CA ALA B 375 1.84 1.41 22.81
C ALA B 375 2.99 0.43 22.65
N ALA B 376 3.91 0.70 21.72
CA ALA B 376 5.05 -0.19 21.54
C ALA B 376 5.90 -0.26 22.80
N CYS B 377 6.15 0.90 23.44
CA CYS B 377 6.91 0.89 24.68
C CYS B 377 6.16 0.13 25.77
N LYS B 378 4.85 0.35 25.87
CA LYS B 378 4.06 -0.36 26.87
C LYS B 378 4.15 -1.86 26.68
N ALA B 379 4.06 -2.32 25.44
CA ALA B 379 4.14 -3.76 25.18
C ALA B 379 5.53 -4.29 25.48
N TRP B 380 6.57 -3.58 25.03
CA TRP B 380 7.93 -4.00 25.30
C TRP B 380 8.21 -4.10 26.79
N LEU B 381 7.60 -3.22 27.58
CA LEU B 381 7.79 -3.27 29.03
C LEU B 381 7.00 -4.42 29.64
N LEU B 382 5.70 -4.49 29.36
CA LEU B 382 4.86 -5.53 29.94
C LEU B 382 5.39 -6.92 29.60
N GLY B 383 5.91 -7.10 28.39
CA GLY B 383 6.39 -8.39 27.97
C GLY B 383 7.60 -8.89 28.73
N HIS B 384 8.37 -7.97 29.31
CA HIS B 384 9.62 -8.30 30.01
C HIS B 384 9.51 -9.53 30.88
N SER B 385 8.44 -9.62 31.67
CA SER B 385 8.26 -10.78 32.54
C SER B 385 8.07 -12.07 31.73
N TYR B 386 7.29 -12.00 30.66
CA TYR B 386 7.03 -13.19 29.85
C TYR B 386 8.30 -13.63 29.12
N LEU B 387 9.01 -12.68 28.52
CA LEU B 387 10.28 -12.99 27.88
C LEU B 387 11.28 -13.56 28.88
N LEU B 388 11.28 -13.03 30.11
CA LEU B 388 12.16 -13.58 31.14
C LEU B 388 11.77 -15.01 31.47
N ALA B 389 10.47 -15.30 31.52
CA ALA B 389 10.03 -16.66 31.75
C ALA B 389 10.57 -17.60 30.66
N VAL B 390 10.41 -17.19 29.40
CA VAL B 390 10.88 -18.03 28.29
C VAL B 390 12.40 -18.22 28.37
N ALA B 391 13.13 -17.14 28.69
CA ALA B 391 14.58 -17.25 28.75
C ALA B 391 15.03 -18.15 29.89
N LEU B 392 14.40 -18.04 31.05
CA LEU B 392 14.72 -18.94 32.15
C LEU B 392 14.42 -20.38 31.76
N LEU B 393 13.31 -20.60 31.05
CA LEU B 393 12.96 -21.95 30.62
C LEU B 393 14.04 -22.53 29.72
N VAL B 394 14.47 -21.76 28.71
CA VAL B 394 15.44 -22.31 27.77
C VAL B 394 16.80 -22.46 28.45
N ALA B 395 17.16 -21.57 29.37
CA ALA B 395 18.43 -21.72 30.07
C ALA B 395 18.41 -22.87 31.06
N PHE B 396 17.24 -23.23 31.57
CA PHE B 396 17.13 -24.40 32.42
C PHE B 396 17.26 -25.68 31.58
N VAL B 397 16.57 -25.71 30.44
CA VAL B 397 16.67 -26.87 29.56
C VAL B 397 18.10 -27.07 29.09
N ILE B 398 18.80 -25.97 28.79
CA ILE B 398 20.20 -26.07 28.41
C ILE B 398 21.03 -26.63 29.56
N GLY B 399 20.75 -26.19 30.78
CA GLY B 399 21.48 -26.63 31.95
C GLY B 399 21.01 -27.93 32.54
N ASP B 400 20.20 -28.71 31.83
CA ASP B 400 19.78 -30.03 32.27
C ASP B 400 19.07 -29.99 33.62
N ARG B 401 18.42 -28.87 33.93
CA ARG B 401 17.69 -28.77 35.19
C ARG B 401 16.40 -29.59 35.15
N TYR B 402 15.51 -29.23 34.23
CA TYR B 402 14.34 -30.04 33.89
C TYR B 402 13.32 -30.11 35.02
N GLN B 403 13.65 -29.52 36.17
CA GLN B 403 12.76 -29.55 37.32
C GLN B 403 12.20 -28.18 37.64
N ALA B 404 13.05 -27.17 37.80
CA ALA B 404 12.58 -25.80 37.87
C ALA B 404 12.12 -25.30 36.51
N ALA B 405 12.39 -26.03 35.43
CA ALA B 405 11.85 -25.67 34.13
C ALA B 405 10.34 -25.79 34.11
N LEU B 406 9.80 -26.86 34.69
CA LEU B 406 8.35 -26.95 34.85
C LEU B 406 7.82 -25.81 35.70
N TRP B 407 8.59 -25.40 36.71
CA TRP B 407 8.19 -24.26 37.51
C TRP B 407 8.13 -22.98 36.68
N ALA B 408 9.11 -22.80 35.79
CA ALA B 408 9.09 -21.64 34.92
C ALA B 408 7.90 -21.70 33.96
N LEU B 409 7.60 -22.89 33.45
CA LEU B 409 6.41 -23.05 32.61
C LEU B 409 5.15 -22.68 33.37
N ALA B 410 5.06 -23.09 34.63
CA ALA B 410 3.88 -22.75 35.44
C ALA B 410 3.82 -21.25 35.70
N ALA B 411 4.97 -20.62 35.93
CA ALA B 411 4.99 -19.18 36.12
C ALA B 411 4.52 -18.46 34.86
N LEU B 412 5.00 -18.89 33.70
CA LEU B 412 4.55 -18.31 32.45
C LEU B 412 3.07 -18.56 32.22
N ALA B 413 2.57 -19.72 32.69
CA ALA B 413 1.14 -19.99 32.60
C ALA B 413 0.35 -19.01 33.46
N VAL B 414 0.85 -18.72 34.65
CA VAL B 414 0.19 -17.71 35.49
C VAL B 414 0.23 -16.36 34.82
N LEU B 415 1.34 -16.04 34.15
CA LEU B 415 1.45 -14.76 33.45
C LEU B 415 0.43 -14.66 32.32
N VAL B 416 0.34 -15.69 31.49
CA VAL B 416 -0.63 -15.65 30.41
C VAL B 416 -2.05 -15.72 30.95
N LEU B 417 -2.24 -16.32 32.14
CA LEU B 417 -3.57 -16.34 32.73
C LEU B 417 -4.00 -14.94 33.17
N VAL B 418 -3.10 -14.20 33.80
CA VAL B 418 -3.46 -12.84 34.18
C VAL B 418 -3.61 -11.97 32.94
N TRP B 419 -2.80 -12.21 31.90
CA TRP B 419 -3.00 -11.56 30.63
C TRP B 419 -4.41 -11.79 30.09
N ILE B 420 -4.84 -13.05 30.08
CA ILE B 420 -6.15 -13.41 29.55
C ILE B 420 -7.25 -12.75 30.37
N VAL B 421 -7.20 -12.91 31.70
CA VAL B 421 -8.21 -12.33 32.55
C VAL B 421 -8.24 -10.82 32.44
N ALA B 422 -7.12 -10.20 32.02
CA ALA B 422 -7.16 -8.79 31.70
C ALA B 422 -7.78 -8.53 30.34
N ALA B 423 -7.64 -9.48 29.41
CA ALA B 423 -8.13 -9.26 28.06
C ALA B 423 -9.65 -9.31 27.99
N LEU B 424 -10.23 -10.43 28.41
CA LEU B 424 -11.67 -10.62 28.30
C LEU B 424 -12.44 -10.03 29.47
N ASN B 425 -11.83 -9.11 30.21
CA ASN B 425 -12.50 -8.40 31.30
C ASN B 425 -12.04 -6.95 31.27
N PRO B 426 -12.60 -6.15 30.37
CA PRO B 426 -12.10 -4.78 30.12
C PRO B 426 -12.47 -3.79 31.22
N LYS B 427 -12.25 -4.17 32.46
CA LYS B 427 -12.34 -3.27 33.59
C LYS B 427 -11.11 -3.32 34.46
N ILE B 428 -10.51 -4.50 34.64
CA ILE B 428 -9.27 -4.62 35.39
C ILE B 428 -8.11 -3.95 34.67
N ALA B 429 -8.27 -3.69 33.37
CA ALA B 429 -7.23 -3.08 32.55
C ALA B 429 -7.55 -1.62 32.25
N SER B 430 -8.14 -0.93 33.20
CA SER B 430 -8.46 0.48 33.05
C SER B 430 -8.31 1.17 34.40
N PRO B 431 -7.36 2.09 34.54
CA PRO B 431 -7.09 2.68 35.86
C PRO B 431 -8.26 3.47 36.42
N ASP B 432 -9.20 3.91 35.59
CA ASP B 432 -10.28 4.76 36.08
C ASP B 432 -11.20 4.03 37.03
N THR B 433 -11.19 2.70 37.04
CA THR B 433 -12.07 1.93 37.91
C THR B 433 -11.44 1.63 39.27
N TYR B 434 -10.40 2.36 39.64
CA TYR B 434 -9.71 2.14 40.91
C TYR B 434 -9.81 3.41 41.75
N SER B 435 -9.38 3.28 43.01
CA SER B 435 -9.40 4.39 43.94
C SER B 435 -8.06 5.09 43.95
N LEU B 436 -8.09 6.41 44.11
CA LEU B 436 -6.88 7.23 44.21
C LEU B 436 -5.83 6.66 45.15
N PRO B 437 -6.12 6.32 46.41
CA PRO B 437 -5.07 5.78 47.27
C PRO B 437 -4.55 4.43 46.78
N MET B 438 -5.37 3.64 46.09
CA MET B 438 -4.90 2.36 45.58
C MET B 438 -3.80 2.55 44.54
N ARG B 439 -4.06 3.36 43.52
CA ARG B 439 -3.03 3.61 42.52
C ARG B 439 -1.86 4.38 43.12
N ARG B 440 -2.10 5.21 44.14
CA ARG B 440 -0.99 5.88 44.79
C ARG B 440 -0.10 4.88 45.50
N MET B 441 -0.68 3.86 46.12
CA MET B 441 0.11 2.81 46.75
C MET B 441 0.84 1.98 45.71
N VAL B 442 0.21 1.75 44.55
CA VAL B 442 0.90 1.08 43.46
C VAL B 442 2.14 1.88 43.05
N GLY B 443 2.00 3.19 42.96
CA GLY B 443 3.16 4.03 42.68
C GLY B 443 4.22 3.93 43.76
N PHE B 444 3.80 3.93 45.02
CA PHE B 444 4.72 3.74 46.13
C PHE B 444 5.50 2.44 45.98
N LEU B 445 4.81 1.37 45.62
CA LEU B 445 5.46 0.07 45.46
C LEU B 445 6.44 0.09 44.30
N ALA B 446 6.04 0.69 43.17
CA ALA B 446 6.94 0.78 42.03
C ALA B 446 8.16 1.63 42.34
N THR B 447 8.00 2.60 43.24
CA THR B 447 9.15 3.37 43.71
C THR B 447 10.07 2.50 44.56
N GLY B 448 9.50 1.87 45.59
CA GLY B 448 10.31 1.13 46.55
C GLY B 448 11.02 -0.06 45.94
N LEU B 449 10.43 -0.71 44.95
CA LEU B 449 11.03 -1.90 44.36
C LEU B 449 12.37 -1.57 43.71
N ASP B 450 12.35 -0.72 42.68
CA ASP B 450 13.61 -0.35 42.06
C ASP B 450 14.44 0.59 42.92
N ALA B 451 13.90 1.08 44.04
CA ALA B 451 14.75 1.73 45.03
C ALA B 451 15.64 0.71 45.72
N SER B 452 15.04 -0.29 46.36
CA SER B 452 15.80 -1.33 47.05
C SER B 452 16.53 -2.26 46.11
N LEU B 453 16.30 -2.17 44.80
CA LEU B 453 16.99 -3.04 43.86
C LEU B 453 18.51 -2.92 43.97
N ILE B 454 19.03 -1.75 44.28
CA ILE B 454 20.48 -1.54 44.30
C ILE B 454 21.12 -2.08 45.58
N PRO B 455 20.60 -1.79 46.78
CA PRO B 455 21.21 -2.37 47.98
C PRO B 455 21.24 -3.89 47.97
N VAL B 456 20.22 -4.53 47.41
CA VAL B 456 20.23 -5.99 47.32
C VAL B 456 21.32 -6.43 46.35
N MET B 457 21.52 -5.67 45.28
CA MET B 457 22.66 -5.93 44.38
C MET B 457 23.97 -5.86 45.15
N ALA B 458 24.12 -4.85 46.01
CA ALA B 458 25.32 -4.74 46.83
C ALA B 458 25.50 -5.96 47.72
N LEU B 459 24.43 -6.36 48.41
CA LEU B 459 24.48 -7.54 49.26
C LEU B 459 24.94 -8.76 48.48
N LEU B 460 24.34 -8.98 47.31
CA LEU B 460 24.62 -10.19 46.54
C LEU B 460 26.04 -10.19 45.99
N VAL B 461 26.48 -9.06 45.43
CA VAL B 461 27.80 -9.00 44.82
C VAL B 461 28.91 -9.13 45.86
N GLY B 462 28.57 -9.00 47.14
CA GLY B 462 29.57 -9.05 48.19
C GLY B 462 30.23 -7.73 48.51
N LEU B 463 29.70 -6.61 48.01
CA LEU B 463 30.30 -5.31 48.26
C LEU B 463 30.41 -5.04 49.75
N PHE B 464 29.37 -5.38 50.51
CA PHE B 464 29.40 -5.22 51.96
C PHE B 464 30.17 -6.31 52.68
N SER B 465 30.96 -7.09 51.95
CA SER B 465 31.94 -7.98 52.55
C SER B 465 33.36 -7.47 52.37
N LEU B 466 33.54 -6.34 51.68
CA LEU B 466 34.83 -5.68 51.60
C LEU B 466 35.14 -4.86 52.85
N VAL B 467 34.31 -4.92 53.87
CA VAL B 467 34.51 -4.14 55.09
C VAL B 467 34.49 -5.05 56.31
N VAL C 1 25.43 32.71 36.36
CA VAL C 1 24.19 31.94 36.29
C VAL C 1 23.59 31.71 37.68
N THR C 2 22.43 32.31 37.91
CA THR C 2 21.77 32.18 39.19
C THR C 2 21.16 30.78 39.35
N ARG C 3 20.82 30.44 40.60
CA ARG C 3 20.19 29.16 40.86
C ARG C 3 18.83 29.06 40.18
N HIS C 4 18.14 30.17 40.01
CA HIS C 4 16.89 30.14 39.26
C HIS C 4 17.12 29.70 37.83
N GLN C 5 18.26 30.08 37.25
CA GLN C 5 18.56 29.71 35.88
C GLN C 5 18.75 28.20 35.74
N VAL C 6 19.56 27.61 36.62
CA VAL C 6 19.80 26.16 36.53
C VAL C 6 18.53 25.39 36.90
N SER C 7 17.74 25.93 37.83
CA SER C 7 16.46 25.30 38.15
C SER C 7 15.56 25.28 36.93
N GLY C 8 15.46 26.42 36.24
CA GLY C 8 14.66 26.47 35.03
C GLY C 8 15.19 25.54 33.96
N TRP C 9 16.50 25.42 33.85
CA TRP C 9 17.09 24.49 32.88
C TRP C 9 16.65 23.06 33.18
N ARG C 10 16.83 22.63 34.42
CA ARG C 10 16.41 21.28 34.79
C ARG C 10 14.91 21.09 34.58
N PHE C 11 14.13 22.14 34.84
CA PHE C 11 12.69 22.02 34.67
C PHE C 11 12.31 21.88 33.20
N VAL C 12 12.96 22.64 32.32
CA VAL C 12 12.68 22.51 30.90
C VAL C 12 13.09 21.13 30.41
N MET C 13 14.21 20.61 30.90
CA MET C 13 14.65 19.29 30.47
C MET C 13 13.66 18.22 30.93
N ARG C 14 13.23 18.29 32.19
CA ARG C 14 12.25 17.32 32.67
C ARG C 14 10.92 17.47 31.97
N ARG C 15 10.54 18.69 31.60
CA ARG C 15 9.30 18.86 30.85
C ARG C 15 9.40 18.25 29.47
N ILE C 16 10.54 18.44 28.80
CA ILE C 16 10.75 17.81 27.50
C ILE C 16 10.68 16.29 27.63
N ALA C 17 11.28 15.76 28.69
CA ALA C 17 11.22 14.32 28.92
C ALA C 17 9.78 13.86 29.10
N SER C 18 9.03 14.56 29.95
CA SER C 18 7.64 14.20 30.17
C SER C 18 6.85 14.27 28.88
N GLY C 19 7.14 15.26 28.04
CA GLY C 19 6.47 15.39 26.76
C GLY C 19 6.73 14.21 25.86
N VAL C 20 8.01 13.86 25.68
CA VAL C 20 8.36 12.77 24.77
C VAL C 20 8.12 11.39 25.35
N ALA C 21 7.77 11.29 26.64
CA ALA C 21 7.52 9.99 27.22
C ALA C 21 6.06 9.76 27.59
N LEU C 22 5.49 10.60 28.44
CA LEU C 22 4.11 10.44 28.87
C LEU C 22 3.12 11.05 27.90
N HIS C 23 3.60 11.75 26.87
CA HIS C 23 2.75 12.38 25.86
C HIS C 23 1.78 13.37 26.50
N ASP C 24 2.30 14.22 27.38
CA ASP C 24 1.59 15.37 27.91
C ASP C 24 2.58 16.26 28.63
N THR C 25 2.23 17.52 28.76
CA THR C 25 3.11 18.52 29.35
C THR C 25 2.50 19.19 30.57
N ARG C 26 1.38 18.68 31.08
CA ARG C 26 0.72 19.32 32.21
C ARG C 26 1.63 19.34 33.44
N MET C 27 2.52 18.37 33.56
CA MET C 27 3.56 18.36 34.60
C MET C 27 2.97 18.51 36.00
N LEU C 28 1.72 18.09 36.19
CA LEU C 28 1.15 18.04 37.53
C LEU C 28 1.93 17.08 38.42
N VAL C 29 1.97 15.81 38.01
CA VAL C 29 2.83 14.82 38.65
C VAL C 29 3.76 14.27 37.59
N ASP C 30 5.03 14.08 37.97
CA ASP C 30 6.10 13.70 37.04
C ASP C 30 6.69 12.37 37.47
N PRO C 31 6.08 11.25 37.06
CA PRO C 31 6.63 9.94 37.44
C PRO C 31 8.04 9.71 36.96
N LEU C 32 8.48 10.38 35.90
CA LEU C 32 9.86 10.21 35.44
C LEU C 32 10.86 10.65 36.50
N ARG C 33 10.67 11.86 37.03
CA ARG C 33 11.49 12.32 38.14
C ARG C 33 11.41 11.38 39.33
N THR C 34 10.23 10.81 39.56
CA THR C 34 10.06 9.87 40.66
C THR C 34 10.94 8.65 40.48
N GLN C 35 10.90 8.03 39.31
CA GLN C 35 11.73 6.86 39.04
C GLN C 35 13.21 7.20 39.15
N SER C 36 13.62 8.31 38.53
CA SER C 36 15.02 8.69 38.57
C SER C 36 15.50 8.91 40.00
N ARG C 37 14.79 9.75 40.75
CA ARG C 37 15.13 9.97 42.15
C ARG C 37 15.03 8.70 42.98
N ALA C 38 14.20 7.75 42.58
CA ALA C 38 14.13 6.49 43.31
C ALA C 38 15.41 5.69 43.15
N VAL C 39 15.88 5.56 41.91
CA VAL C 39 17.17 4.89 41.70
C VAL C 39 18.28 5.65 42.43
N LEU C 40 18.20 6.98 42.43
CA LEU C 40 19.24 7.76 43.09
C LEU C 40 19.25 7.51 44.60
N THR C 41 18.08 7.52 45.23
CA THR C 41 18.04 7.22 46.66
C THR C 41 18.38 5.78 46.95
N GLY C 42 18.18 4.87 45.99
CA GLY C 42 18.72 3.54 46.14
C GLY C 42 20.24 3.56 46.26
N ALA C 43 20.89 4.27 45.33
CA ALA C 43 22.34 4.42 45.42
C ALA C 43 22.77 5.13 46.70
N LEU C 44 21.93 6.04 47.20
CA LEU C 44 22.27 6.78 48.41
C LEU C 44 22.14 5.90 49.65
N ILE C 45 21.10 5.07 49.71
CA ILE C 45 21.03 4.05 50.75
C ILE C 45 22.26 3.15 50.68
N LEU C 46 22.69 2.81 49.46
CA LEU C 46 23.90 2.01 49.30
C LEU C 46 25.09 2.70 49.96
N VAL C 47 25.36 3.95 49.60
CA VAL C 47 26.54 4.61 50.11
C VAL C 47 26.42 4.88 51.62
N THR C 48 25.19 5.08 52.11
CA THR C 48 25.00 5.30 53.54
C THR C 48 25.30 4.03 54.32
N GLY C 49 24.71 2.91 53.91
CA GLY C 49 25.06 1.65 54.53
C GLY C 49 26.54 1.33 54.40
N LEU C 50 27.17 1.78 53.31
CA LEU C 50 28.60 1.59 53.13
C LEU C 50 29.38 2.30 54.22
N VAL C 51 29.17 3.61 54.35
CA VAL C 51 29.91 4.36 55.38
C VAL C 51 29.53 3.89 56.77
N GLY C 52 28.32 3.36 56.93
CA GLY C 52 27.88 2.83 58.21
C GLY C 52 28.66 1.59 58.61
N CYS C 53 28.56 0.54 57.80
CA CYS C 53 29.34 -0.66 58.06
C CYS C 53 30.83 -0.44 57.93
N PHE C 54 31.27 0.72 57.43
CA PHE C 54 32.69 1.03 57.44
C PHE C 54 33.12 1.59 58.79
N ILE C 55 32.51 2.69 59.23
CA ILE C 55 32.91 3.29 60.50
C ILE C 55 32.59 2.37 61.67
N PHE C 56 31.68 1.42 61.50
CA PHE C 56 31.51 0.37 62.50
C PHE C 56 32.69 -0.60 62.47
N SER C 57 33.15 -0.96 61.28
CA SER C 57 34.26 -1.90 61.14
C SER C 57 35.52 -1.45 61.85
N LEU C 58 35.61 -0.16 62.22
CA LEU C 58 36.75 0.36 62.97
C LEU C 58 36.39 0.55 64.44
N PHE C 59 35.60 -0.36 64.99
CA PHE C 59 35.19 -0.29 66.40
C PHE C 59 36.39 -0.44 67.32
N MET D 1 -25.44 39.27 -27.70
CA MET D 1 -26.79 39.62 -27.30
C MET D 1 -27.56 38.39 -26.83
N SER D 2 -27.05 37.21 -27.20
CA SER D 2 -27.71 35.94 -26.90
C SER D 2 -26.87 35.19 -25.87
N ARG D 3 -27.25 35.32 -24.60
CA ARG D 3 -26.64 34.56 -23.52
C ARG D 3 -27.57 34.61 -22.32
N LEU D 4 -27.36 33.68 -21.39
CA LEU D 4 -28.27 33.51 -20.27
C LEU D 4 -28.27 34.74 -19.38
N ILE D 5 -29.22 34.78 -18.45
CA ILE D 5 -29.36 35.87 -17.50
C ILE D 5 -28.92 35.38 -16.13
N PHE D 6 -28.76 36.33 -15.20
CA PHE D 6 -28.35 36.00 -13.85
C PHE D 6 -29.10 36.90 -12.88
N GLU D 7 -29.17 36.45 -11.63
CA GLU D 7 -29.87 37.16 -10.56
C GLU D 7 -28.88 37.50 -9.46
N HIS D 8 -28.96 38.72 -8.95
CA HIS D 8 -28.02 39.17 -7.92
C HIS D 8 -28.35 38.48 -6.61
N GLN D 9 -27.96 37.21 -6.51
CA GLN D 9 -28.31 36.38 -5.35
C GLN D 9 -27.68 36.94 -4.08
N ARG D 10 -28.11 36.39 -2.95
CA ARG D 10 -27.57 36.76 -1.65
C ARG D 10 -26.33 35.92 -1.37
N ARG D 11 -25.23 36.61 -1.06
CA ARG D 11 -23.96 35.94 -0.83
C ARG D 11 -24.10 34.91 0.29
N LEU D 12 -23.50 33.74 0.08
CA LEU D 12 -23.51 32.71 1.10
C LEU D 12 -22.84 33.22 2.38
N THR D 13 -23.15 32.57 3.49
CA THR D 13 -22.51 32.94 4.74
C THR D 13 -21.12 32.32 4.80
N PRO D 14 -20.07 33.14 4.78
CA PRO D 14 -18.72 32.60 4.86
C PRO D 14 -18.44 32.09 6.26
N PRO D 15 -17.43 31.25 6.44
CA PRO D 15 -17.07 30.83 7.79
C PRO D 15 -16.71 32.04 8.64
N THR D 16 -17.17 32.03 9.88
CA THR D 16 -17.06 33.20 10.73
C THR D 16 -15.61 33.59 10.93
N THR D 17 -15.40 34.84 11.32
CA THR D 17 -14.08 35.39 11.61
C THR D 17 -14.16 36.12 12.94
N ARG D 18 -13.94 35.38 14.02
CA ARG D 18 -14.01 35.95 15.36
C ARG D 18 -12.84 36.89 15.57
N LYS D 19 -13.09 38.19 15.50
CA LYS D 19 -12.04 39.19 15.71
C LYS D 19 -11.96 39.61 17.17
N GLY D 20 -11.89 38.63 18.05
CA GLY D 20 -11.72 38.92 19.46
C GLY D 20 -10.33 39.45 19.77
N THR D 21 -10.16 39.86 21.02
CA THR D 21 -8.88 40.34 21.54
C THR D 21 -8.52 39.51 22.77
N ILE D 22 -7.88 38.36 22.52
CA ILE D 22 -7.50 37.48 23.60
C ILE D 22 -6.30 38.07 24.33
N THR D 23 -6.30 37.95 25.65
CA THR D 23 -5.22 38.44 26.49
C THR D 23 -4.58 37.29 27.24
N ILE D 24 -3.33 37.48 27.64
CA ILE D 24 -2.57 36.46 28.35
C ILE D 24 -2.14 37.04 29.69
N GLU D 25 -2.33 36.27 30.75
CA GLU D 25 -1.88 36.70 32.07
C GLU D 25 -0.36 36.74 32.09
N PRO D 26 0.26 37.76 32.66
CA PRO D 26 1.71 37.90 32.60
C PRO D 26 2.40 36.82 33.40
N PRO D 27 3.66 36.53 33.10
CA PRO D 27 4.38 35.49 33.82
C PRO D 27 4.62 35.88 35.26
N PRO D 28 5.09 34.95 36.10
CA PRO D 28 5.28 35.28 37.53
C PRO D 28 6.39 36.29 37.76
N GLN D 29 6.64 36.59 39.03
CA GLN D 29 7.52 37.69 39.43
C GLN D 29 8.88 37.23 39.95
N LEU D 30 9.12 35.91 40.04
CA LEU D 30 10.42 35.35 40.38
C LEU D 30 10.99 35.95 41.66
N PRO D 31 10.48 35.54 42.83
CA PRO D 31 10.98 36.03 44.11
C PRO D 31 12.47 35.78 44.31
N MET D 32 11.88 30.65 49.97
CA MET D 32 11.08 30.11 48.86
C MET D 32 11.78 28.92 48.22
N ARG D 33 11.25 27.73 48.48
CA ARG D 33 11.84 26.52 47.95
C ARG D 33 11.73 26.49 46.42
N THR D 34 12.75 25.94 45.77
CA THR D 34 12.72 25.82 44.33
C THR D 34 11.57 24.95 43.85
N GLU D 35 11.11 24.02 44.70
CA GLU D 35 9.98 23.19 44.31
C GLU D 35 8.74 24.04 44.08
N GLU D 36 8.55 25.07 44.89
CA GLU D 36 7.38 25.94 44.74
C GLU D 36 7.42 26.67 43.39
N VAL D 37 8.57 27.27 43.06
CA VAL D 37 8.66 28.00 41.81
C VAL D 37 8.60 27.03 40.64
N ASP D 38 9.02 25.78 40.84
CA ASP D 38 8.88 24.80 39.78
C ASP D 38 7.42 24.46 39.52
N ALA D 39 6.64 24.26 40.59
CA ALA D 39 5.21 24.03 40.40
C ALA D 39 4.55 25.22 39.75
N GLU D 40 4.98 26.43 40.11
CA GLU D 40 4.43 27.63 39.50
C GLU D 40 4.78 27.69 38.01
N ARG D 41 6.03 27.40 37.66
CA ARG D 41 6.42 27.26 36.27
C ARG D 41 5.51 26.31 35.54
N ALA D 42 5.24 25.15 36.14
CA ALA D 42 4.43 24.13 35.48
C ALA D 42 3.02 24.65 35.22
N ASP D 43 2.41 25.26 36.24
CA ASP D 43 1.06 25.78 36.06
C ASP D 43 1.01 26.86 34.98
N TYR D 44 1.99 27.78 35.01
CA TYR D 44 1.98 28.86 34.03
C TYR D 44 2.22 28.32 32.62
N LEU D 45 3.14 27.37 32.48
CA LEU D 45 3.39 26.78 31.16
C LEU D 45 2.16 26.03 30.65
N ARG D 46 1.42 25.37 31.54
CA ARG D 46 0.18 24.74 31.12
C ARG D 46 -0.81 25.77 30.60
N TYR D 47 -0.99 26.86 31.36
CA TYR D 47 -1.87 27.93 30.90
C TYR D 47 -1.42 28.49 29.56
N LEU D 48 -0.12 28.65 29.38
CA LEU D 48 0.41 29.18 28.13
C LEU D 48 0.17 28.21 26.99
N SER D 49 0.31 26.92 27.22
CA SER D 49 0.03 25.95 26.17
C SER D 49 -1.43 25.99 25.77
N VAL D 50 -2.33 26.13 26.75
CA VAL D 50 -3.75 26.20 26.44
C VAL D 50 -4.04 27.43 25.60
N VAL D 51 -3.48 28.59 25.98
CA VAL D 51 -3.76 29.80 25.22
C VAL D 51 -3.09 29.73 23.85
N ARG D 52 -1.98 29.01 23.74
CA ARG D 52 -1.35 28.80 22.43
C ARG D 52 -2.27 28.00 21.53
N ASP D 53 -2.87 26.94 22.06
CA ASP D 53 -3.82 26.16 21.27
C ASP D 53 -4.99 27.01 20.84
N ASN D 54 -5.49 27.88 21.74
CA ASN D 54 -6.59 28.76 21.38
C ASN D 54 -6.20 29.73 20.27
N VAL D 55 -4.98 30.26 20.34
CA VAL D 55 -4.50 31.16 19.30
C VAL D 55 -4.36 30.43 17.98
N ARG D 56 -3.86 29.19 18.02
CA ARG D 56 -3.77 28.39 16.81
C ARG D 56 -5.14 28.16 16.21
N ALA D 57 -6.15 27.99 17.06
CA ALA D 57 -7.52 27.86 16.56
C ALA D 57 -7.97 29.14 15.87
N HIS D 58 -7.73 30.28 16.51
CA HIS D 58 -8.04 31.57 15.89
C HIS D 58 -7.38 31.69 14.52
N ALA D 59 -6.10 31.33 14.44
CA ALA D 59 -5.37 31.47 13.19
C ALA D 59 -5.92 30.53 12.12
N ALA D 60 -6.20 29.28 12.49
CA ALA D 60 -6.79 28.37 11.53
C ALA D 60 -8.14 28.87 11.03
N GLU D 61 -8.90 29.52 11.90
CA GLU D 61 -10.19 30.07 11.46
C GLU D 61 -9.97 31.21 10.47
N GLN D 62 -9.04 32.12 10.77
CA GLN D 62 -8.76 33.20 9.84
C GLN D 62 -8.29 32.67 8.49
N ARG D 63 -7.43 31.66 8.50
CA ARG D 63 -6.94 31.10 7.25
C ARG D 63 -8.06 30.40 6.49
N ALA D 64 -8.95 29.71 7.20
CA ALA D 64 -10.09 29.10 6.52
C ALA D 64 -10.97 30.16 5.87
N ALA D 65 -11.17 31.29 6.55
CA ALA D 65 -11.92 32.38 5.95
C ALA D 65 -11.26 32.88 4.67
N LEU D 66 -9.97 33.20 4.76
CA LEU D 66 -9.26 33.70 3.58
C LEU D 66 -9.29 32.69 2.44
N GLU D 67 -9.16 31.40 2.77
CA GLU D 67 -9.26 30.37 1.73
C GLU D 67 -10.63 30.38 1.07
N TRP D 68 -11.69 30.32 1.89
CA TRP D 68 -13.05 30.37 1.36
C TRP D 68 -13.31 31.64 0.56
N SER D 69 -12.51 32.68 0.75
CA SER D 69 -12.68 33.92 0.01
C SER D 69 -11.65 34.11 -1.10
N HIS D 70 -10.61 33.29 -1.16
CA HIS D 70 -9.57 33.42 -2.19
C HIS D 70 -9.01 32.04 -2.52
N PRO D 71 -9.80 31.19 -3.19
CA PRO D 71 -9.31 29.86 -3.52
C PRO D 71 -8.15 29.92 -4.51
N GLU D 72 -7.46 28.80 -4.63
CA GLU D 72 -6.30 28.72 -5.53
C GLU D 72 -6.75 29.01 -6.96
N PRO D 73 -5.91 29.63 -7.78
CA PRO D 73 -6.37 30.04 -9.10
C PRO D 73 -6.42 28.89 -10.08
N GLU D 74 -6.94 27.76 -9.62
CA GLU D 74 -7.37 26.68 -10.49
C GLU D 74 -8.67 26.06 -10.03
N VAL D 75 -9.10 26.29 -8.80
CA VAL D 75 -10.40 25.81 -8.35
C VAL D 75 -11.50 26.70 -8.91
N LEU D 76 -11.22 27.99 -9.13
CA LEU D 76 -12.23 28.92 -9.58
C LEU D 76 -12.80 28.56 -10.95
N ALA D 77 -12.27 27.53 -11.61
CA ALA D 77 -12.88 27.04 -12.84
C ALA D 77 -14.29 26.51 -12.57
N THR D 78 -14.49 25.85 -11.44
CA THR D 78 -15.80 25.32 -11.10
C THR D 78 -16.73 26.37 -10.53
N ILE D 79 -16.29 27.61 -10.41
CA ILE D 79 -17.09 28.68 -9.81
C ILE D 79 -18.22 29.13 -10.74
N PRO D 80 -17.95 29.58 -11.97
CA PRO D 80 -18.98 30.32 -12.73
C PRO D 80 -20.33 29.63 -12.85
N GLY D 81 -20.38 28.31 -12.79
CA GLY D 81 -21.64 27.62 -12.98
C GLY D 81 -22.53 27.62 -11.75
N THR D 82 -21.92 27.55 -10.57
CA THR D 82 -22.67 27.36 -9.33
C THR D 82 -23.37 28.66 -8.94
N ARG D 83 -24.02 28.64 -7.78
CA ARG D 83 -24.67 29.81 -7.22
C ARG D 83 -23.71 30.70 -6.47
N ARG D 84 -22.41 30.56 -6.74
CA ARG D 84 -21.35 31.25 -6.02
C ARG D 84 -20.37 31.88 -6.98
N GLN D 85 -20.86 32.51 -8.05
CA GLN D 85 -19.92 33.06 -9.02
C GLN D 85 -19.62 34.53 -8.77
N TRP D 86 -20.58 35.41 -8.96
CA TRP D 86 -20.38 36.83 -8.63
C TRP D 86 -20.94 37.14 -7.26
N GLU D 87 -20.35 36.51 -6.24
CA GLU D 87 -20.89 36.56 -4.90
C GLU D 87 -20.43 37.77 -4.10
N ARG D 88 -19.48 38.54 -4.60
CA ARG D 88 -18.93 39.64 -3.82
C ARG D 88 -19.71 40.92 -4.08
N ASP D 89 -19.76 41.77 -3.07
CA ASP D 89 -20.59 42.96 -3.02
C ASP D 89 -19.77 44.16 -2.60
N PRO D 90 -20.21 45.38 -2.95
CA PRO D 90 -19.44 46.57 -2.59
C PRO D 90 -19.50 46.94 -1.11
N ARG D 91 -20.05 46.09 -0.25
CA ARG D 91 -20.08 46.34 1.18
C ARG D 91 -19.23 45.37 2.00
N ASP D 92 -18.91 44.20 1.44
CA ASP D 92 -18.15 43.20 2.18
C ASP D 92 -16.74 43.70 2.48
N ARG D 93 -16.05 42.99 3.36
CA ARG D 93 -14.71 43.41 3.73
C ARG D 93 -13.66 42.94 2.74
N ASP D 94 -13.92 41.88 2.00
CA ASP D 94 -13.03 41.42 0.93
C ASP D 94 -13.77 41.62 -0.39
N PHE D 95 -13.67 42.82 -0.94
CA PHE D 95 -14.30 43.18 -2.19
C PHE D 95 -13.27 43.90 -3.05
N LEU D 96 -13.15 43.48 -4.29
CA LEU D 96 -12.06 43.92 -5.16
C LEU D 96 -10.72 43.70 -4.46
N VAL D 97 -10.50 42.45 -4.06
CA VAL D 97 -9.27 42.04 -3.39
C VAL D 97 -8.70 40.89 -4.20
N LEU D 98 -7.79 41.21 -5.11
CA LEU D 98 -7.27 40.21 -6.03
C LEU D 98 -6.24 39.34 -5.32
N ARG D 99 -6.44 38.03 -5.39
CA ARG D 99 -5.53 37.08 -4.77
C ARG D 99 -4.28 36.93 -5.61
N ALA D 100 -3.14 37.25 -5.04
CA ALA D 100 -1.87 37.15 -5.76
C ALA D 100 -1.02 35.96 -5.34
N GLY D 101 -1.11 35.53 -4.09
CA GLY D 101 -0.33 34.40 -3.64
C GLY D 101 -0.43 34.23 -2.14
N ARG D 102 0.35 33.27 -1.64
CA ARG D 102 0.38 32.95 -0.22
C ARG D 102 1.61 33.56 0.43
N HIS D 103 1.41 34.14 1.61
CA HIS D 103 2.52 34.46 2.51
C HIS D 103 1.93 34.66 3.91
N ASP D 104 2.71 35.26 4.80
CA ASP D 104 2.37 35.34 6.21
C ASP D 104 1.43 36.53 6.45
N VAL D 105 0.23 36.23 6.91
CA VAL D 105 -0.78 37.23 7.28
C VAL D 105 -0.49 37.66 8.72
N PRO D 106 -0.76 38.90 9.10
CA PRO D 106 -0.41 39.34 10.45
C PRO D 106 -1.38 38.91 11.56
N LEU D 107 -2.25 37.93 11.30
CA LEU D 107 -3.10 37.38 12.37
C LEU D 107 -3.99 38.45 12.98
N ASP D 108 -5.04 38.83 12.26
CA ASP D 108 -5.96 39.92 12.61
C ASP D 108 -6.23 40.07 14.10
N ALA D 109 -6.29 38.96 14.85
CA ALA D 109 -6.57 39.02 16.27
C ALA D 109 -5.49 39.80 17.01
N ALA D 110 -5.69 40.03 18.32
CA ALA D 110 -4.85 40.98 19.03
C ALA D 110 -3.64 40.34 19.68
N LEU D 111 -3.86 39.38 20.58
CA LEU D 111 -2.80 38.76 21.38
C LEU D 111 -1.99 39.83 22.14
N LYS D 112 -2.70 40.54 23.00
CA LYS D 112 -2.09 41.58 23.83
C LYS D 112 -2.00 41.10 25.26
N VAL D 113 -0.78 40.94 25.76
CA VAL D 113 -0.58 40.59 27.16
C VAL D 113 -0.88 41.80 28.02
N LYS D 114 -1.63 41.60 29.10
CA LYS D 114 -1.96 42.70 29.98
C LYS D 114 -0.74 43.08 30.82
N ASP D 115 0.21 43.76 30.19
CA ASP D 115 1.51 44.02 30.81
C ASP D 115 1.32 44.98 31.96
N THR D 116 1.24 44.43 33.17
CA THR D 116 1.22 45.21 34.39
C THR D 116 2.33 44.85 35.36
N ALA D 117 2.87 43.63 35.29
CA ALA D 117 4.00 43.24 36.11
C ALA D 117 5.28 43.85 35.55
N ASP D 118 5.40 45.18 35.65
CA ASP D 118 6.55 45.89 35.15
C ASP D 118 7.79 45.57 35.98
N GLU D 119 8.88 46.28 35.71
CA GLU D 119 10.17 46.01 36.35
C GLU D 119 10.61 44.58 36.06
N ILE D 120 10.92 44.35 34.79
CA ILE D 120 11.08 42.99 34.29
C ILE D 120 12.24 42.30 34.99
N ASP D 121 11.90 41.37 35.88
CA ASP D 121 12.83 40.45 36.54
C ASP D 121 12.18 39.07 36.57
N LEU D 122 11.52 38.72 35.49
CA LEU D 122 10.57 37.61 35.45
C LEU D 122 11.29 36.27 35.45
N GLU D 123 10.54 35.24 35.79
CA GLU D 123 11.03 33.86 35.73
C GLU D 123 11.57 33.57 34.33
N PRO D 124 12.83 33.18 34.19
CA PRO D 124 13.44 33.10 32.85
C PRO D 124 12.67 32.21 31.89
N VAL D 125 12.29 31.00 32.30
CA VAL D 125 11.53 30.13 31.42
C VAL D 125 10.15 30.73 31.14
N ALA D 126 9.39 31.00 32.20
CA ALA D 126 8.02 31.47 32.05
C ALA D 126 7.93 32.76 31.24
N HIS D 127 9.06 33.41 31.01
CA HIS D 127 9.13 34.60 30.17
C HIS D 127 9.64 34.29 28.76
N SER D 128 10.62 33.39 28.65
CA SER D 128 11.11 32.98 27.33
C SER D 128 10.00 32.30 26.53
N ALA D 129 9.23 31.44 27.18
CA ALA D 129 8.09 30.83 26.51
C ALA D 129 7.11 31.87 26.00
N LEU D 130 6.81 32.88 26.82
CA LEU D 130 5.86 33.91 26.39
C LEU D 130 6.42 34.72 25.23
N ARG D 131 7.71 35.05 25.27
CA ARG D 131 8.31 35.78 24.17
C ARG D 131 8.27 34.97 22.89
N GLY D 132 8.60 33.68 22.98
CA GLY D 132 8.50 32.81 21.81
C GLY D 132 7.11 32.76 21.24
N LEU D 133 6.11 32.63 22.12
CA LEU D 133 4.72 32.59 21.66
C LEU D 133 4.33 33.90 20.98
N LEU D 134 4.69 35.03 21.58
CA LEU D 134 4.31 36.31 21.02
C LEU D 134 5.02 36.62 19.71
N ASP D 135 6.21 36.06 19.52
CA ASP D 135 6.96 36.36 18.30
C ASP D 135 6.67 35.38 17.17
N VAL D 136 6.34 34.14 17.48
CA VAL D 136 6.12 33.14 16.44
C VAL D 136 4.65 33.03 16.05
N GLN D 137 3.78 32.81 17.04
CA GLN D 137 2.38 32.53 16.73
C GLN D 137 1.63 33.74 16.21
N ARG D 138 2.17 34.93 16.35
CA ARG D 138 1.42 36.12 15.93
C ARG D 138 1.35 36.29 14.42
N THR D 139 1.83 35.36 13.60
CA THR D 139 1.76 35.47 12.15
C THR D 139 1.23 34.16 11.58
N VAL D 140 0.07 34.21 10.94
CA VAL D 140 -0.42 33.04 10.21
C VAL D 140 0.57 32.68 9.13
N ARG D 141 0.70 31.39 8.85
CA ARG D 141 1.64 30.92 7.84
C ARG D 141 1.06 31.19 6.46
N ASP D 142 1.67 30.61 5.43
CA ASP D 142 1.26 30.85 4.05
C ASP D 142 -0.25 30.74 3.89
N ALA D 143 -0.86 31.84 3.47
CA ALA D 143 -2.29 31.97 3.39
C ALA D 143 -2.65 32.90 2.24
N PRO D 144 -3.83 32.74 1.65
CA PRO D 144 -4.21 33.62 0.54
C PRO D 144 -4.21 35.07 0.96
N THR D 145 -3.81 35.94 0.04
CA THR D 145 -3.81 37.39 0.22
C THR D 145 -3.54 38.02 -1.14
N GLY D 146 -3.44 39.34 -1.15
CA GLY D 146 -3.15 40.01 -2.39
C GLY D 146 -3.28 41.51 -2.38
N LEU D 147 -3.95 42.03 -3.41
CA LEU D 147 -3.99 43.46 -3.70
C LEU D 147 -5.39 43.98 -3.48
N ASP D 148 -5.54 44.93 -2.55
CA ASP D 148 -6.80 45.65 -2.40
C ASP D 148 -6.84 46.72 -3.48
N VAL D 149 -7.22 46.27 -4.68
CA VAL D 149 -7.10 47.10 -5.89
C VAL D 149 -7.88 48.40 -5.75
N ALA D 150 -8.96 48.40 -4.97
CA ALA D 150 -9.83 49.56 -4.88
C ALA D 150 -9.13 50.81 -4.37
N LYS D 151 -7.89 50.70 -3.89
CA LYS D 151 -7.17 51.85 -3.39
C LYS D 151 -5.72 51.82 -3.86
N LEU D 152 -5.49 51.50 -5.12
CA LEU D 152 -4.15 51.40 -5.65
C LEU D 152 -3.87 52.35 -6.81
N ALA D 153 -4.78 52.43 -7.77
CA ALA D 153 -4.76 53.43 -8.84
C ALA D 153 -3.60 53.26 -9.81
N ARG D 154 -2.69 52.33 -9.53
CA ARG D 154 -1.67 51.94 -10.49
C ARG D 154 -0.94 50.72 -9.96
N ILE D 155 -0.69 49.76 -10.85
CA ILE D 155 0.13 48.60 -10.54
C ILE D 155 1.19 48.48 -11.62
N THR D 156 2.42 48.82 -11.27
CA THR D 156 3.56 48.65 -12.17
C THR D 156 4.24 47.33 -11.85
N VAL D 157 4.33 46.45 -12.84
CA VAL D 157 4.99 45.18 -12.67
C VAL D 157 6.26 45.17 -13.51
N ILE D 158 7.19 44.29 -13.13
CA ILE D 158 8.54 44.27 -13.69
C ILE D 158 8.96 42.81 -13.88
N GLY D 159 9.45 42.50 -15.06
CA GLY D 159 9.90 41.15 -15.33
C GLY D 159 9.70 40.81 -16.79
N GLU D 160 10.13 39.60 -17.14
CA GLU D 160 10.00 39.11 -18.50
C GLU D 160 8.53 38.91 -18.85
N ALA D 161 8.27 38.67 -20.13
CA ALA D 161 6.90 38.68 -20.65
C ALA D 161 6.09 37.52 -20.06
N ASP D 162 6.55 36.29 -20.25
CA ASP D 162 5.74 35.13 -19.95
C ASP D 162 5.64 34.83 -18.47
N GLU D 163 6.09 35.74 -17.61
CA GLU D 163 5.89 35.63 -16.18
C GLU D 163 5.08 36.80 -15.62
N ALA D 164 5.43 38.02 -16.02
CA ALA D 164 4.60 39.17 -15.68
C ALA D 164 3.19 38.99 -16.21
N ARG D 165 3.06 38.66 -17.50
CA ARG D 165 1.74 38.40 -18.06
C ARG D 165 1.08 37.22 -17.36
N ALA D 166 1.87 36.25 -16.90
CA ALA D 166 1.29 35.11 -16.18
C ALA D 166 0.59 35.57 -14.91
N ALA D 167 1.30 36.31 -14.07
CA ALA D 167 0.69 36.80 -12.83
C ALA D 167 -0.46 37.75 -13.12
N ILE D 168 -0.35 38.56 -14.17
CA ILE D 168 -1.42 39.48 -14.53
C ILE D 168 -2.68 38.69 -14.89
N ARG D 169 -2.54 37.68 -15.74
CA ARG D 169 -3.65 36.82 -16.09
C ARG D 169 -4.24 36.18 -14.84
N ALA D 170 -3.37 35.68 -13.96
CA ALA D 170 -3.83 35.00 -12.75
C ALA D 170 -4.76 35.89 -11.94
N TRP D 171 -4.30 37.07 -11.55
CA TRP D 171 -5.16 37.85 -10.68
C TRP D 171 -6.27 38.58 -11.43
N ILE D 172 -6.13 38.82 -12.74
CA ILE D 172 -7.25 39.40 -13.47
C ILE D 172 -8.38 38.38 -13.58
N ALA D 173 -8.03 37.10 -13.73
CA ALA D 173 -9.05 36.06 -13.68
C ALA D 173 -9.66 35.98 -12.29
N GLN D 174 -8.80 35.96 -11.26
CA GLN D 174 -9.30 35.95 -9.88
C GLN D 174 -10.23 37.12 -9.61
N ALA D 175 -10.10 38.22 -10.34
CA ALA D 175 -10.99 39.35 -10.18
C ALA D 175 -12.29 39.17 -10.95
N VAL D 176 -12.22 38.92 -12.26
CA VAL D 176 -13.43 38.83 -13.07
C VAL D 176 -14.30 37.64 -12.72
N THR D 177 -13.87 36.79 -11.80
CA THR D 177 -14.64 35.60 -11.48
C THR D 177 -15.48 35.75 -10.22
N TRP D 178 -15.44 36.91 -9.57
CA TRP D 178 -16.20 37.13 -8.35
C TRP D 178 -16.86 38.50 -8.33
N HIS D 179 -17.21 39.03 -9.48
CA HIS D 179 -17.79 40.37 -9.55
C HIS D 179 -18.70 40.49 -10.77
N ASP D 180 -19.80 41.18 -10.58
CA ASP D 180 -20.68 41.50 -11.70
C ASP D 180 -20.02 42.56 -12.57
N PRO D 181 -20.14 42.45 -13.89
CA PRO D 181 -19.59 43.50 -14.77
C PRO D 181 -20.12 44.88 -14.46
N THR D 182 -21.35 45.01 -13.92
CA THR D 182 -21.85 46.33 -13.54
C THR D 182 -20.98 46.99 -12.49
N MET D 183 -20.16 46.20 -11.77
CA MET D 183 -19.27 46.75 -10.75
C MET D 183 -17.88 47.07 -11.30
N LEU D 184 -17.24 46.11 -11.96
CA LEU D 184 -15.93 46.37 -12.57
C LEU D 184 -15.96 45.98 -14.04
N GLY D 185 -15.19 46.71 -14.84
CA GLY D 185 -15.04 46.39 -16.24
C GLY D 185 -13.57 46.35 -16.63
N VAL D 186 -13.10 45.20 -17.08
CA VAL D 186 -11.71 45.05 -17.47
C VAL D 186 -11.51 45.62 -18.87
N ALA D 187 -10.37 46.27 -19.07
CA ALA D 187 -9.96 46.72 -20.40
C ALA D 187 -8.55 46.25 -20.70
N LEU D 188 -7.99 46.68 -21.83
CA LEU D 188 -6.64 46.30 -22.20
C LEU D 188 -6.21 47.11 -23.42
N ALA D 189 -4.90 47.27 -23.56
CA ALA D 189 -4.32 47.85 -24.77
C ALA D 189 -2.99 47.15 -25.01
N ALA D 190 -2.90 46.39 -26.10
CA ALA D 190 -1.72 45.59 -26.37
C ALA D 190 -1.42 45.55 -27.86
N PRO D 191 -0.14 45.56 -28.24
CA PRO D 191 0.19 45.52 -29.67
C PRO D 191 0.03 44.14 -30.30
N ASP D 192 -0.03 43.08 -29.50
CA ASP D 192 -0.10 41.71 -30.00
C ASP D 192 -1.20 40.95 -29.26
N LEU D 193 -2.38 41.54 -29.20
CA LEU D 193 -3.46 40.98 -28.40
C LEU D 193 -3.95 39.65 -28.96
N GLU D 194 -4.32 39.62 -30.24
CA GLU D 194 -4.88 38.40 -30.82
C GLU D 194 -3.78 37.40 -31.12
N SER D 195 -3.18 36.82 -30.08
CA SER D 195 -2.03 35.92 -30.27
C SER D 195 -2.07 34.72 -29.35
N GLY D 196 -3.27 34.22 -29.01
CA GLY D 196 -3.37 33.15 -28.03
C GLY D 196 -3.24 33.68 -26.62
N ASP D 197 -2.69 34.89 -26.53
CA ASP D 197 -2.61 35.70 -25.33
C ASP D 197 -3.98 36.32 -25.10
N TRP D 198 -4.01 37.51 -24.49
CA TRP D 198 -5.21 38.16 -23.96
C TRP D 198 -6.45 38.08 -24.86
N SER D 199 -6.30 37.55 -26.08
CA SER D 199 -7.48 37.22 -26.90
C SER D 199 -8.53 36.43 -26.11
N TRP D 200 -8.10 35.68 -25.09
CA TRP D 200 -9.08 34.96 -24.27
C TRP D 200 -10.06 35.92 -23.61
N LEU D 201 -9.58 37.10 -23.22
CA LEU D 201 -10.40 38.20 -22.72
C LEU D 201 -11.63 38.45 -23.59
N LYS D 202 -11.53 38.11 -24.88
CA LYS D 202 -12.65 38.29 -25.81
C LYS D 202 -13.98 37.85 -25.22
N TRP D 203 -13.98 36.77 -24.43
CA TRP D 203 -15.22 36.22 -23.92
C TRP D 203 -15.74 36.94 -22.69
N LEU D 204 -14.84 37.38 -21.81
CA LEU D 204 -15.18 37.96 -20.52
C LEU D 204 -16.28 39.02 -20.66
N PRO D 205 -17.43 38.83 -20.03
CA PRO D 205 -18.50 39.81 -20.14
C PRO D 205 -18.19 41.11 -19.41
N HIS D 206 -16.95 41.24 -18.93
CA HIS D 206 -16.52 42.44 -18.24
C HIS D 206 -15.77 43.40 -19.15
N VAL D 207 -15.78 43.16 -20.47
CA VAL D 207 -14.95 43.95 -21.38
C VAL D 207 -15.81 44.56 -22.48
N ASP D 208 -17.06 44.88 -22.17
CA ASP D 208 -17.97 45.47 -23.15
C ASP D 208 -18.54 46.77 -22.59
N VAL D 209 -18.40 47.85 -23.36
CA VAL D 209 -18.93 49.16 -23.00
C VAL D 209 -20.45 49.08 -23.05
N PRO D 210 -21.17 50.07 -22.52
CA PRO D 210 -22.61 50.14 -22.76
C PRO D 210 -22.92 50.62 -24.17
N ASN D 211 -23.79 49.88 -24.87
CA ASN D 211 -24.36 50.28 -26.14
C ASN D 211 -23.30 50.52 -27.21
N GLU D 212 -22.63 49.43 -27.58
CA GLU D 212 -21.84 49.38 -28.80
C GLU D 212 -22.10 48.05 -29.48
N ALA D 213 -21.83 48.00 -30.79
CA ALA D 213 -22.16 46.82 -31.58
C ALA D 213 -20.93 46.10 -32.12
N ASP D 214 -20.08 46.79 -32.89
CA ASP D 214 -18.92 46.18 -33.55
C ASP D 214 -19.29 44.90 -34.31
N GLY D 215 -20.55 44.79 -34.72
CA GLY D 215 -20.99 43.69 -35.54
C GLY D 215 -21.10 42.36 -34.82
N VAL D 216 -19.96 41.77 -34.47
CA VAL D 216 -19.92 40.44 -33.88
C VAL D 216 -20.01 40.51 -32.36
N GLY D 217 -19.05 41.18 -31.73
CA GLY D 217 -19.05 41.33 -30.29
C GLY D 217 -19.30 42.78 -29.90
N PRO D 218 -20.13 42.99 -28.87
CA PRO D 218 -20.64 44.34 -28.59
C PRO D 218 -19.60 45.45 -28.58
N ALA D 219 -18.62 45.41 -27.69
CA ALA D 219 -17.62 46.46 -27.63
C ALA D 219 -16.19 45.98 -27.81
N ARG D 220 -15.78 44.96 -27.06
CA ARG D 220 -14.41 44.45 -27.10
C ARG D 220 -13.41 45.56 -26.77
N TYR D 221 -13.44 45.97 -25.49
CA TYR D 221 -12.53 46.98 -24.96
C TYR D 221 -11.09 46.78 -25.42
N LEU D 222 -10.72 45.54 -25.73
CA LEU D 222 -9.38 45.23 -26.19
C LEU D 222 -9.03 46.05 -27.43
N THR D 223 -7.79 46.50 -27.49
CA THR D 223 -7.29 47.29 -28.62
C THR D 223 -5.77 47.34 -28.53
N THR D 224 -5.16 48.16 -29.39
CA THR D 224 -3.72 48.33 -29.39
C THR D 224 -3.30 49.75 -29.06
N SER D 225 -3.89 50.75 -29.72
CA SER D 225 -3.54 52.14 -29.44
C SER D 225 -4.08 52.55 -28.09
N THR D 226 -3.19 52.89 -27.17
CA THR D 226 -3.60 53.36 -25.85
C THR D 226 -4.49 54.59 -25.97
N ALA D 227 -4.17 55.50 -26.89
CA ALA D 227 -5.01 56.67 -27.12
C ALA D 227 -6.38 56.24 -27.62
N GLU D 228 -6.43 55.33 -28.58
CA GLU D 228 -7.70 54.79 -29.03
C GLU D 228 -8.42 54.06 -27.90
N LEU D 229 -7.66 53.45 -26.99
CA LEU D 229 -8.27 52.82 -25.82
C LEU D 229 -8.99 53.85 -24.97
N ARG D 230 -8.30 54.94 -24.62
CA ARG D 230 -8.95 56.01 -23.87
C ARG D 230 -10.15 56.56 -24.64
N GLU D 231 -10.06 56.61 -25.96
CA GLU D 231 -11.20 57.06 -26.76
C GLU D 231 -12.40 56.15 -26.55
N ARG D 232 -12.19 54.84 -26.71
CA ARG D 232 -13.24 53.88 -26.37
C ARG D 232 -13.60 53.95 -24.90
N LEU D 233 -12.73 54.49 -24.05
CA LEU D 233 -12.97 54.65 -22.63
C LEU D 233 -13.47 56.04 -22.26
N ALA D 234 -13.48 56.98 -23.21
CA ALA D 234 -13.81 58.38 -22.97
C ALA D 234 -15.05 58.59 -22.11
N PRO D 235 -16.23 58.07 -22.49
CA PRO D 235 -17.42 58.35 -21.69
C PRO D 235 -17.47 57.60 -20.38
N ALA D 236 -16.65 56.57 -20.22
CA ALA D 236 -16.72 55.74 -19.03
C ALA D 236 -16.12 56.39 -17.79
N LEU D 237 -15.41 57.52 -17.93
CA LEU D 237 -14.67 58.05 -16.78
C LEU D 237 -14.72 59.58 -16.80
N ALA D 238 -15.57 60.14 -15.93
CA ALA D 238 -15.38 61.49 -15.41
C ALA D 238 -16.01 61.50 -14.01
N ASP D 239 -15.19 61.14 -13.02
CA ASP D 239 -15.74 60.89 -11.70
C ASP D 239 -14.86 61.36 -10.53
N ARG D 240 -13.69 61.93 -10.77
CA ARG D 240 -12.77 62.23 -9.68
C ARG D 240 -13.35 63.27 -8.72
N LEU D 251 -21.26 53.22 -7.94
CA LEU D 251 -20.14 53.56 -8.79
C LEU D 251 -19.57 52.31 -9.45
N LYS D 252 -19.00 52.48 -10.64
CA LYS D 252 -18.47 51.34 -11.39
C LYS D 252 -16.94 51.37 -11.35
N HIS D 253 -16.34 50.30 -10.86
CA HIS D 253 -14.89 50.18 -10.89
C HIS D 253 -14.44 49.78 -12.29
N LEU D 254 -13.14 49.88 -12.53
CA LEU D 254 -12.57 49.47 -13.80
C LEU D 254 -11.18 48.89 -13.58
N LEU D 255 -10.70 48.21 -14.60
CA LEU D 255 -9.29 47.81 -14.71
C LEU D 255 -8.85 48.11 -16.13
N VAL D 256 -7.64 48.63 -16.28
CA VAL D 256 -7.05 48.92 -17.58
C VAL D 256 -5.62 48.42 -17.51
N VAL D 257 -5.34 47.32 -18.17
CA VAL D 257 -4.02 46.70 -18.14
C VAL D 257 -3.32 46.97 -19.45
N LEU D 258 -2.00 46.99 -19.41
CA LEU D 258 -1.17 47.21 -20.58
C LEU D 258 -0.22 46.03 -20.75
N ASP D 259 0.30 45.89 -21.97
CA ASP D 259 1.25 44.83 -22.26
C ASP D 259 2.52 45.32 -22.94
N ASP D 260 2.52 46.53 -23.46
CA ASP D 260 3.74 47.09 -24.05
C ASP D 260 4.61 47.66 -22.93
N PRO D 261 5.86 47.20 -22.78
CA PRO D 261 6.73 47.77 -21.74
C PRO D 261 6.84 49.28 -21.84
N ASP D 262 7.11 49.79 -23.05
CA ASP D 262 7.23 51.22 -23.28
C ASP D 262 5.85 51.84 -23.42
N ALA D 263 5.81 53.06 -23.95
CA ALA D 263 4.57 53.77 -24.29
C ALA D 263 3.76 54.12 -23.05
N ASP D 264 4.39 54.90 -22.17
CA ASP D 264 3.73 55.84 -21.28
C ASP D 264 2.49 55.31 -20.56
N PRO D 265 2.64 54.50 -19.53
CA PRO D 265 1.50 54.27 -18.64
C PRO D 265 1.18 55.55 -17.89
N ASP D 266 0.19 55.55 -17.01
CA ASP D 266 -0.30 56.78 -16.37
C ASP D 266 -0.86 57.75 -17.41
N ASP D 267 -1.18 57.26 -18.60
CA ASP D 267 -1.59 58.07 -19.74
C ASP D 267 -3.02 58.55 -19.64
N ILE D 268 -3.64 58.51 -18.45
CA ILE D 268 -5.00 58.94 -18.26
C ILE D 268 -5.11 60.08 -17.27
N ALA D 269 -4.46 59.97 -16.11
CA ALA D 269 -4.47 61.03 -15.11
C ALA D 269 -3.08 61.13 -14.51
N ARG D 270 -2.93 62.02 -13.53
CA ARG D 270 -1.66 62.26 -12.84
C ARG D 270 -0.48 62.43 -13.80
N LEU D 274 -7.68 58.51 -10.52
CA LEU D 274 -9.10 58.84 -10.44
C LEU D 274 -9.75 58.26 -9.18
N THR D 275 -10.96 57.73 -9.33
CA THR D 275 -11.73 57.22 -8.20
C THR D 275 -12.31 55.85 -8.54
N GLY D 276 -11.46 54.95 -9.04
CA GLY D 276 -11.92 53.61 -9.35
C GLY D 276 -11.28 53.02 -10.59
N VAL D 277 -10.54 53.83 -11.33
CA VAL D 277 -9.80 53.37 -12.49
C VAL D 277 -8.37 53.12 -12.04
N THR D 278 -8.00 51.85 -11.91
CA THR D 278 -6.70 51.43 -11.38
C THR D 278 -5.93 50.76 -12.51
N VAL D 279 -5.15 51.55 -13.24
CA VAL D 279 -4.43 51.00 -14.39
C VAL D 279 -3.32 50.07 -13.93
N ILE D 280 -2.93 49.17 -14.82
CA ILE D 280 -1.83 48.25 -14.59
C ILE D 280 -0.96 48.26 -15.84
N HIS D 281 0.35 48.13 -15.65
CA HIS D 281 1.24 48.06 -16.79
C HIS D 281 2.51 47.33 -16.40
N ARG D 282 3.15 46.73 -17.40
CA ARG D 282 4.43 46.06 -17.22
C ARG D 282 5.54 46.89 -17.86
N THR D 283 6.69 46.92 -17.20
CA THR D 283 7.87 47.59 -17.70
C THR D 283 9.06 46.65 -17.54
N THR D 284 10.21 47.05 -18.12
CA THR D 284 11.41 46.24 -18.02
C THR D 284 12.49 47.00 -17.26
N GLU D 285 12.46 48.32 -17.35
CA GLU D 285 13.36 49.17 -16.58
C GLU D 285 12.92 49.16 -15.13
N LEU D 286 13.87 49.02 -14.22
CA LEU D 286 13.55 49.08 -12.81
C LEU D 286 13.94 50.45 -12.25
N PRO D 287 13.24 50.92 -11.22
CA PRO D 287 13.62 52.19 -10.59
C PRO D 287 15.00 52.09 -9.95
N ASN D 288 15.61 53.26 -9.77
CA ASN D 288 16.97 53.33 -9.23
C ASN D 288 16.96 53.51 -7.72
N ARG D 289 16.40 54.62 -7.23
CA ARG D 289 16.22 54.88 -5.81
C ARG D 289 14.85 55.51 -5.62
N GLU D 290 13.82 54.84 -6.16
CA GLU D 290 12.47 55.38 -6.19
C GLU D 290 12.05 55.90 -4.82
N GLN D 291 11.80 57.20 -4.76
CA GLN D 291 11.58 57.88 -3.49
C GLN D 291 10.17 57.58 -2.98
N TYR D 292 10.11 56.99 -1.79
CA TYR D 292 8.85 56.74 -1.10
C TYR D 292 7.86 55.99 -1.96
N PRO D 293 8.05 54.70 -2.20
CA PRO D 293 7.02 53.91 -2.88
C PRO D 293 5.69 54.06 -2.15
N ASP D 294 4.73 54.72 -2.80
CA ASP D 294 3.52 55.14 -2.13
C ASP D 294 2.74 53.94 -1.58
N PRO D 295 1.88 54.15 -0.60
CA PRO D 295 0.93 53.09 -0.23
C PRO D 295 0.12 52.61 -1.42
N GLU D 296 -0.21 53.52 -2.33
CA GLU D 296 -0.75 53.18 -3.62
C GLU D 296 0.39 53.17 -4.63
N ARG D 297 0.06 53.00 -5.90
CA ARG D 297 1.02 53.03 -7.01
C ARG D 297 2.29 52.21 -6.71
N PRO D 298 2.17 50.95 -6.27
CA PRO D 298 3.38 50.20 -5.91
C PRO D 298 4.15 49.78 -7.16
N ILE D 299 5.28 49.13 -6.92
CA ILE D 299 6.12 48.58 -7.98
C ILE D 299 6.46 47.15 -7.59
N LEU D 300 6.19 46.22 -8.49
CA LEU D 300 6.25 44.79 -8.18
C LEU D 300 7.14 44.10 -9.20
N ARG D 301 8.23 43.51 -8.74
CA ARG D 301 9.02 42.63 -9.59
C ARG D 301 8.47 41.22 -9.45
N VAL D 302 7.93 40.70 -10.54
CA VAL D 302 7.44 39.32 -10.55
C VAL D 302 8.64 38.43 -10.82
N ALA D 303 9.23 37.90 -9.76
CA ALA D 303 10.46 37.13 -9.88
C ALA D 303 10.14 35.72 -10.36
N ASP D 304 11.13 34.83 -10.28
CA ASP D 304 10.96 33.44 -10.66
C ASP D 304 9.72 32.83 -10.01
N GLY D 305 9.67 32.85 -8.68
CA GLY D 305 8.56 32.24 -7.99
C GLY D 305 7.96 33.10 -6.90
N ARG D 306 8.23 34.40 -6.94
CA ARG D 306 7.71 35.32 -5.93
C ARG D 306 7.42 36.66 -6.58
N ILE D 307 6.74 37.51 -5.83
CA ILE D 307 6.32 38.83 -6.30
C ILE D 307 6.77 39.83 -5.24
N GLU D 308 7.86 40.56 -5.51
CA GLU D 308 8.44 41.45 -4.53
C GLU D 308 7.96 42.88 -4.75
N ARG D 309 7.47 43.51 -3.70
CA ARG D 309 7.06 44.90 -3.77
C ARG D 309 8.22 45.82 -3.43
N TRP D 310 8.40 46.87 -4.21
CA TRP D 310 9.45 47.84 -3.94
C TRP D 310 9.19 48.54 -2.62
N GLN D 311 10.22 48.63 -1.78
CA GLN D 311 10.10 49.34 -0.51
C GLN D 311 11.50 49.81 -0.11
N VAL D 312 11.78 51.08 -0.36
CA VAL D 312 13.06 51.70 -0.02
C VAL D 312 14.23 50.91 -0.60
N TRP D 315 14.69 42.70 -0.22
CA TRP D 315 13.90 43.65 -1.01
C TRP D 315 12.42 43.49 -0.69
N GLN D 316 12.11 43.14 0.56
CA GLN D 316 10.74 43.04 1.05
C GLN D 316 9.90 42.16 0.14
N PRO D 317 10.09 40.84 0.16
CA PRO D 317 9.34 39.96 -0.74
C PRO D 317 7.84 40.22 -0.72
N CYS D 318 7.23 40.12 0.47
CA CYS D 318 5.84 40.51 0.68
C CYS D 318 4.86 39.61 -0.07
N VAL D 319 5.39 38.71 -0.89
CA VAL D 319 4.64 37.61 -1.51
C VAL D 319 5.62 36.46 -1.68
N ASP D 320 5.35 35.33 -1.03
CA ASP D 320 6.33 34.25 -0.99
C ASP D 320 6.11 33.18 -2.04
N VAL D 321 4.91 33.04 -2.58
CA VAL D 321 4.66 32.14 -3.69
C VAL D 321 3.58 32.74 -4.59
N ALA D 322 3.92 32.97 -5.85
CA ALA D 322 3.05 33.69 -6.76
C ALA D 322 1.95 32.76 -7.28
N ASP D 323 1.21 33.23 -8.27
CA ASP D 323 0.19 32.43 -8.93
C ASP D 323 0.27 32.68 -10.43
N ALA D 324 0.30 31.59 -11.20
CA ALA D 324 0.40 31.68 -12.65
C ALA D 324 -0.72 30.87 -13.26
N MET D 325 -1.55 31.51 -14.07
CA MET D 325 -2.62 30.83 -14.79
C MET D 325 -2.23 30.72 -16.26
N SER D 326 -2.15 29.51 -16.77
CA SER D 326 -1.77 29.29 -18.15
C SER D 326 -2.77 29.93 -19.10
N ALA D 327 -2.28 30.32 -20.28
CA ALA D 327 -3.13 30.96 -21.28
C ALA D 327 -4.39 30.14 -21.55
N ALA D 328 -4.21 28.85 -21.84
CA ALA D 328 -5.37 28.01 -22.10
C ALA D 328 -6.30 27.94 -20.90
N GLU D 329 -5.76 28.00 -19.68
CA GLU D 329 -6.63 27.99 -18.51
C GLU D 329 -7.43 29.28 -18.42
N ALA D 330 -6.81 30.42 -18.69
CA ALA D 330 -7.55 31.66 -18.75
C ALA D 330 -8.63 31.60 -19.83
N ALA D 331 -8.33 30.96 -20.95
CA ALA D 331 -9.33 30.81 -22.00
C ALA D 331 -10.51 29.96 -21.52
N HIS D 332 -10.22 28.87 -20.81
CA HIS D 332 -11.29 28.04 -20.28
C HIS D 332 -12.15 28.82 -19.28
N ILE D 333 -11.51 29.61 -18.43
CA ILE D 333 -12.28 30.45 -17.50
C ILE D 333 -13.17 31.40 -18.29
N ALA D 334 -12.60 32.08 -19.27
CA ALA D 334 -13.36 33.05 -20.06
C ALA D 334 -14.57 32.39 -20.71
N ARG D 335 -14.36 31.23 -21.34
CA ARG D 335 -15.47 30.52 -21.96
C ARG D 335 -16.53 30.16 -20.93
N ARG D 336 -16.14 29.39 -19.91
CA ARG D 336 -17.11 28.96 -18.91
C ARG D 336 -17.74 30.13 -18.16
N LEU D 337 -17.25 31.34 -18.35
CA LEU D 337 -17.88 32.51 -17.74
C LEU D 337 -18.76 33.27 -18.71
N SER D 338 -18.50 33.22 -20.02
CA SER D 338 -19.20 34.07 -20.97
C SER D 338 -20.68 33.75 -21.10
N ARG D 339 -21.16 32.65 -20.51
CA ARG D 339 -22.57 32.32 -20.62
C ARG D 339 -23.44 33.35 -19.92
N TRP D 340 -23.02 33.83 -18.76
CA TRP D 340 -23.91 34.60 -17.91
C TRP D 340 -23.73 36.10 -18.13
N ASP D 341 -24.73 36.85 -17.67
CA ASP D 341 -24.77 38.30 -17.72
C ASP D 341 -25.96 38.76 -16.89
N SER D 342 -25.88 40.00 -16.41
CA SER D 342 -26.92 40.55 -15.55
C SER D 342 -27.21 41.98 -15.97
N ASN D 343 -28.49 42.28 -16.16
CA ASN D 343 -28.93 43.63 -16.50
C ASN D 343 -30.38 43.83 -16.08
N THR E 1 0.83 -36.16 -19.21
CA THR E 1 2.06 -36.80 -18.75
C THR E 1 1.79 -38.23 -18.33
N ALA E 2 0.58 -38.47 -17.80
CA ALA E 2 0.25 -39.78 -17.25
C ALA E 2 0.42 -40.89 -18.28
N ARG E 3 -0.03 -40.64 -19.52
CA ARG E 3 0.05 -41.68 -20.54
C ARG E 3 1.49 -41.95 -20.94
N ILE E 4 2.28 -40.88 -21.15
CA ILE E 4 3.69 -41.05 -21.44
C ILE E 4 4.39 -41.70 -20.25
N ALA E 5 3.93 -41.42 -19.03
CA ALA E 5 4.53 -42.02 -17.84
C ALA E 5 4.31 -43.52 -17.83
N LEU E 6 3.07 -43.96 -18.03
CA LEU E 6 2.78 -45.39 -18.06
C LEU E 6 3.49 -46.07 -19.23
N ALA E 7 3.59 -45.38 -20.37
CA ALA E 7 4.31 -45.94 -21.51
C ALA E 7 5.79 -46.09 -21.21
N SER E 8 6.35 -45.15 -20.45
CA SER E 8 7.74 -45.28 -20.01
C SER E 8 7.90 -46.44 -19.04
N LEU E 9 6.94 -46.61 -18.12
CA LEU E 9 6.98 -47.75 -17.21
C LEU E 9 6.98 -49.06 -17.99
N PHE E 10 6.15 -49.16 -19.02
CA PHE E 10 6.07 -50.40 -19.78
C PHE E 10 7.29 -50.61 -20.68
N VAL E 11 7.81 -49.54 -21.29
CA VAL E 11 9.01 -49.70 -22.11
C VAL E 11 10.21 -50.00 -21.22
N VAL E 12 10.14 -49.66 -19.94
CA VAL E 12 11.20 -50.04 -19.00
C VAL E 12 11.06 -51.51 -18.62
N ALA E 13 9.83 -51.94 -18.31
CA ALA E 13 9.60 -53.35 -18.06
C ALA E 13 9.90 -54.21 -19.28
N ALA E 14 9.97 -53.61 -20.46
CA ALA E 14 10.31 -54.32 -21.68
C ALA E 14 11.80 -54.28 -22.01
N VAL E 15 12.44 -53.13 -21.81
CA VAL E 15 13.83 -52.96 -22.25
C VAL E 15 14.79 -53.85 -21.49
N LEU E 16 14.41 -54.31 -20.30
CA LEU E 16 15.29 -55.15 -19.49
C LEU E 16 15.30 -56.57 -20.02
N ALA E 17 14.76 -56.76 -21.23
CA ALA E 17 14.72 -58.08 -21.85
C ALA E 17 15.73 -58.18 -22.98
N GLN E 18 16.91 -57.58 -22.80
CA GLN E 18 17.98 -57.73 -23.78
C GLN E 18 18.19 -59.19 -24.19
N PRO E 19 18.16 -60.17 -23.28
CA PRO E 19 17.97 -61.55 -23.72
C PRO E 19 16.50 -61.88 -23.93
N TRP E 20 15.98 -61.63 -25.13
CA TRP E 20 14.56 -61.85 -25.40
C TRP E 20 14.29 -63.34 -25.47
N GLN E 21 14.46 -64.04 -24.35
CA GLN E 21 14.37 -65.49 -24.30
C GLN E 21 13.81 -65.90 -22.94
N THR E 22 13.87 -67.21 -22.66
CA THR E 22 13.56 -67.81 -21.36
C THR E 22 12.09 -67.74 -20.99
N THR E 23 11.27 -67.07 -21.81
CA THR E 23 9.84 -66.89 -21.58
C THR E 23 9.54 -66.28 -20.22
N THR E 24 10.56 -65.75 -19.55
CA THR E 24 10.43 -64.98 -18.33
C THR E 24 10.58 -63.49 -18.60
N GLN E 25 11.56 -63.13 -19.42
CA GLN E 25 11.67 -61.81 -20.00
C GLN E 25 11.00 -61.71 -21.36
N ARG E 26 10.15 -62.69 -21.70
CA ARG E 26 9.45 -62.69 -22.98
C ARG E 26 7.94 -62.63 -22.85
N TRP E 27 7.33 -63.37 -21.94
CA TRP E 27 5.88 -63.31 -21.81
C TRP E 27 5.43 -62.01 -21.16
N VAL E 28 6.11 -61.58 -20.10
CA VAL E 28 5.82 -60.27 -19.54
C VAL E 28 6.23 -59.17 -20.52
N LEU E 29 7.28 -59.42 -21.30
CA LEU E 29 7.60 -58.52 -22.40
C LEU E 29 6.41 -58.37 -23.34
N GLY E 30 5.78 -59.49 -23.69
CA GLY E 30 4.66 -59.43 -24.62
C GLY E 30 3.45 -58.74 -24.04
N VAL E 31 3.15 -58.99 -22.76
CA VAL E 31 1.99 -58.33 -22.16
C VAL E 31 2.25 -56.83 -22.05
N SER E 32 3.47 -56.43 -21.69
CA SER E 32 3.78 -55.01 -21.63
C SER E 32 3.75 -54.38 -23.01
N ILE E 33 4.17 -55.13 -24.04
CA ILE E 33 4.14 -54.61 -25.40
C ILE E 33 2.69 -54.39 -25.84
N ALA E 34 1.85 -55.43 -25.73
CA ALA E 34 0.46 -55.31 -26.10
C ALA E 34 -0.31 -54.35 -25.21
N ALA E 35 0.26 -53.93 -24.08
CA ALA E 35 -0.32 -52.86 -23.29
C ALA E 35 0.18 -51.48 -23.70
N VAL E 36 1.39 -51.38 -24.26
CA VAL E 36 1.93 -50.07 -24.62
C VAL E 36 1.60 -49.70 -26.06
N ILE E 37 1.64 -50.68 -26.97
CA ILE E 37 1.43 -50.37 -28.38
C ILE E 37 0.00 -49.91 -28.63
N VAL E 38 -0.95 -50.40 -27.84
CA VAL E 38 -2.33 -49.95 -27.96
C VAL E 38 -2.49 -48.51 -27.49
N LEU E 39 -1.64 -48.06 -26.57
CA LEU E 39 -1.74 -46.72 -26.02
C LEU E 39 -0.92 -45.70 -26.79
N LEU E 40 0.15 -46.13 -27.46
CA LEU E 40 0.98 -45.22 -28.25
C LEU E 40 0.69 -45.36 -29.74
N MET E 46 -2.59 -40.50 -26.93
CA MET E 46 -3.81 -41.04 -26.34
C MET E 46 -5.01 -40.78 -27.25
N PHE E 47 -5.29 -41.74 -28.13
CA PHE E 47 -6.44 -41.65 -29.02
C PHE E 47 -7.27 -42.94 -29.08
N LEU E 48 -6.77 -44.05 -28.55
CA LEU E 48 -7.49 -45.31 -28.53
C LEU E 48 -8.05 -45.64 -27.14
N THR E 49 -7.25 -45.44 -26.10
CA THR E 49 -7.76 -45.60 -24.74
C THR E 49 -8.86 -44.58 -24.46
N THR E 50 -8.60 -43.31 -24.79
CA THR E 50 -9.66 -42.32 -24.70
C THR E 50 -10.79 -42.59 -25.69
N ARG E 51 -10.55 -43.39 -26.73
CA ARG E 51 -11.66 -43.84 -27.56
C ARG E 51 -12.59 -44.75 -26.78
N ILE E 52 -12.02 -45.67 -25.99
CA ILE E 52 -12.83 -46.49 -25.09
C ILE E 52 -13.54 -45.61 -24.07
N GLY E 53 -12.82 -44.63 -23.53
CA GLY E 53 -13.44 -43.69 -22.60
C GLY E 53 -14.61 -42.94 -23.20
N ARG E 54 -14.46 -42.53 -24.46
CA ARG E 54 -15.51 -41.79 -25.15
C ARG E 54 -16.71 -42.68 -25.47
N ALA E 55 -16.47 -43.93 -25.85
CA ALA E 55 -17.58 -44.85 -26.05
C ALA E 55 -18.33 -45.10 -24.75
N LEU E 56 -17.59 -45.26 -23.64
CA LEU E 56 -18.24 -45.45 -22.35
C LEU E 56 -19.00 -44.19 -21.94
N ALA E 57 -18.47 -43.02 -22.29
CA ALA E 57 -19.19 -41.77 -22.00
C ALA E 57 -20.48 -41.69 -22.81
N MET E 58 -20.43 -42.09 -24.08
CA MET E 58 -21.61 -41.99 -24.94
C MET E 58 -22.69 -42.97 -24.52
N VAL E 59 -22.30 -44.21 -24.16
CA VAL E 59 -23.31 -45.11 -23.59
C VAL E 59 -23.76 -44.57 -22.22
N ARG E 60 -22.88 -43.83 -21.54
CA ARG E 60 -23.29 -43.10 -20.34
C ARG E 60 -24.10 -41.86 -20.69
N ARG E 61 -23.91 -41.29 -21.88
CA ARG E 61 -24.62 -40.09 -22.28
C ARG E 61 -25.63 -40.35 -23.40
N ASN E 62 -26.21 -41.55 -23.43
CA ASN E 62 -27.32 -41.84 -24.33
C ASN E 62 -28.66 -41.45 -23.74
N ARG E 63 -28.68 -40.88 -22.54
CA ARG E 63 -29.91 -40.49 -21.88
C ARG E 63 -30.00 -38.97 -21.72
N ASP E 71 -26.79 -21.97 -14.69
CA ASP E 71 -25.35 -22.09 -14.42
C ASP E 71 -24.93 -21.11 -13.35
N ALA E 72 -25.49 -19.90 -13.40
CA ALA E 72 -25.27 -18.84 -12.41
C ALA E 72 -23.82 -18.39 -12.34
N HIS E 73 -22.96 -18.88 -13.23
CA HIS E 73 -21.57 -18.44 -13.29
C HIS E 73 -21.13 -17.98 -14.66
N ARG E 74 -21.89 -18.27 -15.71
CA ARG E 74 -21.61 -17.76 -17.06
C ARG E 74 -22.92 -17.30 -17.67
N ALA E 75 -22.92 -16.08 -18.19
CA ALA E 75 -24.10 -15.55 -18.86
C ALA E 75 -23.76 -15.20 -20.30
N THR E 76 -24.77 -15.24 -21.15
CA THR E 76 -24.61 -15.00 -22.58
C THR E 76 -25.64 -13.99 -23.06
N VAL E 77 -25.23 -13.16 -24.00
CA VAL E 77 -26.13 -12.25 -24.70
C VAL E 77 -25.96 -12.50 -26.18
N VAL E 78 -27.07 -12.49 -26.92
CA VAL E 78 -27.05 -12.80 -28.33
C VAL E 78 -27.83 -11.73 -29.09
N LEU E 79 -27.26 -11.26 -30.19
CA LEU E 79 -27.85 -10.26 -31.06
C LEU E 79 -27.87 -10.79 -32.48
N ARG E 80 -28.79 -10.26 -33.29
CA ARG E 80 -28.83 -10.60 -34.70
C ARG E 80 -28.51 -9.37 -35.55
N VAL E 81 -27.70 -9.58 -36.58
CA VAL E 81 -27.36 -8.53 -37.55
C VAL E 81 -27.65 -9.09 -38.94
N ASP E 82 -28.84 -8.80 -39.45
CA ASP E 82 -29.22 -9.33 -40.76
C ASP E 82 -28.27 -8.93 -41.88
N PRO E 83 -27.75 -7.70 -41.96
CA PRO E 83 -26.71 -7.41 -42.97
C PRO E 83 -25.33 -7.81 -42.47
N ALA E 84 -25.15 -9.10 -42.20
CA ALA E 84 -23.90 -9.59 -41.67
C ALA E 84 -22.75 -9.36 -42.65
N ALA E 85 -21.57 -9.07 -42.11
CA ALA E 85 -20.38 -8.84 -42.90
C ALA E 85 -19.17 -8.95 -41.98
N PRO E 86 -17.98 -9.16 -42.55
CA PRO E 86 -16.76 -9.10 -41.72
C PRO E 86 -16.30 -7.69 -41.41
N ALA E 87 -16.98 -6.66 -41.93
CA ALA E 87 -16.59 -5.29 -41.64
C ALA E 87 -16.72 -4.96 -40.16
N GLN E 88 -17.69 -5.56 -39.48
CA GLN E 88 -17.84 -5.39 -38.04
C GLN E 88 -16.94 -6.32 -37.25
N LEU E 89 -15.96 -6.95 -37.90
CA LEU E 89 -15.04 -7.83 -37.20
C LEU E 89 -14.30 -7.16 -36.05
N PRO E 90 -13.68 -5.98 -36.23
CA PRO E 90 -12.93 -5.40 -35.10
C PRO E 90 -13.83 -4.97 -33.96
N VAL E 91 -14.88 -4.20 -34.27
CA VAL E 91 -15.71 -3.59 -33.23
C VAL E 91 -16.30 -4.63 -32.29
N VAL E 92 -16.40 -5.88 -32.70
CA VAL E 92 -16.88 -6.92 -31.79
C VAL E 92 -15.73 -7.56 -31.02
N VAL E 93 -14.61 -7.85 -31.68
CA VAL E 93 -13.51 -8.48 -30.96
C VAL E 93 -12.95 -7.53 -29.90
N GLY E 94 -13.04 -6.22 -30.13
CA GLY E 94 -12.65 -5.28 -29.10
C GLY E 94 -13.35 -5.51 -27.79
N TYR E 95 -14.54 -6.11 -27.82
CA TYR E 95 -15.24 -6.37 -26.57
C TYR E 95 -14.69 -7.56 -25.82
N LEU E 96 -13.56 -8.18 -26.15
CA LEU E 96 -12.97 -9.16 -25.24
C LEU E 96 -12.66 -8.54 -23.89
N ASP E 97 -12.23 -7.27 -23.88
CA ASP E 97 -11.91 -6.60 -22.62
C ASP E 97 -12.00 -5.10 -22.84
N ARG E 98 -12.99 -4.47 -22.22
CA ARG E 98 -13.12 -3.01 -22.18
C ARG E 98 -14.24 -2.66 -21.23
N TYR E 99 -14.28 -1.38 -20.84
CA TYR E 99 -15.23 -0.88 -19.85
C TYR E 99 -15.18 -1.69 -18.56
N GLY E 100 -14.03 -2.29 -18.29
CA GLY E 100 -13.84 -3.07 -17.08
C GLY E 100 -14.82 -4.20 -16.92
N ILE E 101 -15.08 -4.93 -18.00
CA ILE E 101 -15.99 -6.07 -17.94
C ILE E 101 -15.40 -7.35 -18.50
N THR E 102 -14.33 -7.29 -19.31
CA THR E 102 -13.60 -8.44 -19.82
C THR E 102 -14.48 -9.61 -20.25
N CYS E 103 -15.34 -9.37 -21.24
CA CYS E 103 -16.16 -10.45 -21.80
C CYS E 103 -15.30 -11.65 -22.14
N ASP E 104 -15.72 -12.82 -21.65
CA ASP E 104 -14.83 -13.98 -21.67
C ASP E 104 -14.63 -14.53 -23.08
N LYS E 105 -15.66 -14.46 -23.92
CA LYS E 105 -15.45 -14.79 -25.32
C LYS E 105 -16.57 -14.20 -26.15
N VAL E 106 -16.23 -13.87 -27.39
CA VAL E 106 -17.19 -13.43 -28.39
C VAL E 106 -17.31 -14.54 -29.42
N ARG E 107 -18.47 -14.58 -30.07
CA ARG E 107 -18.75 -15.67 -31.02
C ARG E 107 -19.65 -15.15 -32.13
N ILE E 108 -19.17 -15.27 -33.36
CA ILE E 108 -19.98 -14.97 -34.53
C ILE E 108 -20.57 -16.28 -35.03
N THR E 109 -21.85 -16.27 -35.35
CA THR E 109 -22.54 -17.48 -35.79
C THR E 109 -23.29 -17.20 -37.08
N HIS E 110 -23.15 -18.08 -38.07
CA HIS E 110 -23.84 -17.99 -39.34
C HIS E 110 -24.61 -19.28 -39.59
N ARG E 111 -25.82 -19.14 -40.11
CA ARG E 111 -26.67 -20.26 -40.49
C ARG E 111 -27.12 -20.09 -41.93
N ASP E 112 -27.55 -21.19 -42.55
CA ASP E 112 -27.99 -21.19 -43.93
C ASP E 112 -29.29 -21.99 -44.07
N ALA E 113 -30.27 -21.67 -43.22
CA ALA E 113 -31.58 -22.31 -43.31
C ALA E 113 -32.28 -21.78 -44.56
N GLY E 114 -31.85 -22.32 -45.71
CA GLY E 114 -32.28 -21.81 -47.00
C GLY E 114 -31.19 -20.97 -47.64
N GLY E 115 -31.47 -19.69 -47.83
CA GLY E 115 -30.46 -18.76 -48.33
C GLY E 115 -30.37 -17.54 -47.45
N THR E 116 -31.13 -17.52 -46.37
CA THR E 116 -31.18 -16.40 -45.43
C THR E 116 -30.10 -16.58 -44.38
N ARG E 117 -28.94 -16.00 -44.62
CA ARG E 117 -27.79 -16.17 -43.72
C ARG E 117 -28.03 -15.37 -42.45
N ARG E 118 -28.97 -15.85 -41.65
CA ARG E 118 -29.21 -15.28 -40.33
C ARG E 118 -27.98 -15.46 -39.46
N SER E 119 -27.37 -14.36 -39.04
CA SER E 119 -26.16 -14.41 -38.24
C SER E 119 -26.44 -13.86 -36.85
N TRP E 120 -25.47 -14.04 -35.97
CA TRP E 120 -25.64 -13.65 -34.57
C TRP E 120 -24.29 -13.32 -33.96
N ILE E 121 -24.29 -12.34 -33.08
CA ILE E 121 -23.18 -12.03 -32.19
C ILE E 121 -23.51 -12.60 -30.83
N SER E 122 -22.52 -13.19 -30.16
CA SER E 122 -22.71 -13.83 -28.86
C SER E 122 -21.59 -13.38 -27.93
N LEU E 123 -21.96 -12.64 -26.89
CA LEU E 123 -21.03 -12.22 -25.85
C LEU E 123 -21.21 -13.11 -24.64
N THR E 124 -20.10 -13.47 -23.99
CA THR E 124 -20.16 -14.24 -22.75
C THR E 124 -19.45 -13.49 -21.63
N VAL E 125 -19.99 -13.61 -20.42
CA VAL E 125 -19.43 -12.97 -19.25
C VAL E 125 -19.47 -13.95 -18.08
N ASP E 126 -18.31 -14.18 -17.47
CA ASP E 126 -18.24 -15.01 -16.27
C ASP E 126 -18.59 -14.17 -15.05
N ALA E 127 -18.34 -14.70 -13.87
CA ALA E 127 -18.51 -13.93 -12.65
C ALA E 127 -17.35 -14.09 -11.69
N VAL E 128 -16.27 -14.76 -12.07
CA VAL E 128 -15.12 -14.96 -11.19
C VAL E 128 -13.90 -14.32 -11.81
N ASP E 129 -13.86 -14.23 -13.14
CA ASP E 129 -12.75 -13.54 -13.80
C ASP E 129 -12.88 -12.03 -13.65
N ASN E 130 -14.09 -11.54 -13.41
CA ASN E 130 -14.33 -10.12 -13.20
C ASN E 130 -15.30 -9.94 -12.03
N LEU E 131 -15.06 -10.70 -10.96
CA LEU E 131 -15.92 -10.63 -9.79
C LEU E 131 -15.90 -9.23 -9.18
N ALA E 132 -14.78 -8.52 -9.31
CA ALA E 132 -14.66 -7.20 -8.70
C ALA E 132 -15.67 -6.22 -9.27
N ALA E 133 -15.66 -6.05 -10.60
CA ALA E 133 -16.56 -5.09 -11.23
C ALA E 133 -18.02 -5.44 -10.96
N LEU E 134 -18.38 -6.71 -11.10
CA LEU E 134 -19.74 -7.14 -10.80
C LEU E 134 -20.12 -6.80 -9.36
N GLN E 135 -19.27 -7.21 -8.41
CA GLN E 135 -19.54 -6.92 -7.00
C GLN E 135 -19.69 -5.44 -6.74
N ALA E 136 -19.00 -4.61 -7.52
CA ALA E 136 -19.13 -3.16 -7.38
C ALA E 136 -20.50 -2.65 -7.78
N ARG E 137 -21.29 -3.44 -8.51
CA ARG E 137 -22.59 -2.97 -8.98
C ARG E 137 -23.60 -2.94 -7.84
N SER E 138 -23.88 -4.09 -7.23
CA SER E 138 -24.97 -4.17 -6.26
C SER E 138 -24.64 -5.03 -5.04
N ALA E 139 -23.41 -5.51 -4.89
CA ALA E 139 -22.99 -6.34 -3.76
C ALA E 139 -23.66 -7.71 -3.81
N ARG E 140 -24.56 -7.89 -4.77
CA ARG E 140 -25.08 -9.21 -5.14
C ARG E 140 -25.13 -9.25 -6.67
N ILE E 141 -24.30 -10.12 -7.24
CA ILE E 141 -23.88 -10.06 -8.63
C ILE E 141 -25.06 -9.89 -9.58
N PRO E 142 -25.24 -8.71 -10.18
CA PRO E 142 -26.23 -8.52 -11.25
C PRO E 142 -25.70 -9.00 -12.60
N LEU E 143 -25.22 -10.25 -12.62
CA LEU E 143 -24.59 -10.79 -13.82
C LEU E 143 -25.48 -10.65 -15.05
N GLN E 144 -26.74 -11.06 -14.92
CA GLN E 144 -27.68 -10.93 -16.03
C GLN E 144 -27.84 -9.47 -16.44
N ASP E 145 -27.98 -8.59 -15.45
CA ASP E 145 -28.17 -7.17 -15.74
C ASP E 145 -26.98 -6.59 -16.48
N THR E 146 -25.76 -6.83 -15.98
CA THR E 146 -24.58 -6.26 -16.62
C THR E 146 -24.32 -6.86 -17.98
N THR E 147 -24.60 -8.16 -18.17
CA THR E 147 -24.51 -8.74 -19.50
C THR E 147 -25.49 -8.06 -20.46
N GLU E 148 -26.72 -7.82 -20.00
CA GLU E 148 -27.68 -7.13 -20.84
C GLU E 148 -27.21 -5.72 -21.17
N VAL E 149 -26.57 -5.05 -20.20
CA VAL E 149 -26.10 -3.69 -20.44
C VAL E 149 -24.97 -3.68 -21.47
N VAL E 150 -24.01 -4.60 -21.35
CA VAL E 150 -22.93 -4.63 -22.34
C VAL E 150 -23.48 -5.04 -23.70
N GLY E 151 -24.52 -5.88 -23.71
CA GLY E 151 -25.16 -6.20 -24.97
C GLY E 151 -25.78 -4.97 -25.61
N ARG E 152 -26.49 -4.18 -24.82
CA ARG E 152 -27.07 -2.93 -25.34
C ARG E 152 -25.98 -2.00 -25.86
N ARG E 153 -24.85 -1.91 -25.15
CA ARG E 153 -23.78 -1.02 -25.58
C ARG E 153 -23.20 -1.48 -26.92
N LEU E 154 -22.95 -2.79 -27.06
CA LEU E 154 -22.47 -3.31 -28.33
C LEU E 154 -23.49 -3.08 -29.43
N ALA E 155 -24.77 -3.27 -29.12
CA ALA E 155 -25.83 -3.07 -30.10
C ALA E 155 -25.84 -1.63 -30.59
N ASP E 156 -25.74 -0.68 -29.66
CA ASP E 156 -25.77 0.72 -30.05
C ASP E 156 -24.53 1.10 -30.85
N HIS E 157 -23.35 0.62 -30.42
CA HIS E 157 -22.14 0.90 -31.18
C HIS E 157 -22.22 0.35 -32.59
N LEU E 158 -22.75 -0.86 -32.74
CA LEU E 158 -22.89 -1.47 -34.06
C LEU E 158 -23.90 -0.72 -34.91
N ARG E 159 -25.06 -0.40 -34.33
CA ARG E 159 -26.10 0.33 -35.06
C ARG E 159 -25.57 1.66 -35.58
N GLU E 160 -24.97 2.46 -34.68
CA GLU E 160 -24.38 3.73 -35.09
C GLU E 160 -23.24 3.52 -36.09
N GLN E 161 -22.55 2.38 -36.02
CA GLN E 161 -21.46 2.12 -36.94
C GLN E 161 -21.96 2.04 -38.39
N GLY E 162 -23.19 1.59 -38.59
CA GLY E 162 -23.74 1.54 -39.93
C GLY E 162 -24.61 0.36 -40.24
N TRP E 163 -24.73 -0.60 -39.32
CA TRP E 163 -25.58 -1.76 -39.52
C TRP E 163 -26.86 -1.62 -38.70
N THR E 164 -27.69 -2.65 -38.76
CA THR E 164 -28.88 -2.74 -37.92
C THR E 164 -28.80 -4.03 -37.11
N VAL E 165 -29.13 -3.92 -35.82
CA VAL E 165 -29.00 -5.04 -34.89
C VAL E 165 -30.18 -5.00 -33.94
N THR E 166 -30.69 -6.18 -33.60
CA THR E 166 -31.80 -6.33 -32.66
C THR E 166 -31.39 -7.29 -31.57
N VAL E 167 -31.48 -6.85 -30.31
CA VAL E 167 -31.17 -7.72 -29.19
C VAL E 167 -32.27 -8.77 -29.05
N VAL E 168 -31.94 -10.01 -29.37
CA VAL E 168 -32.91 -11.09 -29.36
C VAL E 168 -32.97 -11.69 -27.96
N GLU E 169 -34.04 -12.44 -27.71
CA GLU E 169 -34.20 -13.19 -26.46
C GLU E 169 -34.76 -14.55 -26.83
N GLY E 170 -33.88 -15.55 -26.88
CA GLY E 170 -34.26 -16.86 -27.35
C GLY E 170 -33.99 -17.02 -28.83
N VAL E 171 -33.08 -17.92 -29.18
CA VAL E 171 -32.67 -18.13 -30.56
C VAL E 171 -32.99 -19.58 -30.92
N ASP E 172 -32.89 -19.89 -32.21
CA ASP E 172 -33.12 -21.25 -32.68
C ASP E 172 -32.01 -22.16 -32.14
N THR E 173 -32.12 -23.45 -32.40
CA THR E 173 -31.23 -24.43 -31.81
C THR E 173 -30.50 -25.21 -32.90
N PRO E 174 -29.15 -25.19 -32.92
CA PRO E 174 -28.41 -26.00 -33.89
C PRO E 174 -28.37 -27.50 -33.57
N LEU E 175 -29.07 -27.96 -32.54
CA LEU E 175 -29.15 -29.38 -32.25
C LEU E 175 -30.60 -29.83 -32.22
N PRO E 176 -30.92 -30.95 -32.85
CA PRO E 176 -32.30 -31.48 -32.80
C PRO E 176 -32.55 -32.19 -31.49
N VAL E 177 -33.58 -31.76 -30.76
CA VAL E 177 -33.89 -32.36 -29.47
C VAL E 177 -35.22 -33.11 -29.54
N VAL E 193 -26.27 -32.68 -37.80
CA VAL E 193 -26.09 -33.58 -36.66
C VAL E 193 -24.61 -33.97 -36.56
N ALA E 194 -23.83 -33.56 -37.54
CA ALA E 194 -22.40 -33.87 -37.59
C ALA E 194 -21.61 -32.58 -37.45
N ALA E 195 -20.80 -32.50 -36.40
CA ALA E 195 -19.98 -31.31 -36.14
C ALA E 195 -18.57 -31.50 -36.69
N TYR E 196 -17.89 -30.37 -36.91
CA TYR E 196 -16.58 -30.39 -37.53
C TYR E 196 -15.81 -29.14 -37.10
N ARG E 197 -14.50 -29.17 -37.33
CA ARG E 197 -13.59 -28.10 -36.94
C ARG E 197 -12.47 -28.03 -37.95
N VAL E 198 -12.00 -26.82 -38.21
CA VAL E 198 -11.01 -26.58 -39.26
C VAL E 198 -9.88 -25.73 -38.68
N LYS E 199 -8.78 -25.62 -39.42
CA LYS E 199 -7.62 -24.82 -39.02
C LYS E 199 -7.47 -23.65 -39.99
N VAL E 200 -6.37 -22.92 -39.84
CA VAL E 200 -6.05 -21.80 -40.72
C VAL E 200 -5.96 -22.27 -42.17
N ASP E 205 -10.45 -19.55 -44.58
CA ASP E 205 -11.30 -18.58 -45.25
C ASP E 205 -12.16 -19.23 -46.33
N GLU E 206 -11.50 -19.88 -47.29
CA GLU E 206 -12.24 -20.59 -48.34
C GLU E 206 -13.10 -21.70 -47.74
N VAL E 207 -12.56 -22.41 -46.74
CA VAL E 207 -13.36 -23.42 -46.05
C VAL E 207 -14.59 -22.79 -45.43
N LEU E 208 -14.43 -21.59 -44.85
CA LEU E 208 -15.56 -20.91 -44.21
C LEU E 208 -16.69 -20.69 -45.21
N ALA E 209 -16.35 -20.39 -46.47
CA ALA E 209 -17.37 -20.29 -47.50
C ALA E 209 -17.81 -21.64 -48.04
N GLU E 210 -17.02 -22.70 -47.80
CA GLU E 210 -17.39 -24.01 -48.28
C GLU E 210 -18.39 -24.70 -47.37
N ILE E 211 -18.31 -24.46 -46.06
CA ILE E 211 -19.22 -25.09 -45.11
C ILE E 211 -20.65 -24.60 -45.33
N PRO E 215 -24.35 -28.53 -50.08
CA PRO E 215 -23.90 -29.84 -49.61
C PRO E 215 -24.82 -30.42 -48.55
N ALA E 216 -25.59 -29.57 -47.90
CA ALA E 216 -26.49 -29.97 -46.83
C ALA E 216 -27.68 -29.04 -46.84
N GLU E 217 -28.46 -29.06 -45.76
CA GLU E 217 -29.65 -28.21 -45.67
C GLU E 217 -29.49 -27.08 -44.66
N GLU E 218 -28.87 -27.35 -43.52
CA GLU E 218 -28.67 -26.33 -42.49
C GLU E 218 -27.23 -26.44 -41.99
N THR E 219 -26.38 -25.53 -42.46
CA THR E 219 -24.96 -25.53 -42.11
C THR E 219 -24.65 -24.39 -41.15
N TRP E 220 -24.32 -24.73 -39.91
CA TRP E 220 -23.89 -23.76 -38.91
C TRP E 220 -22.39 -23.56 -39.02
N THR E 221 -21.94 -22.32 -38.87
CA THR E 221 -20.51 -22.03 -38.81
C THR E 221 -20.30 -20.90 -37.80
N ALA E 222 -19.48 -21.15 -36.78
CA ALA E 222 -19.32 -20.22 -35.68
C ALA E 222 -17.84 -20.04 -35.37
N LEU E 223 -17.41 -18.79 -35.38
CA LEU E 223 -16.07 -18.41 -34.92
C LEU E 223 -16.17 -17.91 -33.48
N GLU E 224 -15.12 -18.19 -32.71
CA GLU E 224 -15.05 -17.76 -31.31
C GLU E 224 -13.69 -17.14 -31.07
N PHE E 225 -13.69 -15.92 -30.54
CA PHE E 225 -12.48 -15.27 -30.07
C PHE E 225 -12.50 -15.25 -28.54
N THR E 226 -11.38 -15.66 -27.95
CA THR E 226 -11.23 -15.67 -26.50
C THR E 226 -9.92 -15.00 -26.13
N GLY E 227 -9.75 -14.75 -24.83
CA GLY E 227 -8.49 -14.20 -24.34
C GLY E 227 -8.43 -12.70 -24.29
N SER E 228 -7.44 -12.13 -24.98
CA SER E 228 -7.14 -10.70 -24.90
C SER E 228 -7.65 -9.97 -26.13
N PRO E 229 -8.17 -8.75 -25.99
CA PRO E 229 -8.67 -8.05 -27.18
C PRO E 229 -7.57 -7.64 -28.15
N ALA E 230 -6.39 -7.28 -27.64
CA ALA E 230 -5.29 -6.92 -28.52
C ALA E 230 -4.87 -8.10 -29.38
N GLU E 231 -4.48 -9.20 -28.75
CA GLU E 231 -4.11 -10.43 -29.45
C GLU E 231 -4.98 -11.55 -28.95
N PRO E 232 -6.07 -11.87 -29.65
CA PRO E 232 -6.99 -12.91 -29.16
C PRO E 232 -6.59 -14.30 -29.60
N LEU E 233 -7.40 -15.29 -29.22
CA LEU E 233 -7.25 -16.66 -29.67
C LEU E 233 -8.52 -17.02 -30.45
N LEU E 234 -8.34 -17.43 -31.70
CA LEU E 234 -9.43 -17.71 -32.62
C LEU E 234 -9.66 -19.22 -32.73
N THR E 235 -10.92 -19.60 -32.82
CA THR E 235 -11.30 -21.00 -33.02
C THR E 235 -12.59 -21.05 -33.82
N VAL E 236 -12.89 -22.21 -34.38
CA VAL E 236 -13.97 -22.37 -35.35
C VAL E 236 -14.65 -23.71 -35.13
N CYS E 237 -15.98 -23.72 -35.09
CA CYS E 237 -16.76 -24.95 -35.08
C CYS E 237 -17.92 -24.82 -36.05
N ALA E 238 -18.15 -25.87 -36.83
CA ALA E 238 -19.23 -25.87 -37.80
C ALA E 238 -20.03 -27.17 -37.65
N ALA E 239 -21.14 -27.25 -38.37
CA ALA E 239 -22.01 -28.41 -38.25
C ALA E 239 -22.90 -28.51 -39.48
N VAL E 240 -23.13 -29.74 -39.91
CA VAL E 240 -24.03 -30.05 -41.02
C VAL E 240 -25.04 -31.09 -40.55
N ARG E 241 -26.05 -31.32 -41.37
CA ARG E 241 -27.12 -32.25 -41.04
C ARG E 241 -27.00 -33.54 -41.84
N PRO E 251 -16.66 -33.50 -43.56
CA PRO E 251 -15.29 -33.53 -44.07
C PRO E 251 -15.21 -33.13 -45.54
N LEU E 252 -14.81 -31.88 -45.80
CA LEU E 252 -14.79 -31.37 -47.17
C LEU E 252 -13.37 -31.14 -47.67
N ALA E 253 -12.60 -30.29 -47.00
CA ALA E 253 -11.22 -30.06 -47.43
C ALA E 253 -10.21 -30.20 -46.30
N GLY E 254 -10.54 -29.72 -45.10
CA GLY E 254 -9.63 -29.81 -43.98
C GLY E 254 -10.35 -30.01 -42.66
N LEU E 255 -11.59 -30.48 -42.74
CA LEU E 255 -12.43 -30.61 -41.56
C LEU E 255 -11.92 -31.73 -40.66
N THR E 256 -12.59 -31.93 -39.54
CA THR E 256 -12.25 -32.99 -38.61
C THR E 256 -13.52 -33.59 -38.03
N PRO E 257 -13.72 -34.90 -38.16
CA PRO E 257 -14.93 -35.51 -37.59
C PRO E 257 -15.01 -35.30 -36.09
N ALA E 258 -16.23 -35.12 -35.60
CA ALA E 258 -16.48 -34.88 -34.19
C ALA E 258 -16.83 -36.21 -33.53
N ARG E 259 -15.83 -37.05 -33.34
CA ARG E 259 -16.03 -38.34 -32.69
C ARG E 259 -16.18 -38.11 -31.19
N GLY E 260 -17.32 -38.51 -30.65
CA GLY E 260 -17.60 -38.33 -29.23
C GLY E 260 -17.73 -36.86 -28.85
N ARG E 263 -24.80 -35.16 -29.78
CA ARG E 263 -23.45 -34.71 -29.48
C ARG E 263 -23.48 -33.48 -28.58
N PRO E 264 -22.88 -33.59 -27.39
CA PRO E 264 -22.86 -32.45 -26.47
C PRO E 264 -22.08 -31.25 -27.00
N ALA E 265 -21.09 -31.47 -27.87
CA ALA E 265 -20.38 -30.34 -28.45
C ALA E 265 -21.29 -29.49 -29.32
N LEU E 266 -22.14 -30.12 -30.13
CA LEU E 266 -23.11 -29.37 -30.92
C LEU E 266 -24.08 -28.62 -30.02
N ALA E 267 -24.49 -29.24 -28.91
CA ALA E 267 -25.30 -28.53 -27.92
C ALA E 267 -24.59 -27.29 -27.41
N ALA E 268 -23.29 -27.41 -27.12
CA ALA E 268 -22.51 -26.25 -26.72
C ALA E 268 -22.44 -25.20 -27.83
N LEU E 269 -22.52 -25.64 -29.09
CA LEU E 269 -22.44 -24.71 -30.21
C LEU E 269 -23.67 -23.82 -30.31
N ASN E 270 -24.69 -24.03 -29.47
CA ASN E 270 -25.82 -23.12 -29.36
C ASN E 270 -25.28 -21.73 -29.06
N PRO E 271 -25.51 -20.75 -29.93
CA PRO E 271 -24.99 -19.39 -29.67
C PRO E 271 -25.40 -18.84 -28.32
N LEU E 272 -26.56 -19.24 -27.80
CA LEU E 272 -26.99 -18.82 -26.48
C LEU E 272 -26.30 -19.59 -25.36
N SER E 273 -25.67 -20.72 -25.66
CA SER E 273 -25.12 -21.58 -24.61
C SER E 273 -23.89 -20.94 -23.96
N THR E 274 -23.64 -21.33 -22.72
CA THR E 274 -22.53 -20.82 -21.93
C THR E 274 -21.38 -21.83 -21.95
N GLU E 275 -20.65 -21.85 -23.07
CA GLU E 275 -19.58 -22.80 -23.25
C GLU E 275 -18.47 -22.16 -24.07
N ARG E 276 -17.49 -22.98 -24.47
CA ARG E 276 -16.31 -22.48 -25.16
C ARG E 276 -15.95 -23.32 -26.39
N LEU E 277 -16.83 -24.22 -26.83
CA LEU E 277 -16.60 -25.06 -28.01
C LEU E 277 -15.23 -25.74 -27.91
N ASP E 278 -15.12 -26.68 -26.97
CA ASP E 278 -13.90 -27.26 -26.44
C ASP E 278 -12.79 -27.54 -27.44
N GLY E 279 -13.15 -27.77 -28.71
CA GLY E 279 -12.27 -28.33 -29.71
C GLY E 279 -10.80 -27.94 -29.69
N THR E 280 -10.48 -26.65 -29.77
CA THR E 280 -9.07 -26.26 -29.83
C THR E 280 -8.94 -24.80 -29.40
N ALA E 281 -7.75 -24.23 -29.64
CA ALA E 281 -7.44 -22.82 -29.44
C ALA E 281 -6.13 -22.54 -30.15
N VAL E 282 -6.08 -21.44 -30.89
CA VAL E 282 -4.93 -21.15 -31.75
C VAL E 282 -4.95 -19.68 -32.17
N PRO E 283 -3.80 -19.01 -32.25
CA PRO E 283 -3.77 -17.65 -32.78
C PRO E 283 -4.06 -17.61 -34.26
N LEU E 284 -4.04 -16.42 -34.86
CA LEU E 284 -4.40 -16.25 -36.25
C LEU E 284 -3.36 -15.39 -36.97
N PRO E 285 -3.19 -15.59 -38.27
CA PRO E 285 -2.34 -14.68 -39.06
C PRO E 285 -3.14 -13.51 -39.61
N ALA E 286 -2.49 -12.65 -40.37
CA ALA E 286 -3.16 -11.51 -40.99
C ALA E 286 -3.96 -11.94 -42.21
#